data_2YQI
#
_entry.id   2YQI
#
_entity_poly.entity_id   1
_entity_poly.type   'polypeptide(L)'
_entity_poly.pdbx_seq_one_letter_code
;GSSGSSGNAPKRPPSGFFLFCSEFRPKIKSTNPGISIGDVAKKLGEMWNNLNDSEKQPYITKAAKLKEKYEKDVADYKSK
G
;
_entity_poly.pdbx_strand_id   A
#
# COMPACT_ATOMS: atom_id res chain seq x y z
N GLY A 1 9.73 -1.98 -13.72
CA GLY A 1 9.32 -3.23 -13.12
C GLY A 1 8.32 -3.04 -12.01
N SER A 2 7.84 -4.15 -11.43
CA SER A 2 6.87 -4.09 -10.36
C SER A 2 7.35 -4.89 -9.14
N SER A 3 6.99 -4.42 -7.95
CA SER A 3 7.39 -5.08 -6.71
C SER A 3 6.23 -5.87 -6.12
N GLY A 4 6.22 -7.18 -6.36
CA GLY A 4 5.15 -8.01 -5.85
C GLY A 4 5.65 -8.98 -4.79
N SER A 5 5.15 -10.22 -4.86
CA SER A 5 5.54 -11.25 -3.90
C SER A 5 5.08 -12.63 -4.36
N SER A 6 5.87 -13.65 -4.04
CA SER A 6 5.53 -15.02 -4.42
C SER A 6 4.51 -15.62 -3.47
N GLY A 7 4.15 -16.87 -3.70
CA GLY A 7 3.19 -17.55 -2.85
C GLY A 7 3.72 -17.81 -1.46
N ASN A 8 4.72 -18.68 -1.38
CA ASN A 8 5.32 -19.03 -0.09
C ASN A 8 5.74 -17.77 0.67
N ALA A 9 6.75 -17.07 0.15
CA ALA A 9 7.24 -15.86 0.77
C ALA A 9 6.11 -14.88 1.05
N PRO A 10 6.21 -14.15 2.18
CA PRO A 10 5.20 -13.18 2.57
C PRO A 10 5.19 -11.95 1.67
N LYS A 11 4.04 -11.28 1.59
CA LYS A 11 3.90 -10.10 0.76
C LYS A 11 4.59 -8.90 1.40
N ARG A 12 5.17 -8.04 0.58
CA ARG A 12 5.86 -6.85 1.07
C ARG A 12 4.87 -5.85 1.65
N PRO A 13 5.28 -5.16 2.72
CA PRO A 13 4.45 -4.16 3.39
C PRO A 13 4.24 -2.91 2.55
N PRO A 14 3.08 -2.25 2.70
CA PRO A 14 2.74 -1.04 1.96
C PRO A 14 3.58 0.16 2.39
N SER A 15 3.57 1.20 1.58
CA SER A 15 4.34 2.41 1.88
C SER A 15 3.39 3.58 2.17
N GLY A 16 3.83 4.47 3.07
CA GLY A 16 3.02 5.62 3.42
C GLY A 16 2.25 6.18 2.23
N PHE A 17 2.84 6.05 1.04
CA PHE A 17 2.21 6.54 -0.17
C PHE A 17 1.03 5.67 -0.58
N PHE A 18 1.23 4.36 -0.50
CA PHE A 18 0.18 3.40 -0.86
C PHE A 18 -0.98 3.46 0.13
N LEU A 19 -0.67 3.21 1.40
CA LEU A 19 -1.68 3.24 2.44
C LEU A 19 -2.69 4.36 2.21
N PHE A 20 -2.18 5.50 1.76
CA PHE A 20 -3.04 6.66 1.49
C PHE A 20 -3.81 6.47 0.18
N CYS A 21 -3.14 5.89 -0.81
CA CYS A 21 -3.77 5.66 -2.11
C CYS A 21 -4.92 4.68 -1.99
N SER A 22 -4.74 3.66 -1.15
CA SER A 22 -5.76 2.64 -0.95
C SER A 22 -6.92 3.19 -0.12
N GLU A 23 -6.62 4.18 0.71
CA GLU A 23 -7.64 4.79 1.56
C GLU A 23 -8.40 5.88 0.81
N PHE A 24 -7.76 6.43 -0.22
CA PHE A 24 -8.37 7.49 -1.02
C PHE A 24 -8.98 6.90 -2.29
N ARG A 25 -8.64 5.66 -2.60
CA ARG A 25 -9.16 4.99 -3.78
C ARG A 25 -10.68 4.94 -3.75
N PRO A 26 -11.25 4.57 -2.59
CA PRO A 26 -12.70 4.48 -2.42
C PRO A 26 -13.42 5.72 -2.93
N LYS A 27 -12.96 6.90 -2.53
CA LYS A 27 -13.56 8.15 -2.96
C LYS A 27 -13.51 8.29 -4.48
N ILE A 28 -12.30 8.23 -5.03
CA ILE A 28 -12.11 8.36 -6.47
C ILE A 28 -13.04 7.43 -7.23
N LYS A 29 -13.16 6.20 -6.76
CA LYS A 29 -14.02 5.22 -7.39
C LYS A 29 -15.49 5.54 -7.13
N SER A 30 -15.75 6.35 -6.10
CA SER A 30 -17.11 6.73 -5.74
C SER A 30 -17.45 8.09 -6.34
N THR A 31 -16.44 8.81 -6.80
CA THR A 31 -16.65 10.13 -7.40
C THR A 31 -16.68 10.04 -8.91
N ASN A 32 -15.79 9.25 -9.48
CA ASN A 32 -15.72 9.08 -10.94
C ASN A 32 -16.47 7.82 -11.37
N PRO A 33 -17.29 7.96 -12.43
CA PRO A 33 -18.07 6.85 -12.97
C PRO A 33 -17.20 5.80 -13.65
N GLY A 34 -17.07 4.64 -13.03
CA GLY A 34 -16.26 3.58 -13.59
C GLY A 34 -14.90 4.07 -14.07
N ILE A 35 -14.13 4.64 -13.16
CA ILE A 35 -12.81 5.15 -13.51
C ILE A 35 -11.82 4.01 -13.77
N SER A 36 -11.08 4.12 -14.87
CA SER A 36 -10.12 3.10 -15.25
C SER A 36 -8.91 3.13 -14.30
N ILE A 37 -8.45 1.95 -13.92
CA ILE A 37 -7.30 1.83 -13.02
C ILE A 37 -6.21 2.84 -13.39
N GLY A 38 -5.98 3.00 -14.69
CA GLY A 38 -4.97 3.93 -15.15
C GLY A 38 -5.25 5.36 -14.70
N ASP A 39 -6.52 5.74 -14.70
CA ASP A 39 -6.92 7.08 -14.29
C ASP A 39 -6.67 7.30 -12.80
N VAL A 40 -7.17 6.38 -11.98
CA VAL A 40 -7.01 6.47 -10.54
C VAL A 40 -5.53 6.58 -10.16
N ALA A 41 -4.68 5.86 -10.90
CA ALA A 41 -3.25 5.89 -10.64
C ALA A 41 -2.68 7.29 -10.84
N LYS A 42 -3.03 7.92 -11.96
CA LYS A 42 -2.55 9.25 -12.27
C LYS A 42 -2.95 10.24 -11.18
N LYS A 43 -4.16 10.08 -10.65
CA LYS A 43 -4.66 10.94 -9.59
C LYS A 43 -3.90 10.73 -8.29
N LEU A 44 -3.92 9.49 -7.80
CA LEU A 44 -3.23 9.15 -6.57
C LEU A 44 -1.81 9.73 -6.55
N GLY A 45 -0.99 9.28 -7.50
CA GLY A 45 0.37 9.76 -7.58
C GLY A 45 0.49 11.26 -7.30
N GLU A 46 -0.43 12.03 -7.88
CA GLU A 46 -0.43 13.48 -7.69
C GLU A 46 -0.86 13.83 -6.27
N MET A 47 -2.01 13.32 -5.85
CA MET A 47 -2.52 13.58 -4.51
C MET A 47 -1.44 13.37 -3.46
N TRP A 48 -0.63 12.34 -3.64
CA TRP A 48 0.45 12.04 -2.71
C TRP A 48 1.42 13.21 -2.60
N ASN A 49 2.01 13.60 -3.72
CA ASN A 49 2.96 14.70 -3.75
C ASN A 49 2.34 15.96 -3.15
N ASN A 50 1.06 16.18 -3.43
CA ASN A 50 0.36 17.35 -2.92
C ASN A 50 0.45 17.41 -1.40
N LEU A 51 0.20 16.30 -0.74
CA LEU A 51 0.26 16.23 0.72
C LEU A 51 1.52 16.91 1.24
N ASN A 52 1.51 17.26 2.52
CA ASN A 52 2.66 17.91 3.14
C ASN A 52 3.42 16.94 4.03
N ASP A 53 4.67 17.27 4.33
CA ASP A 53 5.51 16.42 5.17
C ASP A 53 4.82 16.13 6.50
N SER A 54 3.85 16.97 6.86
CA SER A 54 3.11 16.80 8.11
C SER A 54 1.91 15.88 7.91
N GLU A 55 1.42 15.81 6.67
CA GLU A 55 0.28 14.98 6.35
C GLU A 55 0.70 13.52 6.17
N LYS A 56 1.89 13.32 5.61
CA LYS A 56 2.40 11.98 5.38
C LYS A 56 2.98 11.39 6.66
N GLN A 57 3.31 12.26 7.61
CA GLN A 57 3.87 11.83 8.88
C GLN A 57 3.09 10.64 9.44
N PRO A 58 1.79 10.84 9.65
CA PRO A 58 0.90 9.79 10.18
C PRO A 58 0.68 8.66 9.19
N TYR A 59 1.14 8.86 7.96
CA TYR A 59 0.98 7.86 6.91
C TYR A 59 2.23 6.99 6.80
N ILE A 60 3.37 7.56 7.18
CA ILE A 60 4.64 6.84 7.13
C ILE A 60 4.83 5.98 8.37
N THR A 61 4.43 6.50 9.52
CA THR A 61 4.56 5.77 10.77
C THR A 61 3.77 4.47 10.73
N LYS A 62 2.62 4.49 10.07
CA LYS A 62 1.78 3.31 9.96
C LYS A 62 2.51 2.19 9.21
N ALA A 63 3.29 2.57 8.21
CA ALA A 63 4.04 1.61 7.41
C ALA A 63 5.18 1.00 8.23
N ALA A 64 5.70 1.77 9.18
CA ALA A 64 6.79 1.32 10.02
C ALA A 64 6.39 0.08 10.81
N LYS A 65 5.13 0.03 11.25
CA LYS A 65 4.63 -1.10 12.02
C LYS A 65 4.46 -2.33 11.13
N LEU A 66 4.18 -2.09 9.86
CA LEU A 66 3.99 -3.17 8.90
C LEU A 66 5.33 -3.81 8.53
N LYS A 67 6.40 -3.08 8.74
CA LYS A 67 7.74 -3.57 8.43
C LYS A 67 8.26 -4.47 9.54
N GLU A 68 7.89 -4.15 10.78
CA GLU A 68 8.31 -4.93 11.93
C GLU A 68 7.63 -6.30 11.94
N LYS A 69 6.47 -6.38 11.31
CA LYS A 69 5.71 -7.63 11.23
C LYS A 69 6.13 -8.46 10.02
N TYR A 70 6.66 -7.78 9.01
CA TYR A 70 7.10 -8.45 7.79
C TYR A 70 8.47 -9.10 8.00
N GLU A 71 9.44 -8.31 8.43
CA GLU A 71 10.79 -8.81 8.67
C GLU A 71 10.75 -10.16 9.40
N LYS A 72 9.95 -10.22 10.45
CA LYS A 72 9.81 -11.44 11.24
C LYS A 72 9.41 -12.62 10.35
N ASP A 73 8.41 -12.40 9.51
CA ASP A 73 7.93 -13.44 8.61
C ASP A 73 8.97 -13.75 7.53
N VAL A 74 9.70 -12.72 7.12
CA VAL A 74 10.73 -12.87 6.10
C VAL A 74 11.87 -13.75 6.59
N ALA A 75 12.26 -13.55 7.85
CA ALA A 75 13.34 -14.33 8.45
C ALA A 75 13.00 -15.81 8.48
N ASP A 76 11.96 -16.16 9.22
CA ASP A 76 11.52 -17.55 9.33
C ASP A 76 11.52 -18.23 7.97
N TYR A 77 10.93 -17.56 6.98
CA TYR A 77 10.86 -18.10 5.63
C TYR A 77 12.19 -18.72 5.22
N LYS A 78 13.25 -17.92 5.28
CA LYS A 78 14.58 -18.39 4.91
C LYS A 78 15.21 -19.19 6.05
N SER A 79 16.00 -20.20 5.69
CA SER A 79 16.67 -21.04 6.68
C SER A 79 18.09 -20.57 6.93
N LYS A 80 18.25 -19.60 7.80
CA LYS A 80 19.56 -19.05 8.14
C LYS A 80 20.30 -19.96 9.11
N GLY A 81 19.67 -20.24 10.26
CA GLY A 81 20.28 -21.10 11.24
C GLY A 81 19.27 -21.66 12.22
N GLY A 1 -9.74 -19.96 -15.27
CA GLY A 1 -9.20 -20.81 -14.23
C GLY A 1 -8.27 -20.07 -13.28
N SER A 2 -8.24 -20.49 -12.03
CA SER A 2 -7.39 -19.85 -11.03
C SER A 2 -5.98 -20.42 -11.07
N SER A 3 -5.05 -19.73 -10.42
CA SER A 3 -3.67 -20.16 -10.38
C SER A 3 -3.19 -20.37 -8.94
N GLY A 4 -3.35 -21.59 -8.45
CA GLY A 4 -2.93 -21.91 -7.10
C GLY A 4 -1.50 -21.49 -6.82
N SER A 5 -1.27 -20.94 -5.63
CA SER A 5 0.07 -20.50 -5.24
C SER A 5 0.36 -20.87 -3.78
N SER A 6 1.49 -21.53 -3.58
CA SER A 6 1.89 -21.95 -2.24
C SER A 6 3.39 -22.26 -2.20
N GLY A 7 4.01 -22.01 -1.04
CA GLY A 7 5.42 -22.27 -0.89
C GLY A 7 6.28 -21.07 -1.21
N ASN A 8 5.83 -19.89 -0.77
CA ASN A 8 6.57 -18.65 -1.02
C ASN A 8 6.48 -17.72 0.18
N ALA A 9 7.52 -16.92 0.38
CA ALA A 9 7.57 -15.97 1.49
C ALA A 9 6.48 -14.91 1.36
N PRO A 10 6.27 -14.15 2.43
CA PRO A 10 5.26 -13.07 2.45
C PRO A 10 5.65 -11.89 1.57
N LYS A 11 4.64 -11.19 1.06
CA LYS A 11 4.88 -10.04 0.19
C LYS A 11 5.33 -8.83 1.02
N ARG A 12 6.20 -8.02 0.44
CA ARG A 12 6.70 -6.83 1.11
C ARG A 12 5.56 -5.89 1.51
N PRO A 13 5.70 -5.23 2.66
CA PRO A 13 4.69 -4.30 3.17
C PRO A 13 4.59 -3.03 2.34
N PRO A 14 3.37 -2.49 2.22
CA PRO A 14 3.12 -1.26 1.45
C PRO A 14 3.71 -0.03 2.11
N SER A 15 4.00 0.99 1.31
CA SER A 15 4.58 2.22 1.82
C SER A 15 3.50 3.27 2.05
N GLY A 16 3.85 4.33 2.79
CA GLY A 16 2.90 5.38 3.08
C GLY A 16 2.16 5.86 1.84
N PHE A 17 2.90 6.08 0.77
CA PHE A 17 2.32 6.55 -0.49
C PHE A 17 1.23 5.59 -0.97
N PHE A 18 1.35 4.33 -0.56
CA PHE A 18 0.37 3.31 -0.94
C PHE A 18 -0.83 3.33 0.01
N LEU A 19 -0.55 3.22 1.30
CA LEU A 19 -1.60 3.22 2.31
C LEU A 19 -2.62 4.31 2.04
N PHE A 20 -2.14 5.48 1.63
CA PHE A 20 -3.01 6.61 1.34
C PHE A 20 -3.72 6.42 0.00
N CYS A 21 -3.01 5.85 -0.96
CA CYS A 21 -3.56 5.60 -2.29
C CYS A 21 -4.71 4.58 -2.22
N SER A 22 -4.60 3.65 -1.28
CA SER A 22 -5.61 2.62 -1.11
C SER A 22 -6.71 3.08 -0.17
N GLU A 23 -6.45 4.18 0.54
CA GLU A 23 -7.41 4.73 1.49
C GLU A 23 -8.28 5.79 0.82
N PHE A 24 -7.73 6.44 -0.20
CA PHE A 24 -8.44 7.48 -0.92
C PHE A 24 -9.08 6.93 -2.19
N ARG A 25 -8.63 5.75 -2.60
CA ARG A 25 -9.15 5.10 -3.81
C ARG A 25 -10.67 5.01 -3.76
N PRO A 26 -11.20 4.60 -2.60
CA PRO A 26 -12.65 4.46 -2.40
C PRO A 26 -13.42 5.70 -2.87
N LYS A 27 -13.00 6.86 -2.41
CA LYS A 27 -13.64 8.12 -2.78
C LYS A 27 -13.61 8.31 -4.29
N ILE A 28 -12.41 8.24 -4.86
CA ILE A 28 -12.25 8.41 -6.31
C ILE A 28 -13.19 7.51 -7.08
N LYS A 29 -13.34 6.28 -6.61
CA LYS A 29 -14.22 5.31 -7.26
C LYS A 29 -15.69 5.67 -7.03
N SER A 30 -15.93 6.50 -6.02
CA SER A 30 -17.29 6.93 -5.70
C SER A 30 -17.61 8.27 -6.34
N THR A 31 -16.57 8.97 -6.78
CA THR A 31 -16.73 10.28 -7.40
C THR A 31 -16.73 10.17 -8.92
N ASN A 32 -15.83 9.34 -9.45
CA ASN A 32 -15.71 9.14 -10.89
C ASN A 32 -16.48 7.89 -11.32
N PRO A 33 -17.25 8.02 -12.41
CA PRO A 33 -18.04 6.91 -12.96
C PRO A 33 -17.17 5.83 -13.58
N GLY A 34 -17.25 4.62 -13.04
CA GLY A 34 -16.46 3.52 -13.56
C GLY A 34 -15.10 3.97 -14.07
N ILE A 35 -14.38 4.72 -13.24
CA ILE A 35 -13.06 5.22 -13.61
C ILE A 35 -12.11 4.07 -13.90
N SER A 36 -11.19 4.28 -14.84
CA SER A 36 -10.21 3.26 -15.20
C SER A 36 -9.01 3.28 -14.25
N ILE A 37 -8.37 2.13 -14.10
CA ILE A 37 -7.21 2.03 -13.22
C ILE A 37 -6.20 3.13 -13.52
N GLY A 38 -5.85 3.28 -14.79
CA GLY A 38 -4.89 4.31 -15.17
C GLY A 38 -5.26 5.68 -14.64
N ASP A 39 -6.53 6.04 -14.79
CA ASP A 39 -7.01 7.34 -14.32
C ASP A 39 -6.77 7.49 -12.81
N VAL A 40 -7.37 6.61 -12.03
CA VAL A 40 -7.22 6.65 -10.58
C VAL A 40 -5.76 6.72 -10.18
N ALA A 41 -4.92 5.97 -10.87
CA ALA A 41 -3.49 5.95 -10.59
C ALA A 41 -2.88 7.34 -10.77
N LYS A 42 -3.20 7.99 -11.89
CA LYS A 42 -2.68 9.31 -12.17
C LYS A 42 -3.04 10.29 -11.06
N LYS A 43 -4.31 10.31 -10.69
CA LYS A 43 -4.79 11.20 -9.63
C LYS A 43 -4.06 10.92 -8.32
N LEU A 44 -4.17 9.69 -7.84
CA LEU A 44 -3.52 9.29 -6.60
C LEU A 44 -2.13 9.91 -6.48
N GLY A 45 -1.22 9.48 -7.36
CA GLY A 45 0.13 10.00 -7.34
C GLY A 45 0.18 11.48 -7.03
N GLU A 46 -0.56 12.27 -7.82
CA GLU A 46 -0.60 13.71 -7.63
C GLU A 46 -1.02 14.06 -6.20
N MET A 47 -2.13 13.47 -5.76
CA MET A 47 -2.65 13.72 -4.42
C MET A 47 -1.56 13.50 -3.37
N TRP A 48 -0.71 12.50 -3.60
CA TRP A 48 0.37 12.19 -2.68
C TRP A 48 1.40 13.32 -2.64
N ASN A 49 2.03 13.57 -3.78
CA ASN A 49 3.04 14.63 -3.87
C ASN A 49 2.53 15.92 -3.25
N ASN A 50 1.23 16.18 -3.41
CA ASN A 50 0.62 17.38 -2.86
C ASN A 50 0.69 17.39 -1.34
N LEU A 51 0.38 16.24 -0.74
CA LEU A 51 0.42 16.11 0.72
C LEU A 51 1.66 16.77 1.30
N ASN A 52 1.56 17.20 2.55
CA ASN A 52 2.68 17.84 3.23
C ASN A 52 3.43 16.85 4.11
N ASP A 53 4.66 17.18 4.46
CA ASP A 53 5.49 16.32 5.29
C ASP A 53 4.75 15.94 6.57
N SER A 54 3.76 16.76 6.94
CA SER A 54 2.98 16.51 8.14
C SER A 54 1.80 15.59 7.85
N GLU A 55 1.34 15.61 6.60
CA GLU A 55 0.21 14.78 6.19
C GLU A 55 0.64 13.32 6.01
N LYS A 56 1.87 13.13 5.53
CA LYS A 56 2.40 11.79 5.31
C LYS A 56 2.86 11.17 6.62
N GLN A 57 3.17 12.03 7.60
CA GLN A 57 3.62 11.56 8.90
C GLN A 57 2.81 10.36 9.37
N PRO A 58 1.48 10.54 9.48
CA PRO A 58 0.57 9.48 9.91
C PRO A 58 0.42 8.39 8.87
N TYR A 59 0.91 8.65 7.66
CA TYR A 59 0.83 7.67 6.58
C TYR A 59 2.13 6.86 6.48
N ILE A 60 3.20 7.41 7.02
CA ILE A 60 4.49 6.74 7.00
C ILE A 60 4.70 5.92 8.27
N THR A 61 4.36 6.50 9.41
CA THR A 61 4.52 5.83 10.70
C THR A 61 3.78 4.49 10.71
N LYS A 62 2.66 4.43 10.01
CA LYS A 62 1.87 3.21 9.93
C LYS A 62 2.62 2.12 9.17
N ALA A 63 3.18 2.47 8.02
CA ALA A 63 3.93 1.53 7.21
C ALA A 63 5.09 0.92 8.00
N ALA A 64 5.67 1.73 8.89
CA ALA A 64 6.79 1.27 9.71
C ALA A 64 6.40 0.04 10.52
N LYS A 65 5.18 0.03 11.02
CA LYS A 65 4.68 -1.09 11.82
C LYS A 65 4.57 -2.36 10.97
N LEU A 66 4.26 -2.18 9.69
CA LEU A 66 4.13 -3.31 8.78
C LEU A 66 5.48 -3.93 8.47
N LYS A 67 6.53 -3.10 8.50
CA LYS A 67 7.89 -3.56 8.23
C LYS A 67 8.42 -4.39 9.40
N GLU A 68 8.40 -3.80 10.59
CA GLU A 68 8.88 -4.50 11.79
C GLU A 68 8.21 -5.86 11.93
N LYS A 69 6.96 -5.96 11.51
CA LYS A 69 6.22 -7.21 11.59
C LYS A 69 6.61 -8.15 10.46
N TYR A 70 6.71 -7.60 9.24
CA TYR A 70 7.08 -8.39 8.08
C TYR A 70 8.36 -9.17 8.33
N GLU A 71 9.39 -8.47 8.80
CA GLU A 71 10.68 -9.11 9.07
C GLU A 71 10.50 -10.36 9.92
N LYS A 72 9.66 -10.25 10.96
CA LYS A 72 9.40 -11.37 11.85
C LYS A 72 8.89 -12.59 11.06
N ASP A 73 7.79 -12.40 10.35
CA ASP A 73 7.21 -13.48 9.55
C ASP A 73 8.21 -14.00 8.53
N VAL A 74 8.99 -13.08 7.95
CA VAL A 74 9.99 -13.45 6.96
C VAL A 74 11.02 -14.41 7.54
N ALA A 75 11.63 -14.02 8.65
CA ALA A 75 12.63 -14.86 9.30
C ALA A 75 12.06 -16.22 9.67
N ASP A 76 10.83 -16.22 10.16
CA ASP A 76 10.16 -17.46 10.55
C ASP A 76 9.90 -18.35 9.33
N TYR A 77 9.33 -17.76 8.29
CA TYR A 77 9.03 -18.49 7.08
C TYR A 77 10.29 -19.17 6.52
N LYS A 78 11.45 -18.64 6.88
CA LYS A 78 12.72 -19.18 6.43
C LYS A 78 13.22 -20.25 7.39
N SER A 79 13.06 -20.01 8.68
CA SER A 79 13.50 -20.96 9.70
C SER A 79 12.34 -21.83 10.16
N LYS A 80 11.61 -22.40 9.20
CA LYS A 80 10.47 -23.26 9.51
C LYS A 80 10.92 -24.49 10.32
N GLY A 81 11.90 -25.21 9.78
CA GLY A 81 12.40 -26.40 10.46
C GLY A 81 13.03 -27.38 9.50
N GLY A 1 1.74 -3.41 -18.30
CA GLY A 1 0.79 -4.44 -17.96
C GLY A 1 0.80 -4.77 -16.48
N SER A 2 0.62 -6.05 -16.15
CA SER A 2 0.61 -6.49 -14.76
C SER A 2 1.82 -7.37 -14.45
N SER A 3 2.05 -7.62 -13.18
CA SER A 3 3.17 -8.44 -12.75
C SER A 3 2.69 -9.75 -12.14
N GLY A 4 1.84 -9.65 -11.12
CA GLY A 4 1.32 -10.83 -10.46
C GLY A 4 2.05 -11.17 -9.18
N SER A 5 2.12 -12.46 -8.85
CA SER A 5 2.79 -12.90 -7.64
C SER A 5 3.24 -14.35 -7.77
N SER A 6 4.33 -14.70 -7.09
CA SER A 6 4.85 -16.05 -7.13
C SER A 6 4.04 -16.99 -6.23
N GLY A 7 3.73 -16.51 -5.02
CA GLY A 7 2.96 -17.31 -4.09
C GLY A 7 3.82 -17.90 -2.99
N ASN A 8 3.18 -18.44 -1.96
CA ASN A 8 3.89 -19.04 -0.85
C ASN A 8 5.03 -18.13 -0.37
N ALA A 9 4.82 -16.83 -0.47
CA ALA A 9 5.83 -15.86 -0.06
C ALA A 9 5.17 -14.58 0.45
N PRO A 10 5.78 -13.97 1.48
CA PRO A 10 5.28 -12.74 2.09
C PRO A 10 5.42 -11.54 1.16
N LYS A 11 4.35 -10.75 1.05
CA LYS A 11 4.38 -9.57 0.19
C LYS A 11 4.86 -8.34 0.96
N ARG A 12 5.55 -7.45 0.27
CA ARG A 12 6.07 -6.23 0.89
C ARG A 12 4.94 -5.40 1.48
N PRO A 13 5.22 -4.77 2.64
CA PRO A 13 4.24 -3.94 3.34
C PRO A 13 3.95 -2.64 2.60
N PRO A 14 2.71 -2.14 2.73
CA PRO A 14 2.28 -0.91 2.08
C PRO A 14 2.95 0.33 2.68
N SER A 15 3.49 1.19 1.82
CA SER A 15 4.16 2.40 2.26
C SER A 15 3.16 3.54 2.43
N GLY A 16 3.51 4.49 3.29
CA GLY A 16 2.63 5.63 3.52
C GLY A 16 1.93 6.11 2.26
N PHE A 17 2.67 6.09 1.15
CA PHE A 17 2.12 6.53 -0.12
C PHE A 17 0.98 5.62 -0.57
N PHE A 18 1.14 4.33 -0.35
CA PHE A 18 0.12 3.35 -0.73
C PHE A 18 -1.04 3.38 0.25
N LEU A 19 -0.75 3.25 1.54
CA LEU A 19 -1.77 3.26 2.56
C LEU A 19 -2.77 4.38 2.33
N PHE A 20 -2.26 5.54 1.89
CA PHE A 20 -3.12 6.69 1.63
C PHE A 20 -3.86 6.52 0.30
N CYS A 21 -3.19 5.93 -0.68
CA CYS A 21 -3.78 5.71 -1.99
C CYS A 21 -4.93 4.72 -1.91
N SER A 22 -4.82 3.76 -1.00
CA SER A 22 -5.85 2.74 -0.82
C SER A 22 -7.02 3.30 -0.02
N GLU A 23 -6.74 4.28 0.84
CA GLU A 23 -7.77 4.90 1.66
C GLU A 23 -8.52 5.97 0.88
N PHE A 24 -7.85 6.55 -0.11
CA PHE A 24 -8.45 7.60 -0.93
C PHE A 24 -9.03 7.01 -2.21
N ARG A 25 -8.66 5.76 -2.51
CA ARG A 25 -9.14 5.10 -3.71
C ARG A 25 -10.67 5.08 -3.75
N PRO A 26 -11.29 4.74 -2.60
CA PRO A 26 -12.74 4.68 -2.49
C PRO A 26 -13.43 5.91 -3.05
N LYS A 27 -12.95 7.09 -2.65
CA LYS A 27 -13.51 8.35 -3.12
C LYS A 27 -13.40 8.46 -4.63
N ILE A 28 -12.19 8.28 -5.15
CA ILE A 28 -11.96 8.37 -6.58
C ILE A 28 -12.91 7.45 -7.36
N LYS A 29 -13.10 6.25 -6.84
CA LYS A 29 -13.99 5.27 -7.48
C LYS A 29 -15.45 5.67 -7.27
N SER A 30 -15.70 6.53 -6.29
CA SER A 30 -17.05 6.99 -6.00
C SER A 30 -17.34 8.33 -6.67
N THR A 31 -16.27 9.03 -7.05
CA THR A 31 -16.39 10.33 -7.69
C THR A 31 -16.40 10.19 -9.21
N ASN A 32 -15.50 9.36 -9.73
CA ASN A 32 -15.41 9.14 -11.17
C ASN A 32 -16.23 7.93 -11.59
N PRO A 33 -17.04 8.09 -12.64
CA PRO A 33 -17.89 7.02 -13.17
C PRO A 33 -17.08 5.91 -13.84
N GLY A 34 -17.16 4.71 -13.27
CA GLY A 34 -16.43 3.58 -13.83
C GLY A 34 -15.01 3.95 -14.22
N ILE A 35 -14.25 4.48 -13.27
CA ILE A 35 -12.87 4.88 -13.52
C ILE A 35 -11.96 3.65 -13.61
N SER A 36 -11.09 3.63 -14.61
CA SER A 36 -10.16 2.53 -14.80
C SER A 36 -8.99 2.63 -13.82
N ILE A 37 -8.48 1.48 -13.40
CA ILE A 37 -7.36 1.44 -12.48
C ILE A 37 -6.26 2.41 -12.89
N GLY A 38 -5.91 2.38 -14.17
CA GLY A 38 -4.88 3.26 -14.68
C GLY A 38 -5.13 4.72 -14.34
N ASP A 39 -6.38 5.14 -14.47
CA ASP A 39 -6.76 6.52 -14.17
C ASP A 39 -6.53 6.83 -12.70
N VAL A 40 -7.11 6.02 -11.83
CA VAL A 40 -6.97 6.20 -10.39
C VAL A 40 -5.51 6.23 -9.98
N ALA A 41 -4.70 5.40 -10.64
CA ALA A 41 -3.28 5.33 -10.34
C ALA A 41 -2.58 6.65 -10.65
N LYS A 42 -3.02 7.32 -11.71
CA LYS A 42 -2.44 8.60 -12.11
C LYS A 42 -2.79 9.69 -11.10
N LYS A 43 -4.04 9.68 -10.64
CA LYS A 43 -4.49 10.67 -9.68
C LYS A 43 -3.77 10.51 -8.35
N LEU A 44 -3.84 9.31 -7.78
CA LEU A 44 -3.18 9.02 -6.51
C LEU A 44 -1.79 9.64 -6.46
N GLY A 45 -0.92 9.19 -7.37
CA GLY A 45 0.43 9.71 -7.41
C GLY A 45 0.50 11.20 -7.16
N GLU A 46 -0.41 11.95 -7.79
CA GLU A 46 -0.46 13.39 -7.63
C GLU A 46 -0.86 13.77 -6.20
N MET A 47 -2.00 13.23 -5.75
CA MET A 47 -2.49 13.51 -4.41
C MET A 47 -1.38 13.35 -3.37
N TRP A 48 -0.59 12.28 -3.52
CA TRP A 48 0.50 12.01 -2.60
C TRP A 48 1.50 13.15 -2.59
N ASN A 49 2.16 13.36 -3.73
CA ASN A 49 3.15 14.43 -3.85
C ASN A 49 2.62 15.72 -3.27
N ASN A 50 1.32 15.97 -3.43
CA ASN A 50 0.70 17.17 -2.92
C ASN A 50 0.78 17.23 -1.40
N LEU A 51 0.50 16.10 -0.75
CA LEU A 51 0.53 16.02 0.70
C LEU A 51 1.82 16.63 1.24
N ASN A 52 1.74 17.15 2.47
CA ASN A 52 2.90 17.76 3.10
C ASN A 52 3.60 16.79 4.05
N ASP A 53 4.85 17.05 4.36
CA ASP A 53 5.62 16.19 5.26
C ASP A 53 4.85 15.95 6.55
N SER A 54 4.10 16.95 6.99
CA SER A 54 3.32 16.84 8.22
C SER A 54 2.07 16.01 8.00
N GLU A 55 1.64 15.91 6.74
CA GLU A 55 0.45 15.15 6.40
C GLU A 55 0.78 13.67 6.24
N LYS A 56 1.98 13.38 5.75
CA LYS A 56 2.42 12.00 5.55
C LYS A 56 2.94 11.41 6.85
N GLN A 57 3.30 12.28 7.79
CA GLN A 57 3.82 11.84 9.08
C GLN A 57 2.98 10.69 9.64
N PRO A 58 1.68 10.94 9.81
CA PRO A 58 0.74 9.94 10.34
C PRO A 58 0.50 8.80 9.36
N TYR A 59 0.99 8.97 8.13
CA TYR A 59 0.82 7.96 7.09
C TYR A 59 2.03 7.04 7.02
N ILE A 60 3.19 7.57 7.41
CA ILE A 60 4.43 6.80 7.40
C ILE A 60 4.57 5.97 8.67
N THR A 61 4.23 6.57 9.81
CA THR A 61 4.34 5.88 11.09
C THR A 61 3.61 4.54 11.05
N LYS A 62 2.48 4.50 10.33
CA LYS A 62 1.70 3.28 10.21
C LYS A 62 2.46 2.21 9.44
N ALA A 63 3.02 2.61 8.29
CA ALA A 63 3.78 1.68 7.46
C ALA A 63 4.90 1.02 8.25
N ALA A 64 5.48 1.76 9.19
CA ALA A 64 6.56 1.25 10.02
C ALA A 64 6.14 -0.03 10.75
N LYS A 65 4.98 0.03 11.40
CA LYS A 65 4.46 -1.11 12.13
C LYS A 65 4.36 -2.34 11.23
N LEU A 66 3.90 -2.13 10.01
CA LEU A 66 3.76 -3.22 9.05
C LEU A 66 5.12 -3.81 8.69
N LYS A 67 6.11 -2.94 8.51
CA LYS A 67 7.46 -3.38 8.16
C LYS A 67 8.02 -4.30 9.24
N GLU A 68 7.75 -3.97 10.50
CA GLU A 68 8.23 -4.77 11.63
C GLU A 68 7.88 -6.25 11.42
N LYS A 69 6.60 -6.52 11.23
CA LYS A 69 6.14 -7.89 11.02
C LYS A 69 6.78 -8.50 9.77
N TYR A 70 6.80 -7.74 8.69
CA TYR A 70 7.38 -8.21 7.44
C TYR A 70 8.77 -8.80 7.67
N GLU A 71 9.66 -7.99 8.22
CA GLU A 71 11.03 -8.42 8.49
C GLU A 71 11.03 -9.73 9.27
N LYS A 72 10.08 -9.87 10.20
CA LYS A 72 9.97 -11.07 11.01
C LYS A 72 9.63 -12.28 10.15
N ASP A 73 8.79 -12.06 9.15
CA ASP A 73 8.38 -13.13 8.25
C ASP A 73 9.53 -13.54 7.33
N VAL A 74 9.97 -12.61 6.49
CA VAL A 74 11.06 -12.87 5.57
C VAL A 74 12.23 -13.58 6.26
N ALA A 75 12.55 -13.11 7.47
CA ALA A 75 13.63 -13.71 8.24
C ALA A 75 13.32 -15.15 8.61
N ASP A 76 12.07 -15.42 8.96
CA ASP A 76 11.63 -16.75 9.34
C ASP A 76 11.55 -17.66 8.12
N TYR A 77 11.62 -17.06 6.93
CA TYR A 77 11.55 -17.81 5.68
C TYR A 77 12.94 -18.25 5.23
N LYS A 78 13.96 -17.58 5.74
CA LYS A 78 15.34 -17.89 5.39
C LYS A 78 16.00 -18.76 6.46
N SER A 79 15.33 -19.86 6.81
CA SER A 79 15.84 -20.78 7.82
C SER A 79 17.22 -21.31 7.42
N LYS A 80 18.24 -20.50 7.64
CA LYS A 80 19.61 -20.89 7.30
C LYS A 80 20.55 -20.65 8.48
N GLY A 81 21.33 -21.67 8.82
CA GLY A 81 22.25 -21.55 9.93
C GLY A 81 22.27 -22.79 10.81
N GLY A 1 -3.96 -12.25 -15.70
CA GLY A 1 -4.88 -11.70 -16.67
C GLY A 1 -5.59 -10.46 -16.17
N SER A 2 -6.44 -10.63 -15.16
CA SER A 2 -7.20 -9.52 -14.59
C SER A 2 -6.62 -9.13 -13.23
N SER A 3 -7.06 -7.99 -12.72
CA SER A 3 -6.59 -7.48 -11.43
C SER A 3 -6.91 -8.47 -10.32
N GLY A 4 -5.90 -9.21 -9.88
CA GLY A 4 -6.09 -10.19 -8.82
C GLY A 4 -4.82 -10.44 -8.02
N SER A 5 -4.85 -10.05 -6.74
CA SER A 5 -3.69 -10.24 -5.88
C SER A 5 -3.91 -11.40 -4.91
N SER A 6 -2.91 -12.29 -4.82
CA SER A 6 -3.00 -13.45 -3.95
C SER A 6 -1.68 -14.20 -3.92
N GLY A 7 -1.10 -14.33 -2.73
CA GLY A 7 0.16 -15.03 -2.59
C GLY A 7 0.33 -15.65 -1.21
N ASN A 8 1.25 -16.60 -1.10
CA ASN A 8 1.50 -17.28 0.17
C ASN A 8 2.66 -16.62 0.91
N ALA A 9 3.82 -16.57 0.25
CA ALA A 9 5.00 -15.97 0.83
C ALA A 9 4.80 -14.48 1.11
N PRO A 10 5.37 -13.99 2.23
CA PRO A 10 5.25 -12.60 2.62
C PRO A 10 6.02 -11.65 1.70
N LYS A 11 5.40 -10.53 1.35
CA LYS A 11 6.03 -9.55 0.48
C LYS A 11 6.34 -8.27 1.23
N ARG A 12 7.14 -7.39 0.60
CA ARG A 12 7.51 -6.13 1.22
C ARG A 12 6.27 -5.36 1.67
N PRO A 13 6.40 -4.66 2.81
CA PRO A 13 5.31 -3.87 3.39
C PRO A 13 4.98 -2.64 2.55
N PRO A 14 3.70 -2.23 2.54
CA PRO A 14 3.23 -1.07 1.79
C PRO A 14 3.76 0.24 2.37
N SER A 15 4.19 1.14 1.51
CA SER A 15 4.72 2.43 1.92
C SER A 15 3.59 3.43 2.12
N GLY A 16 3.83 4.43 2.98
CA GLY A 16 2.82 5.44 3.24
C GLY A 16 2.04 5.81 2.00
N PHE A 17 2.75 6.32 0.99
CA PHE A 17 2.11 6.71 -0.26
C PHE A 17 1.04 5.71 -0.68
N PHE A 18 1.38 4.43 -0.60
CA PHE A 18 0.46 3.36 -0.97
C PHE A 18 -0.75 3.34 -0.04
N LEU A 19 -0.49 3.05 1.23
CA LEU A 19 -1.57 2.99 2.23
C LEU A 19 -2.60 4.07 1.97
N PHE A 20 -2.13 5.28 1.65
CA PHE A 20 -3.02 6.40 1.38
C PHE A 20 -3.71 6.23 0.03
N CYS A 21 -2.97 5.73 -0.96
CA CYS A 21 -3.52 5.52 -2.29
C CYS A 21 -4.66 4.51 -2.26
N SER A 22 -4.52 3.50 -1.41
CA SER A 22 -5.54 2.46 -1.30
C SER A 22 -6.67 2.91 -0.37
N GLU A 23 -6.41 3.95 0.39
CA GLU A 23 -7.41 4.49 1.32
C GLU A 23 -8.22 5.60 0.65
N PHE A 24 -7.62 6.25 -0.34
CA PHE A 24 -8.29 7.34 -1.06
C PHE A 24 -8.93 6.82 -2.35
N ARG A 25 -8.51 5.63 -2.78
CA ARG A 25 -9.04 5.04 -4.00
C ARG A 25 -10.55 4.97 -3.95
N PRO A 26 -11.10 4.53 -2.81
CA PRO A 26 -12.55 4.40 -2.61
C PRO A 26 -13.30 5.66 -3.05
N LYS A 27 -12.91 6.80 -2.49
CA LYS A 27 -13.55 8.07 -2.82
C LYS A 27 -13.50 8.33 -4.32
N ILE A 28 -12.32 8.15 -4.91
CA ILE A 28 -12.15 8.36 -6.34
C ILE A 28 -13.10 7.50 -7.15
N LYS A 29 -13.24 6.24 -6.74
CA LYS A 29 -14.13 5.30 -7.42
C LYS A 29 -15.59 5.66 -7.17
N SER A 30 -15.84 6.46 -6.13
CA SER A 30 -17.19 6.88 -5.79
C SER A 30 -17.50 8.25 -6.37
N THR A 31 -16.45 8.99 -6.74
CA THR A 31 -16.61 10.31 -7.31
C THR A 31 -16.60 10.26 -8.84
N ASN A 32 -15.69 9.48 -9.39
CA ASN A 32 -15.58 9.35 -10.84
C ASN A 32 -16.39 8.17 -11.34
N PRO A 33 -17.19 8.40 -12.40
CA PRO A 33 -18.04 7.36 -12.99
C PRO A 33 -17.22 6.30 -13.72
N GLY A 34 -17.48 5.03 -13.38
CA GLY A 34 -16.75 3.94 -14.02
C GLY A 34 -15.32 4.30 -14.35
N ILE A 35 -14.57 4.72 -13.34
CA ILE A 35 -13.18 5.11 -13.54
C ILE A 35 -12.29 3.88 -13.72
N SER A 36 -11.35 3.97 -14.64
CA SER A 36 -10.43 2.86 -14.91
C SER A 36 -9.19 2.96 -14.03
N ILE A 37 -8.68 1.80 -13.62
CA ILE A 37 -7.49 1.75 -12.77
C ILE A 37 -6.46 2.79 -13.21
N GLY A 38 -6.20 2.85 -14.51
CA GLY A 38 -5.24 3.81 -15.03
C GLY A 38 -5.48 5.21 -14.51
N ASP A 39 -6.69 5.73 -14.72
CA ASP A 39 -7.04 7.07 -14.26
C ASP A 39 -6.70 7.24 -12.78
N VAL A 40 -7.29 6.38 -11.94
CA VAL A 40 -7.06 6.44 -10.51
C VAL A 40 -5.57 6.58 -10.20
N ALA A 41 -4.77 5.68 -10.77
CA ALA A 41 -3.33 5.72 -10.56
C ALA A 41 -2.77 7.13 -10.72
N LYS A 42 -3.08 7.75 -11.86
CA LYS A 42 -2.61 9.09 -12.15
C LYS A 42 -2.95 10.04 -11.00
N LYS A 43 -4.23 10.11 -10.65
CA LYS A 43 -4.69 10.98 -9.58
C LYS A 43 -3.90 10.73 -8.31
N LEU A 44 -3.94 9.49 -7.83
CA LEU A 44 -3.22 9.11 -6.61
C LEU A 44 -1.85 9.77 -6.57
N GLY A 45 -0.99 9.39 -7.51
CA GLY A 45 0.35 9.95 -7.57
C GLY A 45 0.37 11.43 -7.25
N GLU A 46 -0.46 12.20 -7.95
CA GLU A 46 -0.53 13.64 -7.72
C GLU A 46 -0.98 13.95 -6.29
N MET A 47 -2.14 13.42 -5.92
CA MET A 47 -2.68 13.65 -4.59
C MET A 47 -1.60 13.49 -3.52
N TRP A 48 -0.76 12.46 -3.68
CA TRP A 48 0.32 12.20 -2.74
C TRP A 48 1.27 13.39 -2.65
N ASN A 49 2.00 13.63 -3.73
CA ASN A 49 2.95 14.74 -3.78
C ASN A 49 2.34 16.00 -3.18
N ASN A 50 1.06 16.22 -3.45
CA ASN A 50 0.36 17.38 -2.94
C ASN A 50 0.41 17.42 -1.41
N LEU A 51 0.23 16.27 -0.79
CA LEU A 51 0.26 16.18 0.67
C LEU A 51 1.50 16.85 1.24
N ASN A 52 1.47 17.14 2.53
CA ASN A 52 2.60 17.78 3.20
C ASN A 52 3.36 16.78 4.07
N ASP A 53 4.57 17.17 4.48
CA ASP A 53 5.40 16.31 5.32
C ASP A 53 4.69 15.98 6.62
N SER A 54 3.73 16.81 7.00
CA SER A 54 2.97 16.60 8.22
C SER A 54 1.79 15.66 8.00
N GLU A 55 1.24 15.71 6.79
CA GLU A 55 0.11 14.86 6.44
C GLU A 55 0.55 13.42 6.22
N LYS A 56 1.75 13.25 5.67
CA LYS A 56 2.30 11.92 5.42
C LYS A 56 2.82 11.29 6.70
N GLN A 57 3.14 12.12 7.69
CA GLN A 57 3.65 11.64 8.96
C GLN A 57 2.86 10.43 9.44
N PRO A 58 1.55 10.62 9.60
CA PRO A 58 0.65 9.54 10.06
C PRO A 58 0.47 8.45 9.02
N TYR A 59 0.93 8.73 7.80
CA TYR A 59 0.81 7.76 6.70
C TYR A 59 2.09 6.94 6.57
N ILE A 60 3.20 7.50 7.04
CA ILE A 60 4.49 6.82 6.97
C ILE A 60 4.73 5.96 8.21
N THR A 61 4.44 6.53 9.38
CA THR A 61 4.62 5.81 10.64
C THR A 61 3.88 4.48 10.62
N LYS A 62 2.67 4.49 10.09
CA LYS A 62 1.85 3.28 10.01
C LYS A 62 2.58 2.18 9.25
N ALA A 63 3.27 2.56 8.17
CA ALA A 63 4.02 1.61 7.37
C ALA A 63 5.19 1.02 8.16
N ALA A 64 5.72 1.81 9.09
CA ALA A 64 6.84 1.36 9.91
C ALA A 64 6.51 0.07 10.64
N LYS A 65 5.36 0.04 11.30
CA LYS A 65 4.92 -1.13 12.04
C LYS A 65 4.83 -2.35 11.13
N LEU A 66 4.22 -2.16 9.96
CA LEU A 66 4.06 -3.24 9.00
C LEU A 66 5.39 -3.93 8.74
N LYS A 67 6.47 -3.15 8.71
CA LYS A 67 7.81 -3.68 8.48
C LYS A 67 8.21 -4.64 9.60
N GLU A 68 7.77 -4.34 10.82
CA GLU A 68 8.09 -5.18 11.96
C GLU A 68 7.55 -6.60 11.78
N LYS A 69 6.25 -6.69 11.49
CA LYS A 69 5.62 -7.99 11.29
C LYS A 69 6.21 -8.70 10.09
N TYR A 70 6.45 -7.95 9.01
CA TYR A 70 7.02 -8.53 7.80
C TYR A 70 8.41 -9.09 8.06
N GLU A 71 9.32 -8.24 8.47
CA GLU A 71 10.69 -8.65 8.77
C GLU A 71 10.71 -9.83 9.74
N LYS A 72 9.63 -9.97 10.50
CA LYS A 72 9.51 -11.06 11.47
C LYS A 72 9.10 -12.35 10.79
N ASP A 73 8.22 -12.25 9.80
CA ASP A 73 7.75 -13.42 9.07
C ASP A 73 8.86 -14.01 8.21
N VAL A 74 9.55 -13.14 7.47
CA VAL A 74 10.63 -13.57 6.60
C VAL A 74 11.69 -14.33 7.38
N ALA A 75 12.03 -13.82 8.57
CA ALA A 75 13.03 -14.47 9.40
C ALA A 75 12.56 -15.83 9.88
N ASP A 76 11.32 -15.90 10.39
CA ASP A 76 10.76 -17.14 10.87
C ASP A 76 10.36 -18.05 9.71
N TYR A 77 10.21 -17.46 8.53
CA TYR A 77 9.84 -18.20 7.34
C TYR A 77 10.96 -19.12 6.88
N LYS A 78 12.19 -18.60 6.93
CA LYS A 78 13.36 -19.36 6.53
C LYS A 78 13.90 -20.19 7.70
N SER A 79 14.04 -19.55 8.85
CA SER A 79 14.55 -20.23 10.04
C SER A 79 13.93 -21.61 10.18
N LYS A 80 14.61 -22.61 9.66
CA LYS A 80 14.14 -23.99 9.72
C LYS A 80 15.18 -24.91 10.38
N GLY A 81 14.79 -26.15 10.62
CA GLY A 81 15.70 -27.11 11.22
C GLY A 81 15.09 -28.47 11.39
N GLY A 1 -14.52 -22.86 -6.80
CA GLY A 1 -15.43 -21.77 -6.50
C GLY A 1 -15.02 -20.99 -5.27
N SER A 2 -15.72 -21.21 -4.17
CA SER A 2 -15.42 -20.52 -2.92
C SER A 2 -13.99 -20.81 -2.47
N SER A 3 -13.29 -19.76 -2.05
CA SER A 3 -11.91 -19.90 -1.59
C SER A 3 -11.58 -18.86 -0.54
N GLY A 4 -10.89 -19.29 0.52
CA GLY A 4 -10.52 -18.39 1.59
C GLY A 4 -9.36 -17.49 1.22
N SER A 5 -8.44 -17.30 2.17
CA SER A 5 -7.28 -16.45 1.93
C SER A 5 -6.39 -17.03 0.83
N SER A 6 -5.38 -16.26 0.43
CA SER A 6 -4.46 -16.70 -0.62
C SER A 6 -3.02 -16.34 -0.26
N GLY A 7 -2.08 -17.17 -0.70
CA GLY A 7 -0.68 -16.91 -0.42
C GLY A 7 -0.30 -17.28 1.01
N ASN A 8 0.88 -17.84 1.17
CA ASN A 8 1.37 -18.24 2.49
C ASN A 8 2.63 -17.47 2.87
N ALA A 9 3.65 -17.55 2.02
CA ALA A 9 4.90 -16.86 2.26
C ALA A 9 4.67 -15.36 2.48
N PRO A 10 5.58 -14.74 3.24
CA PRO A 10 5.50 -13.31 3.54
C PRO A 10 5.77 -12.44 2.31
N LYS A 11 5.30 -11.19 2.36
CA LYS A 11 5.49 -10.26 1.26
C LYS A 11 5.99 -8.91 1.76
N ARG A 12 6.61 -8.14 0.88
CA ARG A 12 7.13 -6.83 1.24
C ARG A 12 6.01 -5.92 1.74
N PRO A 13 6.31 -5.15 2.80
CA PRO A 13 5.35 -4.22 3.39
C PRO A 13 5.05 -3.03 2.49
N PRO A 14 3.81 -2.53 2.57
CA PRO A 14 3.36 -1.39 1.76
C PRO A 14 4.03 -0.08 2.18
N SER A 15 3.89 0.94 1.36
CA SER A 15 4.48 2.25 1.65
C SER A 15 3.40 3.28 1.95
N GLY A 16 3.71 4.23 2.82
CA GLY A 16 2.76 5.26 3.18
C GLY A 16 1.88 5.66 2.01
N PHE A 17 2.50 5.84 0.84
CA PHE A 17 1.76 6.22 -0.36
C PHE A 17 0.70 5.18 -0.70
N PHE A 18 1.08 3.92 -0.65
CA PHE A 18 0.17 2.82 -0.96
C PHE A 18 -1.05 2.86 -0.06
N LEU A 19 -0.81 2.94 1.25
CA LEU A 19 -1.89 2.98 2.23
C LEU A 19 -2.89 4.08 1.89
N PHE A 20 -2.44 5.33 1.98
CA PHE A 20 -3.29 6.48 1.69
C PHE A 20 -3.94 6.33 0.30
N CYS A 21 -3.16 5.80 -0.64
CA CYS A 21 -3.66 5.62 -2.00
C CYS A 21 -4.85 4.65 -2.03
N SER A 22 -4.89 3.76 -1.04
CA SER A 22 -5.96 2.78 -0.95
C SER A 22 -7.13 3.33 -0.15
N GLU A 23 -6.85 4.29 0.72
CA GLU A 23 -7.87 4.91 1.55
C GLU A 23 -8.60 6.02 0.79
N PHE A 24 -7.90 6.64 -0.15
CA PHE A 24 -8.47 7.72 -0.95
C PHE A 24 -9.05 7.18 -2.25
N ARG A 25 -8.63 5.97 -2.63
CA ARG A 25 -9.11 5.34 -3.86
C ARG A 25 -10.63 5.35 -3.91
N PRO A 26 -11.26 4.97 -2.79
CA PRO A 26 -12.73 4.92 -2.68
C PRO A 26 -13.39 6.19 -3.21
N LYS A 27 -13.00 7.33 -2.67
CA LYS A 27 -13.55 8.61 -3.08
C LYS A 27 -13.45 8.78 -4.60
N ILE A 28 -12.24 8.66 -5.12
CA ILE A 28 -12.01 8.79 -6.56
C ILE A 28 -12.99 7.94 -7.36
N LYS A 29 -13.13 6.68 -6.96
CA LYS A 29 -14.04 5.76 -7.63
C LYS A 29 -15.48 6.14 -7.37
N SER A 30 -15.70 7.01 -6.39
CA SER A 30 -17.04 7.45 -6.03
C SER A 30 -17.36 8.79 -6.69
N THR A 31 -16.31 9.53 -7.06
CA THR A 31 -16.48 10.82 -7.70
C THR A 31 -16.36 10.71 -9.21
N ASN A 32 -15.53 9.77 -9.67
CA ASN A 32 -15.33 9.56 -11.09
C ASN A 32 -16.03 8.30 -11.56
N PRO A 33 -17.28 8.45 -12.02
CA PRO A 33 -18.09 7.33 -12.51
C PRO A 33 -17.57 6.78 -13.83
N GLY A 34 -17.16 5.51 -13.81
CA GLY A 34 -16.64 4.87 -15.02
C GLY A 34 -15.15 5.06 -15.17
N ILE A 35 -14.46 5.27 -14.06
CA ILE A 35 -13.02 5.45 -14.08
C ILE A 35 -12.28 4.12 -13.91
N SER A 36 -11.34 3.86 -14.82
CA SER A 36 -10.57 2.62 -14.77
C SER A 36 -9.27 2.83 -13.99
N ILE A 37 -8.83 1.77 -13.31
CA ILE A 37 -7.60 1.83 -12.52
C ILE A 37 -6.58 2.74 -13.16
N GLY A 38 -6.49 2.69 -14.49
CA GLY A 38 -5.54 3.52 -15.21
C GLY A 38 -5.54 4.95 -14.72
N ASP A 39 -6.68 5.62 -14.85
CA ASP A 39 -6.82 7.00 -14.42
C ASP A 39 -6.45 7.15 -12.95
N VAL A 40 -7.19 6.48 -12.08
CA VAL A 40 -6.93 6.54 -10.65
C VAL A 40 -5.43 6.66 -10.36
N ALA A 41 -4.68 5.68 -10.82
CA ALA A 41 -3.22 5.69 -10.61
C ALA A 41 -2.64 7.07 -10.86
N LYS A 42 -3.05 7.70 -11.95
CA LYS A 42 -2.57 9.03 -12.30
C LYS A 42 -2.87 10.03 -11.19
N LYS A 43 -4.14 10.14 -10.83
CA LYS A 43 -4.56 11.06 -9.77
C LYS A 43 -3.83 10.74 -8.46
N LEU A 44 -4.02 9.52 -7.97
CA LEU A 44 -3.39 9.10 -6.73
C LEU A 44 -2.00 9.71 -6.59
N GLY A 45 -1.17 9.55 -7.62
CA GLY A 45 0.17 10.10 -7.59
C GLY A 45 0.18 11.57 -7.23
N GLU A 46 -0.66 12.35 -7.88
CA GLU A 46 -0.74 13.78 -7.65
C GLU A 46 -1.15 14.06 -6.20
N MET A 47 -1.99 13.19 -5.65
CA MET A 47 -2.46 13.34 -4.28
C MET A 47 -1.29 13.30 -3.30
N TRP A 48 -0.50 12.24 -3.37
CA TRP A 48 0.64 12.07 -2.49
C TRP A 48 1.51 13.32 -2.50
N ASN A 49 1.84 13.82 -3.69
CA ASN A 49 2.67 15.01 -3.82
C ASN A 49 1.92 16.24 -3.34
N ASN A 50 0.60 16.16 -3.34
CA ASN A 50 -0.23 17.28 -2.90
C ASN A 50 -0.29 17.34 -1.37
N LEU A 51 -0.14 16.20 -0.73
CA LEU A 51 -0.17 16.12 0.73
C LEU A 51 1.00 16.88 1.34
N ASN A 52 0.95 17.08 2.65
CA ASN A 52 2.01 17.80 3.36
C ASN A 52 2.85 16.83 4.18
N ASP A 53 4.08 17.23 4.47
CA ASP A 53 4.99 16.40 5.26
C ASP A 53 4.35 16.00 6.59
N SER A 54 3.37 16.80 7.02
CA SER A 54 2.68 16.53 8.28
C SER A 54 1.54 15.55 8.07
N GLU A 55 0.97 15.56 6.86
CA GLU A 55 -0.13 14.67 6.53
C GLU A 55 0.36 13.25 6.28
N LYS A 56 1.55 13.13 5.71
CA LYS A 56 2.13 11.82 5.43
C LYS A 56 2.72 11.21 6.70
N GLN A 57 3.01 12.04 7.69
CA GLN A 57 3.58 11.57 8.94
C GLN A 57 2.84 10.33 9.44
N PRO A 58 1.52 10.46 9.63
CA PRO A 58 0.68 9.36 10.11
C PRO A 58 0.52 8.26 9.06
N TYR A 59 0.94 8.55 7.83
CA TYR A 59 0.84 7.60 6.74
C TYR A 59 2.14 6.82 6.57
N ILE A 60 3.24 7.42 7.01
CA ILE A 60 4.55 6.77 6.91
C ILE A 60 4.86 5.97 8.17
N THR A 61 4.47 6.50 9.32
CA THR A 61 4.70 5.83 10.59
C THR A 61 3.95 4.51 10.66
N LYS A 62 2.76 4.47 10.07
CA LYS A 62 1.94 3.26 10.06
C LYS A 62 2.64 2.14 9.29
N ALA A 63 3.20 2.48 8.14
CA ALA A 63 3.91 1.50 7.33
C ALA A 63 5.15 0.98 8.03
N ALA A 64 5.75 1.81 8.87
CA ALA A 64 6.94 1.43 9.61
C ALA A 64 6.68 0.21 10.49
N LYS A 65 5.43 0.07 10.94
CA LYS A 65 5.06 -1.05 11.79
C LYS A 65 4.92 -2.33 10.97
N LEU A 66 4.36 -2.20 9.77
CA LEU A 66 4.18 -3.36 8.89
C LEU A 66 5.52 -4.01 8.56
N LYS A 67 6.58 -3.20 8.53
CA LYS A 67 7.91 -3.70 8.23
C LYS A 67 8.40 -4.64 9.33
N GLU A 68 8.23 -4.23 10.58
CA GLU A 68 8.65 -5.03 11.72
C GLU A 68 8.16 -6.46 11.57
N LYS A 69 6.87 -6.62 11.27
CA LYS A 69 6.28 -7.93 11.11
C LYS A 69 6.94 -8.70 9.97
N TYR A 70 7.15 -8.01 8.84
CA TYR A 70 7.77 -8.63 7.68
C TYR A 70 9.16 -9.16 8.02
N GLU A 71 10.08 -8.24 8.31
CA GLU A 71 11.45 -8.61 8.66
C GLU A 71 11.47 -9.89 9.49
N LYS A 72 10.54 -10.00 10.42
CA LYS A 72 10.45 -11.17 11.28
C LYS A 72 10.10 -12.42 10.47
N ASP A 73 8.86 -12.47 9.98
CA ASP A 73 8.41 -13.61 9.19
C ASP A 73 9.41 -13.93 8.09
N VAL A 74 10.19 -12.94 7.69
CA VAL A 74 11.20 -13.13 6.64
C VAL A 74 12.40 -13.89 7.17
N ALA A 75 12.90 -13.49 8.34
CA ALA A 75 14.05 -14.14 8.95
C ALA A 75 13.78 -15.62 9.18
N ASP A 76 12.69 -15.91 9.89
CA ASP A 76 12.33 -17.30 10.18
C ASP A 76 12.26 -18.12 8.90
N TYR A 77 11.80 -17.50 7.82
CA TYR A 77 11.69 -18.19 6.54
C TYR A 77 13.07 -18.46 5.94
N LYS A 78 13.77 -17.39 5.61
CA LYS A 78 15.11 -17.50 5.03
C LYS A 78 15.92 -18.56 5.75
N SER A 79 15.88 -19.79 5.24
CA SER A 79 16.61 -20.90 5.84
C SER A 79 17.55 -21.54 4.82
N LYS A 80 18.79 -21.07 4.79
CA LYS A 80 19.79 -21.59 3.86
C LYS A 80 21.16 -21.66 4.52
N GLY A 81 21.70 -22.86 4.65
CA GLY A 81 23.00 -23.04 5.26
C GLY A 81 22.92 -23.29 6.75
N GLY A 1 -1.61 -9.37 -17.31
CA GLY A 1 -1.55 -9.45 -15.87
C GLY A 1 -1.41 -10.86 -15.35
N SER A 2 -2.43 -11.69 -15.60
CA SER A 2 -2.43 -13.07 -15.16
C SER A 2 -1.18 -13.79 -15.67
N SER A 3 -0.16 -13.89 -14.82
CA SER A 3 1.08 -14.55 -15.18
C SER A 3 1.05 -16.02 -14.79
N GLY A 4 0.54 -16.29 -13.59
CA GLY A 4 0.47 -17.66 -13.11
C GLY A 4 1.65 -18.04 -12.24
N SER A 5 1.59 -17.68 -10.96
CA SER A 5 2.67 -17.98 -10.03
C SER A 5 2.12 -18.63 -8.76
N SER A 6 2.98 -19.37 -8.06
CA SER A 6 2.58 -20.04 -6.83
C SER A 6 3.74 -20.11 -5.85
N GLY A 7 3.43 -20.33 -4.58
CA GLY A 7 4.46 -20.42 -3.55
C GLY A 7 4.08 -19.71 -2.28
N ASN A 8 4.31 -20.37 -1.15
CA ASN A 8 3.98 -19.79 0.15
C ASN A 8 5.04 -18.79 0.59
N ALA A 9 4.94 -17.56 0.10
CA ALA A 9 5.89 -16.52 0.44
C ALA A 9 5.17 -15.19 0.69
N PRO A 10 5.64 -14.45 1.71
CA PRO A 10 5.07 -13.15 2.07
C PRO A 10 5.35 -12.07 1.03
N LYS A 11 4.63 -10.96 1.11
CA LYS A 11 4.80 -9.86 0.18
C LYS A 11 5.26 -8.60 0.91
N ARG A 12 6.35 -8.00 0.44
CA ARG A 12 6.88 -6.79 1.05
C ARG A 12 5.76 -5.89 1.53
N PRO A 13 5.98 -5.22 2.67
CA PRO A 13 5.00 -4.30 3.26
C PRO A 13 4.80 -3.04 2.43
N PRO A 14 3.58 -2.49 2.47
CA PRO A 14 3.24 -1.26 1.73
C PRO A 14 3.92 -0.03 2.31
N SER A 15 3.97 1.03 1.52
CA SER A 15 4.59 2.28 1.95
C SER A 15 3.54 3.37 2.15
N GLY A 16 3.85 4.33 3.03
CA GLY A 16 2.92 5.42 3.29
C GLY A 16 2.14 5.82 2.06
N PHE A 17 2.85 6.16 0.99
CA PHE A 17 2.21 6.58 -0.25
C PHE A 17 1.12 5.58 -0.66
N PHE A 18 1.42 4.30 -0.51
CA PHE A 18 0.48 3.26 -0.87
C PHE A 18 -0.75 3.30 0.03
N LEU A 19 -0.53 3.26 1.34
CA LEU A 19 -1.61 3.30 2.31
C LEU A 19 -2.60 4.40 1.97
N PHE A 20 -2.11 5.64 1.92
CA PHE A 20 -2.96 6.79 1.59
C PHE A 20 -3.71 6.56 0.29
N CYS A 21 -3.04 5.94 -0.68
CA CYS A 21 -3.64 5.67 -1.97
C CYS A 21 -4.80 4.68 -1.84
N SER A 22 -4.50 3.48 -1.34
CA SER A 22 -5.52 2.45 -1.16
C SER A 22 -6.65 2.94 -0.27
N GLU A 23 -6.37 4.00 0.50
CA GLU A 23 -7.36 4.57 1.39
C GLU A 23 -8.18 5.66 0.69
N PHE A 24 -7.56 6.30 -0.30
CA PHE A 24 -8.23 7.36 -1.04
C PHE A 24 -8.85 6.81 -2.32
N ARG A 25 -8.43 5.61 -2.72
CA ARG A 25 -8.94 4.98 -3.92
C ARG A 25 -10.46 4.91 -3.90
N PRO A 26 -11.01 4.50 -2.75
CA PRO A 26 -12.47 4.38 -2.56
C PRO A 26 -13.22 5.62 -3.04
N LYS A 27 -12.83 6.78 -2.51
CA LYS A 27 -13.46 8.04 -2.89
C LYS A 27 -13.43 8.23 -4.40
N ILE A 28 -12.23 8.13 -4.97
CA ILE A 28 -12.07 8.30 -6.41
C ILE A 28 -13.05 7.42 -7.19
N LYS A 29 -13.03 6.12 -6.90
CA LYS A 29 -13.91 5.17 -7.56
C LYS A 29 -15.37 5.48 -7.25
N SER A 30 -15.59 6.29 -6.22
CA SER A 30 -16.94 6.65 -5.81
C SER A 30 -17.33 8.02 -6.38
N THR A 31 -16.34 8.73 -6.92
CA THR A 31 -16.57 10.04 -7.50
C THR A 31 -16.59 9.98 -9.02
N ASN A 32 -15.74 9.11 -9.58
CA ASN A 32 -15.67 8.95 -11.03
C ASN A 32 -16.48 7.74 -11.48
N PRO A 33 -17.32 7.94 -12.51
CA PRO A 33 -18.16 6.86 -13.05
C PRO A 33 -17.34 5.81 -13.81
N GLY A 34 -17.28 4.61 -13.24
CA GLY A 34 -16.54 3.53 -13.86
C GLY A 34 -15.13 3.95 -14.25
N ILE A 35 -14.39 4.47 -13.29
CA ILE A 35 -13.02 4.92 -13.53
C ILE A 35 -12.08 3.73 -13.73
N SER A 36 -11.12 3.88 -14.64
CA SER A 36 -10.16 2.82 -14.92
C SER A 36 -8.94 2.95 -14.03
N ILE A 37 -8.43 1.81 -13.57
CA ILE A 37 -7.26 1.78 -12.70
C ILE A 37 -6.23 2.82 -13.14
N GLY A 38 -6.07 2.96 -14.45
CA GLY A 38 -5.12 3.92 -14.99
C GLY A 38 -5.41 5.34 -14.53
N ASP A 39 -6.68 5.73 -14.57
CA ASP A 39 -7.09 7.07 -14.16
C ASP A 39 -6.76 7.31 -12.69
N VAL A 40 -7.37 6.50 -11.82
CA VAL A 40 -7.14 6.63 -10.38
C VAL A 40 -5.65 6.79 -10.07
N ALA A 41 -4.85 5.91 -10.64
CA ALA A 41 -3.40 5.94 -10.42
C ALA A 41 -2.86 7.35 -10.67
N LYS A 42 -3.20 7.93 -11.81
CA LYS A 42 -2.75 9.27 -12.15
C LYS A 42 -3.10 10.27 -11.06
N LYS A 43 -4.35 10.23 -10.62
CA LYS A 43 -4.83 11.13 -9.58
C LYS A 43 -4.04 10.94 -8.29
N LEU A 44 -4.04 9.70 -7.79
CA LEU A 44 -3.31 9.38 -6.56
C LEU A 44 -1.94 10.03 -6.54
N GLY A 45 -1.15 9.74 -7.57
CA GLY A 45 0.19 10.30 -7.67
C GLY A 45 0.21 11.79 -7.33
N GLU A 46 -0.69 12.54 -7.96
CA GLU A 46 -0.77 13.98 -7.73
C GLU A 46 -1.17 14.28 -6.29
N MET A 47 -2.19 13.58 -5.80
CA MET A 47 -2.68 13.77 -4.44
C MET A 47 -1.54 13.64 -3.43
N TRP A 48 -0.70 12.63 -3.63
CA TRP A 48 0.43 12.38 -2.74
C TRP A 48 1.35 13.59 -2.70
N ASN A 49 1.83 14.02 -3.87
CA ASN A 49 2.73 15.16 -3.96
C ASN A 49 2.11 16.38 -3.30
N ASN A 50 0.79 16.51 -3.40
CA ASN A 50 0.08 17.64 -2.80
C ASN A 50 0.22 17.63 -1.29
N LEU A 51 0.17 16.44 -0.70
CA LEU A 51 0.30 16.30 0.75
C LEU A 51 1.58 16.95 1.25
N ASN A 52 1.54 17.44 2.48
CA ASN A 52 2.70 18.09 3.09
C ASN A 52 3.51 17.09 3.92
N ASP A 53 4.72 17.48 4.30
CA ASP A 53 5.59 16.63 5.10
C ASP A 53 4.93 16.28 6.43
N SER A 54 3.90 17.03 6.80
CA SER A 54 3.19 16.81 8.05
C SER A 54 1.97 15.94 7.83
N GLU A 55 1.52 15.86 6.58
CA GLU A 55 0.35 15.06 6.23
C GLU A 55 0.73 13.60 6.05
N LYS A 56 1.93 13.36 5.54
CA LYS A 56 2.42 12.00 5.32
C LYS A 56 2.95 11.39 6.62
N GLN A 57 3.29 12.26 7.57
CA GLN A 57 3.81 11.80 8.86
C GLN A 57 3.01 10.62 9.38
N PRO A 58 1.70 10.82 9.55
CA PRO A 58 0.79 9.78 10.05
C PRO A 58 0.58 8.66 9.04
N TYR A 59 1.06 8.89 7.82
CA TYR A 59 0.93 7.90 6.75
C TYR A 59 2.18 7.03 6.65
N ILE A 60 3.31 7.57 7.09
CA ILE A 60 4.57 6.86 7.06
C ILE A 60 4.79 6.06 8.33
N THR A 61 4.44 6.65 9.47
CA THR A 61 4.60 6.00 10.75
C THR A 61 3.90 4.64 10.78
N LYS A 62 2.71 4.59 10.18
CA LYS A 62 1.94 3.35 10.12
C LYS A 62 2.71 2.26 9.40
N ALA A 63 3.21 2.58 8.21
CA ALA A 63 3.97 1.61 7.42
C ALA A 63 5.10 1.00 8.24
N ALA A 64 5.76 1.82 9.05
CA ALA A 64 6.85 1.35 9.89
C ALA A 64 6.47 0.08 10.64
N LYS A 65 5.37 0.16 11.38
CA LYS A 65 4.88 -1.00 12.15
C LYS A 65 4.74 -2.22 11.25
N LEU A 66 4.01 -2.06 10.16
CA LEU A 66 3.80 -3.16 9.22
C LEU A 66 5.11 -3.87 8.90
N LYS A 67 6.20 -3.12 8.93
CA LYS A 67 7.52 -3.69 8.64
C LYS A 67 7.95 -4.64 9.77
N GLU A 68 7.68 -4.25 11.00
CA GLU A 68 8.03 -5.06 12.16
C GLU A 68 7.55 -6.50 11.98
N LYS A 69 6.27 -6.65 11.69
CA LYS A 69 5.67 -7.97 11.50
C LYS A 69 6.31 -8.68 10.31
N TYR A 70 6.43 -7.97 9.20
CA TYR A 70 7.02 -8.53 7.99
C TYR A 70 8.40 -9.11 8.27
N GLU A 71 9.23 -8.35 8.99
CA GLU A 71 10.57 -8.80 9.33
C GLU A 71 10.55 -10.20 9.92
N LYS A 72 9.59 -10.45 10.81
CA LYS A 72 9.46 -11.76 11.44
C LYS A 72 9.29 -12.86 10.40
N ASP A 73 8.16 -12.83 9.70
CA ASP A 73 7.87 -13.82 8.67
C ASP A 73 9.09 -14.02 7.76
N VAL A 74 9.63 -12.91 7.26
CA VAL A 74 10.79 -12.96 6.38
C VAL A 74 11.94 -13.72 7.02
N ALA A 75 12.18 -13.44 8.30
CA ALA A 75 13.26 -14.10 9.04
C ALA A 75 13.07 -15.61 9.04
N ASP A 76 11.86 -16.05 9.37
CA ASP A 76 11.55 -17.48 9.41
C ASP A 76 11.69 -18.10 8.02
N TYR A 77 11.15 -17.43 7.02
CA TYR A 77 11.22 -17.92 5.64
C TYR A 77 12.66 -18.21 5.24
N LYS A 78 13.52 -17.21 5.40
CA LYS A 78 14.93 -17.36 5.05
C LYS A 78 15.70 -18.09 6.14
N SER A 79 16.88 -18.58 5.81
CA SER A 79 17.71 -19.30 6.76
C SER A 79 16.90 -20.39 7.46
N LYS A 80 16.07 -21.08 6.70
CA LYS A 80 15.23 -22.15 7.24
C LYS A 80 16.08 -23.18 7.98
N GLY A 81 15.81 -23.36 9.27
CA GLY A 81 16.57 -24.32 10.07
C GLY A 81 15.69 -25.43 10.59
N GLY A 1 -4.95 -22.25 5.09
CA GLY A 1 -4.21 -23.13 4.20
C GLY A 1 -3.23 -22.37 3.32
N SER A 2 -3.64 -22.12 2.08
CA SER A 2 -2.79 -21.40 1.13
C SER A 2 -2.87 -19.90 1.36
N SER A 3 -2.14 -19.42 2.37
CA SER A 3 -2.12 -18.01 2.70
C SER A 3 -1.16 -17.24 1.79
N GLY A 4 -1.13 -15.93 1.95
CA GLY A 4 -0.25 -15.10 1.14
C GLY A 4 -0.93 -14.58 -0.11
N SER A 5 -0.38 -13.51 -0.68
CA SER A 5 -0.95 -12.90 -1.87
C SER A 5 -0.31 -13.49 -3.12
N SER A 6 -0.88 -14.59 -3.61
CA SER A 6 -0.36 -15.25 -4.81
C SER A 6 1.03 -15.81 -4.56
N GLY A 7 1.17 -16.58 -3.48
CA GLY A 7 2.46 -17.17 -3.15
C GLY A 7 2.59 -17.48 -1.67
N ASN A 8 3.07 -18.68 -1.36
CA ASN A 8 3.24 -19.10 0.02
C ASN A 8 3.86 -17.98 0.85
N ALA A 9 4.81 -17.28 0.27
CA ALA A 9 5.49 -16.18 0.95
C ALA A 9 4.62 -14.93 0.99
N PRO A 10 4.83 -14.09 2.01
CA PRO A 10 4.06 -12.85 2.18
C PRO A 10 4.42 -11.80 1.13
N LYS A 11 3.68 -10.70 1.13
CA LYS A 11 3.91 -9.62 0.18
C LYS A 11 4.49 -8.40 0.88
N ARG A 12 5.36 -7.68 0.18
CA ARG A 12 5.99 -6.48 0.73
C ARG A 12 4.93 -5.53 1.28
N PRO A 13 5.24 -4.91 2.43
CA PRO A 13 4.33 -3.96 3.08
C PRO A 13 4.21 -2.66 2.31
N PRO A 14 3.03 -2.02 2.40
CA PRO A 14 2.75 -0.76 1.72
C PRO A 14 3.53 0.41 2.32
N SER A 15 3.72 1.46 1.52
CA SER A 15 4.45 2.64 1.98
C SER A 15 3.50 3.79 2.29
N GLY A 16 3.97 4.74 3.07
CA GLY A 16 3.15 5.89 3.43
C GLY A 16 2.38 6.44 2.25
N PHE A 17 2.96 6.31 1.06
CA PHE A 17 2.32 6.80 -0.16
C PHE A 17 1.15 5.91 -0.56
N PHE A 18 1.34 4.60 -0.40
CA PHE A 18 0.30 3.63 -0.76
C PHE A 18 -0.82 3.65 0.27
N LEU A 19 -0.49 3.39 1.53
CA LEU A 19 -1.46 3.36 2.61
C LEU A 19 -2.48 4.49 2.44
N PHE A 20 -2.02 5.62 1.92
CA PHE A 20 -2.89 6.77 1.70
C PHE A 20 -3.68 6.61 0.40
N CYS A 21 -3.03 6.06 -0.61
CA CYS A 21 -3.68 5.85 -1.91
C CYS A 21 -4.80 4.83 -1.81
N SER A 22 -4.58 3.78 -1.02
CA SER A 22 -5.57 2.73 -0.85
C SER A 22 -6.73 3.22 0.02
N GLU A 23 -6.44 4.19 0.88
CA GLU A 23 -7.46 4.74 1.77
C GLU A 23 -8.32 5.77 1.04
N PHE A 24 -7.73 6.41 0.03
CA PHE A 24 -8.45 7.42 -0.75
C PHE A 24 -9.00 6.81 -2.03
N ARG A 25 -8.51 5.63 -2.39
CA ARG A 25 -8.96 4.95 -3.59
C ARG A 25 -10.48 4.82 -3.60
N PRO A 26 -11.05 4.41 -2.46
CA PRO A 26 -12.50 4.24 -2.32
C PRO A 26 -13.28 5.44 -2.84
N LYS A 27 -12.94 6.62 -2.37
CA LYS A 27 -13.61 7.85 -2.80
C LYS A 27 -13.51 8.01 -4.31
N ILE A 28 -12.28 8.00 -4.82
CA ILE A 28 -12.05 8.15 -6.25
C ILE A 28 -12.95 7.22 -7.05
N LYS A 29 -12.77 5.92 -6.86
CA LYS A 29 -13.57 4.93 -7.56
C LYS A 29 -15.06 5.08 -7.23
N SER A 30 -15.35 5.85 -6.18
CA SER A 30 -16.72 6.07 -5.76
C SER A 30 -17.25 7.39 -6.33
N THR A 31 -16.37 8.14 -6.98
CA THR A 31 -16.74 9.43 -7.57
C THR A 31 -16.67 9.37 -9.09
N ASN A 32 -15.66 8.69 -9.61
CA ASN A 32 -15.48 8.57 -11.05
C ASN A 32 -16.28 7.38 -11.60
N PRO A 33 -17.03 7.62 -12.69
CA PRO A 33 -17.85 6.59 -13.33
C PRO A 33 -17.00 5.53 -14.03
N GLY A 34 -16.99 4.33 -13.46
CA GLY A 34 -16.22 3.24 -14.05
C GLY A 34 -14.79 3.66 -14.38
N ILE A 35 -14.07 4.14 -13.37
CA ILE A 35 -12.69 4.58 -13.56
C ILE A 35 -11.76 3.38 -13.75
N SER A 36 -10.70 3.58 -14.53
CA SER A 36 -9.75 2.51 -14.79
C SER A 36 -8.51 2.67 -13.90
N ILE A 37 -7.97 1.54 -13.45
CA ILE A 37 -6.80 1.54 -12.59
C ILE A 37 -5.84 2.68 -12.97
N GLY A 38 -5.44 2.70 -14.24
CA GLY A 38 -4.53 3.73 -14.70
C GLY A 38 -4.93 5.11 -14.23
N ASP A 39 -6.19 5.47 -14.46
CA ASP A 39 -6.69 6.77 -14.05
C ASP A 39 -6.44 7.02 -12.56
N VAL A 40 -7.01 6.16 -11.72
CA VAL A 40 -6.84 6.27 -10.28
C VAL A 40 -5.37 6.43 -9.91
N ALA A 41 -4.54 5.55 -10.46
CA ALA A 41 -3.10 5.59 -10.19
C ALA A 41 -2.55 7.00 -10.39
N LYS A 42 -2.86 7.61 -11.53
CA LYS A 42 -2.39 8.95 -11.83
C LYS A 42 -2.81 9.93 -10.75
N LYS A 43 -4.11 9.97 -10.46
CA LYS A 43 -4.64 10.87 -9.44
C LYS A 43 -3.89 10.70 -8.12
N LEU A 44 -3.91 9.48 -7.60
CA LEU A 44 -3.23 9.19 -6.34
C LEU A 44 -1.85 9.84 -6.30
N GLY A 45 -1.02 9.54 -7.30
CA GLY A 45 0.31 10.11 -7.36
C GLY A 45 0.32 11.60 -7.10
N GLU A 46 -0.63 12.31 -7.70
CA GLU A 46 -0.72 13.76 -7.53
C GLU A 46 -1.12 14.11 -6.10
N MET A 47 -2.20 13.51 -5.63
CA MET A 47 -2.68 13.76 -4.27
C MET A 47 -1.56 13.59 -3.26
N TRP A 48 -0.76 12.53 -3.44
CA TRP A 48 0.35 12.26 -2.53
C TRP A 48 1.34 13.42 -2.51
N ASN A 49 1.78 13.83 -3.70
CA ASN A 49 2.74 14.92 -3.81
C ASN A 49 2.15 16.22 -3.26
N ASN A 50 0.82 16.32 -3.29
CA ASN A 50 0.13 17.50 -2.79
C ASN A 50 0.17 17.55 -1.27
N LEU A 51 0.27 16.39 -0.64
CA LEU A 51 0.32 16.29 0.82
C LEU A 51 1.59 16.95 1.35
N ASN A 52 1.51 17.44 2.58
CA ASN A 52 2.64 18.09 3.22
C ASN A 52 3.43 17.11 4.07
N ASP A 53 4.65 17.48 4.44
CA ASP A 53 5.50 16.63 5.27
C ASP A 53 4.83 16.34 6.61
N SER A 54 3.87 17.16 6.97
CA SER A 54 3.16 16.99 8.24
C SER A 54 1.93 16.09 8.05
N GLU A 55 1.46 16.00 6.81
CA GLU A 55 0.29 15.16 6.51
C GLU A 55 0.69 13.71 6.32
N LYS A 56 1.89 13.50 5.77
CA LYS A 56 2.39 12.15 5.53
C LYS A 56 2.97 11.56 6.81
N GLN A 57 3.34 12.43 7.74
CA GLN A 57 3.91 11.99 9.02
C GLN A 57 3.16 10.78 9.56
N PRO A 58 1.84 10.95 9.78
CA PRO A 58 0.98 9.89 10.30
C PRO A 58 0.76 8.77 9.29
N TYR A 59 1.17 9.01 8.05
CA TYR A 59 1.02 8.02 6.99
C TYR A 59 2.29 7.20 6.82
N ILE A 60 3.43 7.79 7.22
CA ILE A 60 4.71 7.11 7.12
C ILE A 60 4.95 6.20 8.32
N THR A 61 4.70 6.72 9.52
CA THR A 61 4.88 5.95 10.74
C THR A 61 4.11 4.63 10.68
N LYS A 62 2.98 4.65 9.99
CA LYS A 62 2.16 3.44 9.86
C LYS A 62 2.91 2.34 9.13
N ALA A 63 3.31 2.61 7.90
CA ALA A 63 4.05 1.64 7.10
C ALA A 63 5.18 1.01 7.90
N ALA A 64 5.91 1.85 8.63
CA ALA A 64 7.03 1.38 9.45
C ALA A 64 6.59 0.24 10.36
N LYS A 65 5.34 0.28 10.80
CA LYS A 65 4.80 -0.76 11.68
C LYS A 65 4.54 -2.04 10.90
N LEU A 66 4.14 -1.89 9.63
CA LEU A 66 3.84 -3.04 8.78
C LEU A 66 5.13 -3.79 8.42
N LYS A 67 6.25 -3.05 8.37
CA LYS A 67 7.53 -3.65 8.05
C LYS A 67 7.98 -4.61 9.14
N GLU A 68 8.04 -4.12 10.37
CA GLU A 68 8.46 -4.94 11.50
C GLU A 68 7.87 -6.34 11.40
N LYS A 69 6.58 -6.41 11.07
CA LYS A 69 5.90 -7.70 10.94
C LYS A 69 6.40 -8.46 9.72
N TYR A 70 6.48 -7.78 8.58
CA TYR A 70 6.95 -8.40 7.35
C TYR A 70 8.32 -9.03 7.54
N GLU A 71 9.24 -8.27 8.13
CA GLU A 71 10.60 -8.75 8.37
C GLU A 71 10.57 -10.08 9.12
N LYS A 72 9.61 -10.22 10.02
CA LYS A 72 9.46 -11.45 10.80
C LYS A 72 8.97 -12.59 9.93
N ASP A 73 7.74 -12.48 9.46
CA ASP A 73 7.15 -13.52 8.60
C ASP A 73 8.10 -13.91 7.48
N VAL A 74 8.84 -12.94 6.96
CA VAL A 74 9.78 -13.18 5.89
C VAL A 74 10.97 -14.02 6.37
N ALA A 75 11.49 -13.68 7.55
CA ALA A 75 12.61 -14.39 8.13
C ALA A 75 12.27 -15.87 8.33
N ASP A 76 11.12 -16.13 8.95
CA ASP A 76 10.67 -17.49 9.21
C ASP A 76 10.56 -18.28 7.91
N TYR A 77 9.88 -17.69 6.92
CA TYR A 77 9.70 -18.34 5.63
C TYR A 77 11.01 -18.89 5.10
N LYS A 78 12.06 -18.08 5.19
CA LYS A 78 13.38 -18.48 4.73
C LYS A 78 14.05 -19.41 5.72
N SER A 79 13.93 -20.72 5.49
CA SER A 79 14.52 -21.72 6.36
C SER A 79 15.89 -22.16 5.84
N LYS A 80 16.81 -21.20 5.74
CA LYS A 80 18.15 -21.49 5.25
C LYS A 80 19.17 -20.50 5.83
N GLY A 81 20.44 -20.73 5.56
CA GLY A 81 21.49 -19.86 6.06
C GLY A 81 21.45 -19.70 7.56
N GLY A 1 -0.20 -27.06 -16.52
CA GLY A 1 1.17 -27.25 -16.96
C GLY A 1 1.71 -28.63 -16.65
N SER A 2 3.00 -28.72 -16.34
CA SER A 2 3.63 -29.99 -16.02
C SER A 2 4.21 -29.96 -14.61
N SER A 3 5.03 -28.94 -14.34
CA SER A 3 5.65 -28.80 -13.02
C SER A 3 4.75 -28.03 -12.07
N GLY A 4 4.41 -28.66 -10.95
CA GLY A 4 3.56 -28.02 -9.97
C GLY A 4 4.17 -28.01 -8.59
N SER A 5 4.36 -26.81 -8.03
CA SER A 5 4.94 -26.67 -6.70
C SER A 5 4.11 -25.73 -5.84
N SER A 6 4.23 -25.87 -4.53
CA SER A 6 3.48 -25.04 -3.58
C SER A 6 4.40 -24.49 -2.50
N GLY A 7 4.01 -23.35 -1.92
CA GLY A 7 4.80 -22.74 -0.88
C GLY A 7 4.44 -21.28 -0.67
N ASN A 8 3.17 -21.04 -0.33
CA ASN A 8 2.69 -19.68 -0.09
C ASN A 8 3.78 -18.83 0.56
N ALA A 9 3.77 -17.54 0.26
CA ALA A 9 4.75 -16.61 0.82
C ALA A 9 4.16 -15.21 0.97
N PRO A 10 4.64 -14.48 1.99
CA PRO A 10 4.17 -13.12 2.28
C PRO A 10 4.62 -12.12 1.21
N LYS A 11 4.13 -10.89 1.33
CA LYS A 11 4.49 -9.84 0.38
C LYS A 11 5.15 -8.67 1.09
N ARG A 12 5.85 -7.84 0.32
CA ARG A 12 6.54 -6.68 0.87
C ARG A 12 5.54 -5.61 1.32
N PRO A 13 5.84 -4.94 2.44
CA PRO A 13 4.99 -3.89 2.99
C PRO A 13 4.98 -2.63 2.12
N PRO A 14 3.82 -1.96 2.07
CA PRO A 14 3.65 -0.74 1.28
C PRO A 14 4.42 0.44 1.87
N SER A 15 4.42 1.56 1.15
CA SER A 15 5.12 2.76 1.60
C SER A 15 4.14 3.88 1.93
N GLY A 16 4.58 4.84 2.73
CA GLY A 16 3.72 5.94 3.11
C GLY A 16 2.92 6.49 1.94
N PHE A 17 3.52 6.44 0.75
CA PHE A 17 2.86 6.92 -0.45
C PHE A 17 1.77 5.96 -0.90
N PHE A 18 2.00 4.67 -0.68
CA PHE A 18 1.03 3.65 -1.07
C PHE A 18 -0.10 3.55 -0.04
N LEU A 19 0.17 4.01 1.17
CA LEU A 19 -0.82 3.98 2.24
C LEU A 19 -1.99 4.91 1.94
N PHE A 20 -1.68 6.18 1.72
CA PHE A 20 -2.71 7.17 1.41
C PHE A 20 -3.42 6.83 0.10
N CYS A 21 -2.66 6.32 -0.86
CA CYS A 21 -3.21 5.94 -2.16
C CYS A 21 -4.28 4.86 -2.00
N SER A 22 -4.08 3.97 -1.03
CA SER A 22 -5.02 2.89 -0.79
C SER A 22 -6.13 3.33 0.16
N GLU A 23 -5.90 4.46 0.83
CA GLU A 23 -6.89 4.98 1.78
C GLU A 23 -7.83 5.95 1.08
N PHE A 24 -7.33 6.62 0.05
CA PHE A 24 -8.13 7.58 -0.71
C PHE A 24 -8.73 6.93 -1.96
N ARG A 25 -8.25 5.73 -2.28
CA ARG A 25 -8.73 5.02 -3.45
C ARG A 25 -10.25 4.87 -3.40
N PRO A 26 -10.78 4.49 -2.23
CA PRO A 26 -12.21 4.30 -2.04
C PRO A 26 -13.03 5.47 -2.57
N LYS A 27 -12.65 6.68 -2.18
CA LYS A 27 -13.35 7.89 -2.62
C LYS A 27 -13.28 8.03 -4.14
N ILE A 28 -12.06 8.00 -4.68
CA ILE A 28 -11.87 8.12 -6.11
C ILE A 28 -12.81 7.19 -6.89
N LYS A 29 -12.79 5.91 -6.53
CA LYS A 29 -13.64 4.92 -7.17
C LYS A 29 -15.11 5.21 -6.91
N SER A 30 -15.37 6.06 -5.93
CA SER A 30 -16.74 6.43 -5.58
C SER A 30 -17.14 7.75 -6.24
N THR A 31 -16.14 8.53 -6.65
CA THR A 31 -16.39 9.80 -7.30
C THR A 31 -16.45 9.65 -8.81
N ASN A 32 -15.52 8.88 -9.37
CA ASN A 32 -15.46 8.65 -10.81
C ASN A 32 -16.22 7.38 -11.18
N PRO A 33 -17.07 7.47 -12.21
CA PRO A 33 -17.86 6.33 -12.69
C PRO A 33 -17.00 5.28 -13.38
N GLY A 34 -17.12 4.04 -12.92
CA GLY A 34 -16.34 2.96 -13.51
C GLY A 34 -14.97 3.41 -13.97
N ILE A 35 -14.30 4.19 -13.14
CA ILE A 35 -12.97 4.70 -13.47
C ILE A 35 -11.99 3.55 -13.70
N SER A 36 -11.02 3.79 -14.56
CA SER A 36 -10.02 2.77 -14.90
C SER A 36 -8.83 2.85 -13.94
N ILE A 37 -8.15 1.73 -13.75
CA ILE A 37 -7.00 1.68 -12.85
C ILE A 37 -5.96 2.73 -13.24
N GLY A 38 -5.77 2.92 -14.55
CA GLY A 38 -4.81 3.89 -15.03
C GLY A 38 -5.16 5.31 -14.60
N ASP A 39 -6.45 5.60 -14.54
CA ASP A 39 -6.92 6.92 -14.14
C ASP A 39 -6.63 7.19 -12.67
N VAL A 40 -7.18 6.34 -11.80
CA VAL A 40 -6.98 6.48 -10.37
C VAL A 40 -5.50 6.64 -10.02
N ALA A 41 -4.67 5.78 -10.59
CA ALA A 41 -3.24 5.82 -10.35
C ALA A 41 -2.69 7.22 -10.61
N LYS A 42 -3.02 7.77 -11.77
CA LYS A 42 -2.56 9.10 -12.14
C LYS A 42 -2.94 10.13 -11.08
N LYS A 43 -4.20 10.12 -10.67
CA LYS A 43 -4.70 11.04 -9.65
C LYS A 43 -3.92 10.89 -8.36
N LEU A 44 -3.95 9.69 -7.79
CA LEU A 44 -3.24 9.40 -6.54
C LEU A 44 -1.86 10.05 -6.55
N GLY A 45 -1.01 9.62 -7.47
CA GLY A 45 0.33 10.17 -7.55
C GLY A 45 0.37 11.66 -7.30
N GLU A 46 -0.61 12.38 -7.85
CA GLU A 46 -0.69 13.82 -7.67
C GLU A 46 -1.15 14.18 -6.26
N MET A 47 -2.30 13.63 -5.87
CA MET A 47 -2.85 13.88 -4.55
C MET A 47 -1.83 13.61 -3.46
N TRP A 48 -0.91 12.69 -3.74
CA TRP A 48 0.14 12.33 -2.79
C TRP A 48 1.12 13.48 -2.60
N ASN A 49 1.70 13.94 -3.70
CA ASN A 49 2.66 15.03 -3.67
C ASN A 49 2.02 16.29 -3.08
N ASN A 50 0.71 16.44 -3.28
CA ASN A 50 0.00 17.59 -2.78
C ASN A 50 -0.03 17.61 -1.26
N LEU A 51 -0.12 16.43 -0.66
CA LEU A 51 -0.15 16.31 0.79
C LEU A 51 1.03 17.05 1.42
N ASN A 52 0.95 17.26 2.73
CA ASN A 52 2.01 17.96 3.46
C ASN A 52 2.77 16.99 4.36
N ASP A 53 4.02 17.33 4.64
CA ASP A 53 4.86 16.49 5.50
C ASP A 53 4.11 16.09 6.76
N SER A 54 3.13 16.89 7.14
CA SER A 54 2.33 16.62 8.34
C SER A 54 1.25 15.60 8.04
N GLU A 55 0.75 15.60 6.82
CA GLU A 55 -0.30 14.67 6.41
C GLU A 55 0.28 13.28 6.16
N LYS A 56 1.51 13.23 5.66
CA LYS A 56 2.18 11.97 5.37
C LYS A 56 2.71 11.34 6.65
N GLN A 57 2.88 12.16 7.69
CA GLN A 57 3.38 11.68 8.97
C GLN A 57 2.67 10.39 9.39
N PRO A 58 1.34 10.47 9.51
CA PRO A 58 0.52 9.32 9.90
C PRO A 58 0.46 8.25 8.81
N TYR A 59 0.97 8.58 7.64
CA TYR A 59 0.98 7.65 6.51
C TYR A 59 2.31 6.90 6.44
N ILE A 60 3.37 7.55 6.89
CA ILE A 60 4.70 6.94 6.88
C ILE A 60 4.92 6.07 8.11
N THR A 61 4.43 6.54 9.25
CA THR A 61 4.59 5.80 10.51
C THR A 61 3.84 4.47 10.44
N LYS A 62 2.66 4.48 9.84
CA LYS A 62 1.85 3.28 9.72
C LYS A 62 2.59 2.21 8.92
N ALA A 63 3.27 2.63 7.87
CA ALA A 63 4.03 1.71 7.03
C ALA A 63 5.20 1.10 7.78
N ALA A 64 5.73 1.85 8.75
CA ALA A 64 6.85 1.39 9.55
C ALA A 64 6.47 0.17 10.38
N LYS A 65 5.23 0.15 10.88
CA LYS A 65 4.75 -0.96 11.69
C LYS A 65 4.58 -2.21 10.83
N LEU A 66 4.24 -2.01 9.57
CA LEU A 66 4.05 -3.13 8.65
C LEU A 66 5.37 -3.83 8.36
N LYS A 67 6.45 -3.07 8.32
CA LYS A 67 7.78 -3.62 8.06
C LYS A 67 8.22 -4.53 9.20
N GLU A 68 8.22 -4.00 10.42
CA GLU A 68 8.63 -4.77 11.58
C GLU A 68 7.83 -6.08 11.67
N LYS A 69 6.62 -6.07 11.12
CA LYS A 69 5.78 -7.25 11.14
C LYS A 69 6.09 -8.16 9.96
N TYR A 70 6.54 -7.58 8.86
CA TYR A 70 6.89 -8.35 7.66
C TYR A 70 8.11 -9.21 7.92
N GLU A 71 9.07 -8.67 8.67
CA GLU A 71 10.29 -9.40 8.98
C GLU A 71 9.99 -10.67 9.78
N LYS A 72 9.19 -10.51 10.83
CA LYS A 72 8.82 -11.63 11.68
C LYS A 72 8.34 -12.82 10.84
N ASP A 73 7.51 -12.53 9.83
CA ASP A 73 6.99 -13.57 8.96
C ASP A 73 8.03 -13.99 7.93
N VAL A 74 8.79 -13.02 7.43
CA VAL A 74 9.83 -13.28 6.44
C VAL A 74 10.83 -14.31 6.96
N ALA A 75 11.29 -14.10 8.19
CA ALA A 75 12.26 -15.01 8.80
C ALA A 75 11.64 -16.38 9.05
N ASP A 76 10.54 -16.40 9.79
CA ASP A 76 9.84 -17.65 10.09
C ASP A 76 9.63 -18.48 8.84
N TYR A 77 9.18 -17.83 7.78
CA TYR A 77 8.92 -18.51 6.51
C TYR A 77 10.12 -19.36 6.11
N LYS A 78 11.32 -18.90 6.45
CA LYS A 78 12.54 -19.62 6.13
C LYS A 78 12.82 -20.70 7.17
N SER A 79 12.79 -20.32 8.44
CA SER A 79 13.06 -21.26 9.53
C SER A 79 12.48 -22.64 9.20
N LYS A 80 11.16 -22.69 8.99
CA LYS A 80 10.49 -23.94 8.68
C LYS A 80 10.99 -24.50 7.34
N GLY A 81 10.93 -25.82 7.20
CA GLY A 81 11.37 -26.46 5.98
C GLY A 81 11.54 -27.95 6.13
N GLY A 1 -3.17 -24.53 -12.66
CA GLY A 1 -4.60 -24.30 -12.50
C GLY A 1 -5.06 -23.00 -13.12
N SER A 2 -6.26 -23.00 -13.66
CA SER A 2 -6.81 -21.81 -14.31
C SER A 2 -7.41 -20.86 -13.27
N SER A 3 -8.39 -21.36 -12.52
CA SER A 3 -9.05 -20.57 -11.48
C SER A 3 -8.36 -20.75 -10.14
N GLY A 4 -8.60 -19.81 -9.22
CA GLY A 4 -7.99 -19.88 -7.91
C GLY A 4 -6.85 -18.90 -7.74
N SER A 5 -6.37 -18.76 -6.52
CA SER A 5 -5.27 -17.85 -6.22
C SER A 5 -4.35 -18.42 -5.15
N SER A 6 -3.05 -18.27 -5.34
CA SER A 6 -2.07 -18.76 -4.38
C SER A 6 -1.56 -17.64 -3.49
N GLY A 7 -1.14 -18.01 -2.28
CA GLY A 7 -0.63 -17.01 -1.35
C GLY A 7 0.18 -17.64 -0.22
N ASN A 8 1.42 -18.01 -0.52
CA ASN A 8 2.28 -18.63 0.48
C ASN A 8 3.26 -17.60 1.06
N ALA A 9 4.11 -17.05 0.20
CA ALA A 9 5.09 -16.06 0.62
C ALA A 9 4.40 -14.78 1.10
N PRO A 10 5.00 -14.11 2.09
CA PRO A 10 4.47 -12.87 2.64
C PRO A 10 4.57 -11.70 1.66
N LYS A 11 3.45 -11.01 1.46
CA LYS A 11 3.40 -9.87 0.56
C LYS A 11 4.01 -8.63 1.20
N ARG A 12 4.96 -8.01 0.50
CA ARG A 12 5.62 -6.81 1.01
C ARG A 12 4.60 -5.81 1.53
N PRO A 13 4.92 -5.16 2.66
CA PRO A 13 4.04 -4.17 3.28
C PRO A 13 3.96 -2.88 2.46
N PRO A 14 2.79 -2.21 2.53
CA PRO A 14 2.57 -0.96 1.80
C PRO A 14 3.38 0.20 2.36
N SER A 15 3.67 1.19 1.52
CA SER A 15 4.44 2.34 1.94
C SER A 15 3.53 3.54 2.22
N GLY A 16 4.01 4.46 3.04
CA GLY A 16 3.22 5.64 3.36
C GLY A 16 2.49 6.21 2.17
N PHE A 17 3.06 6.03 0.98
CA PHE A 17 2.46 6.52 -0.24
C PHE A 17 1.28 5.65 -0.66
N PHE A 18 1.41 4.35 -0.45
CA PHE A 18 0.36 3.40 -0.82
C PHE A 18 -0.79 3.46 0.20
N LEU A 19 -0.46 3.25 1.46
CA LEU A 19 -1.46 3.28 2.53
C LEU A 19 -2.49 4.38 2.29
N PHE A 20 -2.01 5.51 1.78
CA PHE A 20 -2.89 6.65 1.50
C PHE A 20 -3.64 6.44 0.20
N CYS A 21 -2.99 5.85 -0.78
CA CYS A 21 -3.60 5.59 -2.08
C CYS A 21 -4.72 4.57 -1.96
N SER A 22 -4.57 3.63 -1.03
CA SER A 22 -5.56 2.60 -0.81
C SER A 22 -6.71 3.11 0.06
N GLU A 23 -6.45 4.20 0.78
CA GLU A 23 -7.45 4.79 1.65
C GLU A 23 -8.26 5.86 0.91
N PHE A 24 -7.64 6.46 -0.09
CA PHE A 24 -8.30 7.50 -0.89
C PHE A 24 -8.91 6.91 -2.16
N ARG A 25 -8.60 5.64 -2.42
CA ARG A 25 -9.11 4.96 -3.61
C ARG A 25 -10.63 4.95 -3.62
N PRO A 26 -11.24 4.62 -2.46
CA PRO A 26 -12.69 4.57 -2.31
C PRO A 26 -13.38 5.81 -2.87
N LYS A 27 -12.88 6.98 -2.48
CA LYS A 27 -13.45 8.24 -2.95
C LYS A 27 -13.41 8.33 -4.47
N ILE A 28 -12.20 8.21 -5.03
CA ILE A 28 -12.03 8.27 -6.47
C ILE A 28 -12.92 7.27 -7.18
N LYS A 29 -13.10 6.10 -6.57
CA LYS A 29 -13.93 5.04 -7.14
C LYS A 29 -15.41 5.41 -7.02
N SER A 30 -15.72 6.35 -6.14
CA SER A 30 -17.10 6.78 -5.94
C SER A 30 -17.40 8.04 -6.74
N THR A 31 -16.35 8.81 -7.04
CA THR A 31 -16.50 10.05 -7.80
C THR A 31 -16.38 9.79 -9.29
N ASN A 32 -15.45 8.90 -9.67
CA ASN A 32 -15.23 8.56 -11.06
C ASN A 32 -15.86 7.22 -11.40
N PRO A 33 -17.08 7.26 -11.95
CA PRO A 33 -17.82 6.04 -12.33
C PRO A 33 -17.20 5.35 -13.53
N GLY A 34 -16.79 4.10 -13.35
CA GLY A 34 -16.20 3.34 -14.43
C GLY A 34 -14.78 3.81 -14.75
N ILE A 35 -14.01 4.09 -13.71
CA ILE A 35 -12.63 4.55 -13.89
C ILE A 35 -11.70 3.38 -14.13
N SER A 36 -10.59 3.65 -14.82
CA SER A 36 -9.61 2.62 -15.13
C SER A 36 -8.40 2.72 -14.20
N ILE A 37 -7.85 1.58 -13.81
CA ILE A 37 -6.70 1.55 -12.93
C ILE A 37 -5.77 2.72 -13.19
N GLY A 38 -5.28 2.82 -14.42
CA GLY A 38 -4.39 3.91 -14.77
C GLY A 38 -4.85 5.24 -14.23
N ASP A 39 -6.10 5.58 -14.51
CA ASP A 39 -6.67 6.85 -14.04
C ASP A 39 -6.44 7.02 -12.54
N VAL A 40 -7.06 6.16 -11.74
CA VAL A 40 -6.92 6.22 -10.29
C VAL A 40 -5.45 6.29 -9.88
N ALA A 41 -4.62 5.52 -10.57
CA ALA A 41 -3.19 5.50 -10.28
C ALA A 41 -2.56 6.88 -10.51
N LYS A 42 -2.88 7.49 -11.63
CA LYS A 42 -2.36 8.80 -11.97
C LYS A 42 -2.74 9.83 -10.91
N LYS A 43 -4.04 9.94 -10.65
CA LYS A 43 -4.54 10.88 -9.65
C LYS A 43 -3.84 10.69 -8.32
N LEU A 44 -3.98 9.49 -7.75
CA LEU A 44 -3.35 9.17 -6.47
C LEU A 44 -1.98 9.81 -6.36
N GLY A 45 -1.07 9.43 -7.25
CA GLY A 45 0.26 9.98 -7.23
C GLY A 45 0.28 11.47 -6.96
N GLU A 46 -0.66 12.19 -7.59
CA GLU A 46 -0.74 13.64 -7.40
C GLU A 46 -1.22 13.98 -5.99
N MET A 47 -2.38 13.44 -5.62
CA MET A 47 -2.95 13.69 -4.31
C MET A 47 -1.92 13.42 -3.21
N TRP A 48 -1.00 12.49 -3.49
CA TRP A 48 0.03 12.15 -2.52
C TRP A 48 1.06 13.27 -2.38
N ASN A 49 1.64 13.68 -3.50
CA ASN A 49 2.63 14.75 -3.51
C ASN A 49 2.06 16.01 -2.88
N ASN A 50 0.82 16.34 -3.23
CA ASN A 50 0.16 17.53 -2.69
C ASN A 50 0.24 17.56 -1.18
N LEU A 51 -0.03 16.42 -0.55
CA LEU A 51 0.00 16.32 0.91
C LEU A 51 1.20 17.09 1.47
N ASN A 52 1.14 17.38 2.77
CA ASN A 52 2.22 18.11 3.43
C ASN A 52 3.05 17.18 4.31
N ASP A 53 4.30 17.55 4.54
CA ASP A 53 5.20 16.75 5.37
C ASP A 53 4.53 16.38 6.69
N SER A 54 3.60 17.21 7.13
CA SER A 54 2.89 16.97 8.39
C SER A 54 1.75 15.97 8.20
N GLU A 55 1.21 15.94 6.98
CA GLU A 55 0.11 15.02 6.65
C GLU A 55 0.64 13.61 6.41
N LYS A 56 1.83 13.53 5.84
CA LYS A 56 2.44 12.23 5.54
C LYS A 56 3.04 11.62 6.80
N GLN A 57 3.32 12.46 7.79
CA GLN A 57 3.90 11.99 9.05
C GLN A 57 3.19 10.73 9.54
N PRO A 58 1.86 10.83 9.74
CA PRO A 58 1.05 9.71 10.20
C PRO A 58 0.90 8.62 9.14
N TYR A 59 1.35 8.92 7.92
CA TYR A 59 1.26 7.97 6.83
C TYR A 59 2.57 7.19 6.69
N ILE A 60 3.67 7.82 7.07
CA ILE A 60 4.98 7.19 6.98
C ILE A 60 5.28 6.36 8.22
N THR A 61 4.77 6.81 9.37
CA THR A 61 4.98 6.10 10.63
C THR A 61 4.26 4.76 10.62
N LYS A 62 3.07 4.73 10.06
CA LYS A 62 2.28 3.51 9.98
C LYS A 62 3.03 2.42 9.22
N ALA A 63 3.54 2.77 8.05
CA ALA A 63 4.29 1.83 7.22
C ALA A 63 5.46 1.24 7.98
N ALA A 64 6.21 2.09 8.68
CA ALA A 64 7.36 1.65 9.46
C ALA A 64 7.00 0.45 10.32
N LYS A 65 5.80 0.45 10.87
CA LYS A 65 5.34 -0.65 11.72
C LYS A 65 5.08 -1.91 10.89
N LEU A 66 4.28 -1.76 9.84
CA LEU A 66 3.96 -2.88 8.96
C LEU A 66 5.21 -3.65 8.58
N LYS A 67 6.32 -2.94 8.42
CA LYS A 67 7.59 -3.56 8.05
C LYS A 67 8.06 -4.51 9.15
N GLU A 68 7.99 -4.05 10.39
CA GLU A 68 8.41 -4.87 11.53
C GLU A 68 7.84 -6.28 11.43
N LYS A 69 6.52 -6.37 11.24
CA LYS A 69 5.84 -7.65 11.13
C LYS A 69 6.35 -8.42 9.91
N TYR A 70 6.54 -7.72 8.80
CA TYR A 70 7.01 -8.34 7.57
C TYR A 70 8.33 -9.06 7.80
N GLU A 71 9.32 -8.33 8.30
CA GLU A 71 10.63 -8.89 8.57
C GLU A 71 10.51 -10.29 9.19
N LYS A 72 9.61 -10.41 10.16
CA LYS A 72 9.38 -11.68 10.84
C LYS A 72 9.08 -12.79 9.84
N ASP A 73 8.01 -12.60 9.06
CA ASP A 73 7.61 -13.57 8.05
C ASP A 73 8.74 -13.82 7.05
N VAL A 74 9.32 -12.73 6.55
CA VAL A 74 10.41 -12.83 5.57
C VAL A 74 11.55 -13.67 6.12
N ALA A 75 11.81 -13.55 7.42
CA ALA A 75 12.88 -14.31 8.06
C ALA A 75 12.50 -15.78 8.22
N ASP A 76 11.42 -16.03 8.95
CA ASP A 76 10.95 -17.40 9.17
C ASP A 76 10.81 -18.14 7.84
N TYR A 77 10.14 -17.51 6.89
CA TYR A 77 9.92 -18.12 5.58
C TYR A 77 11.20 -18.79 5.07
N LYS A 78 12.34 -18.20 5.40
CA LYS A 78 13.63 -18.74 4.98
C LYS A 78 13.94 -20.04 5.73
N SER A 79 14.61 -20.96 5.05
CA SER A 79 14.97 -22.24 5.65
C SER A 79 13.72 -23.00 6.08
N LYS A 80 12.73 -23.04 5.19
CA LYS A 80 11.48 -23.74 5.47
C LYS A 80 11.60 -25.22 5.13
N GLY A 81 11.10 -26.08 6.02
CA GLY A 81 11.17 -27.51 5.80
C GLY A 81 10.03 -28.26 6.46
N GLY A 1 -7.47 -10.98 -3.49
CA GLY A 1 -8.65 -10.34 -4.02
C GLY A 1 -8.88 -8.95 -3.44
N SER A 2 -9.85 -8.24 -4.01
CA SER A 2 -10.16 -6.89 -3.54
C SER A 2 -10.59 -6.89 -2.07
N SER A 3 -11.52 -7.78 -1.75
CA SER A 3 -12.01 -7.90 -0.38
C SER A 3 -11.45 -9.14 0.30
N GLY A 4 -10.29 -8.98 0.93
CA GLY A 4 -9.66 -10.10 1.61
C GLY A 4 -8.26 -10.37 1.11
N SER A 5 -7.61 -11.37 1.69
CA SER A 5 -6.24 -11.73 1.30
C SER A 5 -5.90 -13.15 1.74
N SER A 6 -5.16 -13.86 0.92
CA SER A 6 -4.76 -15.23 1.22
C SER A 6 -3.34 -15.51 0.73
N GLY A 7 -2.69 -16.48 1.36
CA GLY A 7 -1.33 -16.83 1.00
C GLY A 7 -0.43 -17.03 2.20
N ASN A 8 -0.23 -18.30 2.58
CA ASN A 8 0.61 -18.62 3.72
C ASN A 8 1.84 -17.72 3.77
N ALA A 9 2.50 -17.57 2.62
CA ALA A 9 3.69 -16.73 2.54
C ALA A 9 3.34 -15.26 2.68
N PRO A 10 4.22 -14.49 3.34
CA PRO A 10 4.02 -13.06 3.56
C PRO A 10 4.13 -12.25 2.27
N LYS A 11 3.95 -10.94 2.38
CA LYS A 11 4.03 -10.05 1.22
C LYS A 11 4.61 -8.70 1.62
N ARG A 12 5.67 -8.30 0.92
CA ARG A 12 6.32 -7.02 1.20
C ARG A 12 5.29 -5.98 1.63
N PRO A 13 5.63 -5.21 2.68
CA PRO A 13 4.76 -4.17 3.21
C PRO A 13 4.64 -2.97 2.27
N PRO A 14 3.47 -2.31 2.28
CA PRO A 14 3.21 -1.14 1.43
C PRO A 14 4.02 0.08 1.86
N SER A 15 3.90 1.15 1.09
CA SER A 15 4.62 2.38 1.39
C SER A 15 3.65 3.49 1.81
N GLY A 16 4.20 4.56 2.38
CA GLY A 16 3.37 5.68 2.81
C GLY A 16 2.45 6.17 1.71
N PHE A 17 2.95 6.18 0.48
CA PHE A 17 2.15 6.64 -0.65
C PHE A 17 1.08 5.60 -1.03
N PHE A 18 1.40 4.33 -0.82
CA PHE A 18 0.47 3.25 -1.13
C PHE A 18 -0.68 3.23 -0.13
N LEU A 19 -0.35 3.20 1.16
CA LEU A 19 -1.36 3.18 2.21
C LEU A 19 -2.44 4.21 1.95
N PHE A 20 -2.04 5.48 1.83
CA PHE A 20 -2.98 6.56 1.58
C PHE A 20 -3.72 6.34 0.26
N CYS A 21 -3.02 5.80 -0.73
CA CYS A 21 -3.61 5.54 -2.03
C CYS A 21 -4.79 4.57 -1.92
N SER A 22 -4.55 3.43 -1.28
CA SER A 22 -5.59 2.43 -1.09
C SER A 22 -6.69 2.95 -0.19
N GLU A 23 -6.36 3.91 0.66
CA GLU A 23 -7.32 4.48 1.59
C GLU A 23 -8.19 5.53 0.88
N PHE A 24 -7.58 6.26 -0.05
CA PHE A 24 -8.29 7.29 -0.79
C PHE A 24 -8.88 6.74 -2.08
N ARG A 25 -8.43 5.53 -2.46
CA ARG A 25 -8.92 4.89 -3.66
C ARG A 25 -10.44 4.79 -3.66
N PRO A 26 -11.00 4.38 -2.51
CA PRO A 26 -12.46 4.22 -2.35
C PRO A 26 -13.22 5.44 -2.85
N LYS A 27 -12.75 6.63 -2.46
CA LYS A 27 -13.40 7.87 -2.86
C LYS A 27 -13.29 8.07 -4.37
N ILE A 28 -12.07 8.05 -4.88
CA ILE A 28 -11.85 8.22 -6.31
C ILE A 28 -12.77 7.33 -7.12
N LYS A 29 -12.91 6.07 -6.70
CA LYS A 29 -13.76 5.12 -7.39
C LYS A 29 -15.23 5.42 -7.13
N SER A 30 -15.50 6.19 -6.08
CA SER A 30 -16.87 6.56 -5.72
C SER A 30 -17.23 7.92 -6.30
N THR A 31 -16.23 8.64 -6.78
CA THR A 31 -16.45 9.96 -7.35
C THR A 31 -16.35 9.94 -8.88
N ASN A 32 -15.40 9.16 -9.38
CA ASN A 32 -15.20 9.04 -10.83
C ASN A 32 -16.01 7.89 -11.39
N PRO A 33 -16.72 8.15 -12.50
CA PRO A 33 -17.54 7.14 -13.17
C PRO A 33 -16.72 6.04 -13.83
N GLY A 34 -16.92 4.81 -13.40
CA GLY A 34 -16.18 3.70 -13.97
C GLY A 34 -14.76 4.07 -14.34
N ILE A 35 -14.05 4.67 -13.40
CA ILE A 35 -12.67 5.09 -13.63
C ILE A 35 -11.78 3.88 -13.95
N SER A 36 -10.76 4.11 -14.76
CA SER A 36 -9.84 3.05 -15.14
C SER A 36 -8.62 3.04 -14.23
N ILE A 37 -8.18 1.83 -13.85
CA ILE A 37 -7.03 1.68 -12.98
C ILE A 37 -5.98 2.76 -13.25
N GLY A 38 -5.66 2.95 -14.52
CA GLY A 38 -4.68 3.95 -14.91
C GLY A 38 -5.03 5.33 -14.39
N ASP A 39 -6.26 5.77 -14.67
CA ASP A 39 -6.72 7.08 -14.24
C ASP A 39 -6.45 7.29 -12.75
N VAL A 40 -6.97 6.37 -11.93
CA VAL A 40 -6.80 6.45 -10.49
C VAL A 40 -5.33 6.67 -10.13
N ALA A 41 -4.44 5.99 -10.85
CA ALA A 41 -3.01 6.12 -10.60
C ALA A 41 -2.55 7.56 -10.78
N LYS A 42 -2.93 8.17 -11.90
CA LYS A 42 -2.55 9.55 -12.18
C LYS A 42 -3.00 10.48 -11.04
N LYS A 43 -4.27 10.37 -10.66
CA LYS A 43 -4.83 11.19 -9.60
C LYS A 43 -4.09 10.95 -8.28
N LEU A 44 -4.01 9.69 -7.87
CA LEU A 44 -3.33 9.32 -6.64
C LEU A 44 -2.01 10.06 -6.50
N GLY A 45 -1.19 9.98 -7.54
CA GLY A 45 0.10 10.65 -7.52
C GLY A 45 -0.01 12.12 -7.14
N GLU A 46 -0.97 12.82 -7.74
CA GLU A 46 -1.17 14.23 -7.48
C GLU A 46 -1.61 14.44 -6.02
N MET A 47 -2.69 13.77 -5.63
CA MET A 47 -3.21 13.89 -4.27
C MET A 47 -2.08 13.75 -3.25
N TRP A 48 -1.19 12.80 -3.49
CA TRP A 48 -0.06 12.56 -2.59
C TRP A 48 0.87 13.76 -2.56
N ASN A 49 1.43 14.10 -3.72
CA ASN A 49 2.34 15.23 -3.84
C ASN A 49 1.75 16.48 -3.19
N ASN A 50 0.42 16.53 -3.11
CA ASN A 50 -0.27 17.66 -2.53
C ASN A 50 -0.16 17.63 -1.01
N LEU A 51 -0.28 16.43 -0.43
CA LEU A 51 -0.19 16.27 1.01
C LEU A 51 1.02 17.00 1.58
N ASN A 52 0.94 17.38 2.85
CA ASN A 52 2.03 18.09 3.51
C ASN A 52 2.90 17.12 4.31
N ASP A 53 4.08 17.59 4.71
CA ASP A 53 5.01 16.77 5.48
C ASP A 53 4.36 16.31 6.78
N SER A 54 3.26 16.94 7.15
CA SER A 54 2.55 16.60 8.38
C SER A 54 1.41 15.64 8.09
N GLU A 55 0.98 15.59 6.83
CA GLU A 55 -0.11 14.71 6.43
C GLU A 55 0.40 13.29 6.18
N LYS A 56 1.61 13.19 5.64
CA LYS A 56 2.21 11.89 5.35
C LYS A 56 2.79 11.27 6.62
N GLN A 57 3.08 12.10 7.60
CA GLN A 57 3.64 11.62 8.87
C GLN A 57 2.94 10.35 9.32
N PRO A 58 1.61 10.44 9.50
CA PRO A 58 0.80 9.30 9.94
C PRO A 58 0.68 8.22 8.87
N TYR A 59 1.10 8.55 7.65
CA TYR A 59 1.04 7.62 6.54
C TYR A 59 2.37 6.90 6.37
N ILE A 60 3.44 7.52 6.84
CA ILE A 60 4.77 6.93 6.75
C ILE A 60 5.05 6.00 7.93
N THR A 61 4.76 6.47 9.13
CA THR A 61 4.98 5.70 10.34
C THR A 61 4.25 4.35 10.27
N LYS A 62 3.07 4.36 9.66
CA LYS A 62 2.28 3.14 9.52
C LYS A 62 3.07 2.05 8.80
N ALA A 63 3.66 2.41 7.66
CA ALA A 63 4.44 1.46 6.88
C ALA A 63 5.58 0.89 7.71
N ALA A 64 6.14 1.71 8.59
CA ALA A 64 7.25 1.28 9.45
C ALA A 64 6.81 0.15 10.37
N LYS A 65 5.59 0.23 10.88
CA LYS A 65 5.05 -0.79 11.77
C LYS A 65 4.78 -2.08 11.02
N LEU A 66 4.66 -1.99 9.70
CA LEU A 66 4.40 -3.16 8.87
C LEU A 66 5.71 -3.88 8.53
N LYS A 67 6.78 -3.11 8.36
CA LYS A 67 8.09 -3.68 8.05
C LYS A 67 8.58 -4.57 9.18
N GLU A 68 8.40 -4.11 10.42
CA GLU A 68 8.82 -4.87 11.58
C GLU A 68 8.19 -6.26 11.59
N LYS A 69 6.98 -6.35 11.07
CA LYS A 69 6.26 -7.62 11.01
C LYS A 69 6.75 -8.47 9.85
N TYR A 70 6.84 -7.87 8.68
CA TYR A 70 7.31 -8.56 7.49
C TYR A 70 8.68 -9.19 7.71
N GLU A 71 9.61 -8.38 8.20
CA GLU A 71 10.96 -8.85 8.47
C GLU A 71 10.96 -9.99 9.47
N LYS A 72 9.93 -10.04 10.30
CA LYS A 72 9.80 -11.08 11.30
C LYS A 72 9.34 -12.40 10.67
N ASP A 73 8.32 -12.31 9.83
CA ASP A 73 7.79 -13.49 9.16
C ASP A 73 8.73 -13.97 8.05
N VAL A 74 9.46 -13.02 7.46
CA VAL A 74 10.40 -13.32 6.39
C VAL A 74 11.55 -14.19 6.90
N ALA A 75 12.07 -13.84 8.07
CA ALA A 75 13.17 -14.58 8.67
C ALA A 75 12.71 -15.95 9.15
N ASP A 76 11.56 -15.99 9.82
CA ASP A 76 11.01 -17.24 10.32
C ASP A 76 10.67 -18.19 9.17
N TYR A 77 10.29 -17.63 8.04
CA TYR A 77 9.94 -18.42 6.86
C TYR A 77 11.18 -19.04 6.23
N LYS A 78 12.09 -18.19 5.78
CA LYS A 78 13.32 -18.66 5.16
C LYS A 78 14.05 -19.64 6.05
N SER A 79 14.14 -19.32 7.34
CA SER A 79 14.81 -20.19 8.30
C SER A 79 13.80 -20.94 9.16
N LYS A 80 13.47 -22.16 8.75
CA LYS A 80 12.52 -22.99 9.48
C LYS A 80 13.00 -23.23 10.91
N GLY A 81 12.32 -22.60 11.86
CA GLY A 81 12.69 -22.76 13.26
C GLY A 81 12.24 -21.59 14.12
N GLY A 1 -7.90 -16.80 -2.00
CA GLY A 1 -7.28 -16.16 -3.15
C GLY A 1 -5.78 -16.04 -3.00
N SER A 2 -5.04 -16.62 -3.93
CA SER A 2 -3.58 -16.56 -3.91
C SER A 2 -3.05 -15.55 -4.90
N SER A 3 -1.75 -15.29 -4.85
CA SER A 3 -1.11 -14.33 -5.74
C SER A 3 0.37 -14.63 -5.89
N GLY A 4 0.85 -14.69 -7.13
CA GLY A 4 2.25 -14.96 -7.39
C GLY A 4 2.55 -16.45 -7.46
N SER A 5 2.75 -16.95 -8.68
CA SER A 5 3.05 -18.36 -8.87
C SER A 5 4.00 -18.88 -7.81
N SER A 6 3.70 -20.07 -7.28
CA SER A 6 4.54 -20.67 -6.24
C SER A 6 5.03 -19.63 -5.26
N GLY A 7 4.10 -18.85 -4.71
CA GLY A 7 4.46 -17.82 -3.76
C GLY A 7 4.52 -18.34 -2.33
N ASN A 8 3.35 -18.57 -1.74
CA ASN A 8 3.28 -19.06 -0.36
C ASN A 8 4.37 -18.44 0.50
N ALA A 9 4.51 -17.12 0.40
CA ALA A 9 5.50 -16.39 1.18
C ALA A 9 5.07 -14.95 1.43
N PRO A 10 5.75 -14.29 2.38
CA PRO A 10 5.45 -12.89 2.73
C PRO A 10 5.84 -11.91 1.63
N LYS A 11 5.00 -10.91 1.42
CA LYS A 11 5.25 -9.90 0.39
C LYS A 11 5.64 -8.57 1.01
N ARG A 12 6.29 -7.72 0.23
CA ARG A 12 6.72 -6.41 0.71
C ARG A 12 5.55 -5.62 1.28
N PRO A 13 5.77 -5.00 2.45
CA PRO A 13 4.73 -4.20 3.12
C PRO A 13 4.41 -2.91 2.38
N PRO A 14 3.15 -2.47 2.47
CA PRO A 14 2.69 -1.25 1.81
C PRO A 14 3.27 0.00 2.44
N SER A 15 3.66 0.96 1.61
CA SER A 15 4.24 2.21 2.08
C SER A 15 3.15 3.24 2.34
N GLY A 16 3.49 4.28 3.10
CA GLY A 16 2.53 5.32 3.42
C GLY A 16 1.85 5.88 2.18
N PHE A 17 2.57 5.89 1.07
CA PHE A 17 2.02 6.40 -0.18
C PHE A 17 0.89 5.51 -0.68
N PHE A 18 0.92 4.25 -0.28
CA PHE A 18 -0.11 3.30 -0.68
C PHE A 18 -1.28 3.31 0.29
N LEU A 19 -0.97 3.27 1.59
CA LEU A 19 -1.99 3.28 2.62
C LEU A 19 -3.00 4.41 2.38
N PHE A 20 -2.49 5.56 1.94
CA PHE A 20 -3.34 6.71 1.67
C PHE A 20 -4.07 6.55 0.33
N CYS A 21 -3.37 6.00 -0.65
CA CYS A 21 -3.96 5.79 -1.98
C CYS A 21 -5.14 4.83 -1.90
N SER A 22 -5.02 3.81 -1.06
CA SER A 22 -6.08 2.82 -0.89
C SER A 22 -7.23 3.38 -0.06
N GLU A 23 -6.93 4.40 0.74
CA GLU A 23 -7.93 5.02 1.59
C GLU A 23 -8.70 6.09 0.82
N PHE A 24 -8.03 6.73 -0.13
CA PHE A 24 -8.65 7.78 -0.93
C PHE A 24 -9.23 7.21 -2.22
N ARG A 25 -8.88 5.96 -2.53
CA ARG A 25 -9.36 5.31 -3.73
C ARG A 25 -10.89 5.28 -3.76
N PRO A 26 -11.50 4.93 -2.62
CA PRO A 26 -12.95 4.86 -2.49
C PRO A 26 -13.65 6.11 -3.04
N LYS A 27 -13.14 7.28 -2.65
CA LYS A 27 -13.71 8.54 -3.11
C LYS A 27 -13.56 8.69 -4.62
N ILE A 28 -12.34 8.48 -5.11
CA ILE A 28 -12.07 8.58 -6.54
C ILE A 28 -12.99 7.68 -7.34
N LYS A 29 -13.15 6.44 -6.87
CA LYS A 29 -14.00 5.46 -7.54
C LYS A 29 -15.47 5.83 -7.39
N SER A 30 -15.76 6.68 -6.41
CA SER A 30 -17.13 7.11 -6.16
C SER A 30 -17.42 8.44 -6.83
N THR A 31 -16.36 9.11 -7.29
CA THR A 31 -16.51 10.40 -7.95
C THR A 31 -16.44 10.25 -9.47
N ASN A 32 -15.51 9.43 -9.95
CA ASN A 32 -15.35 9.19 -11.38
C ASN A 32 -16.21 8.02 -11.84
N PRO A 33 -16.95 8.22 -12.94
CA PRO A 33 -17.82 7.19 -13.51
C PRO A 33 -17.03 6.04 -14.12
N GLY A 34 -17.21 4.85 -13.55
CA GLY A 34 -16.51 3.68 -14.05
C GLY A 34 -15.06 3.97 -14.39
N ILE A 35 -14.34 4.58 -13.45
CA ILE A 35 -12.94 4.92 -13.65
C ILE A 35 -12.10 3.67 -13.85
N SER A 36 -10.98 3.81 -14.54
CA SER A 36 -10.08 2.69 -14.80
C SER A 36 -8.90 2.70 -13.83
N ILE A 37 -8.39 1.51 -13.52
CA ILE A 37 -7.26 1.39 -12.61
C ILE A 37 -6.15 2.38 -12.96
N GLY A 38 -5.85 2.48 -14.25
CA GLY A 38 -4.81 3.38 -14.70
C GLY A 38 -5.10 4.82 -14.34
N ASP A 39 -6.38 5.19 -14.38
CA ASP A 39 -6.79 6.56 -14.04
C ASP A 39 -6.53 6.86 -12.57
N VAL A 40 -7.19 6.12 -11.69
CA VAL A 40 -7.02 6.32 -10.25
C VAL A 40 -5.55 6.44 -9.88
N ALA A 41 -4.73 5.58 -10.48
CA ALA A 41 -3.29 5.59 -10.21
C ALA A 41 -2.69 6.97 -10.48
N LYS A 42 -3.02 7.53 -11.63
CA LYS A 42 -2.51 8.86 -12.00
C LYS A 42 -2.91 9.91 -10.97
N LYS A 43 -4.21 9.98 -10.67
CA LYS A 43 -4.70 10.94 -9.69
C LYS A 43 -4.02 10.76 -8.35
N LEU A 44 -4.03 9.53 -7.84
CA LEU A 44 -3.41 9.22 -6.56
C LEU A 44 -2.00 9.82 -6.48
N GLY A 45 -1.13 9.37 -7.38
CA GLY A 45 0.24 9.87 -7.40
C GLY A 45 0.31 11.37 -7.12
N GLU A 46 -0.54 12.13 -7.80
CA GLU A 46 -0.57 13.58 -7.63
C GLU A 46 -0.99 13.95 -6.21
N MET A 47 -2.14 13.43 -5.79
CA MET A 47 -2.66 13.71 -4.45
C MET A 47 -1.59 13.47 -3.39
N TRP A 48 -0.84 12.38 -3.55
CA TRP A 48 0.21 12.05 -2.60
C TRP A 48 1.27 13.15 -2.54
N ASN A 49 1.88 13.43 -3.68
CA ASN A 49 2.90 14.47 -3.76
C ASN A 49 2.40 15.79 -3.17
N ASN A 50 1.11 16.03 -3.34
CA ASN A 50 0.49 17.26 -2.82
C ASN A 50 0.60 17.32 -1.29
N LEU A 51 0.41 16.17 -0.65
CA LEU A 51 0.48 16.10 0.81
C LEU A 51 1.81 16.66 1.31
N ASN A 52 1.78 17.22 2.51
CA ASN A 52 2.99 17.79 3.11
C ASN A 52 3.72 16.75 3.97
N ASP A 53 4.91 17.11 4.44
CA ASP A 53 5.69 16.21 5.27
C ASP A 53 4.97 15.89 6.58
N SER A 54 4.12 16.82 7.02
CA SER A 54 3.38 16.64 8.26
C SER A 54 2.10 15.85 8.01
N GLU A 55 1.71 15.76 6.74
CA GLU A 55 0.50 15.02 6.37
C GLU A 55 0.80 13.54 6.20
N LYS A 56 2.00 13.24 5.70
CA LYS A 56 2.41 11.86 5.47
C LYS A 56 2.94 11.24 6.77
N GLN A 57 3.33 12.09 7.71
CA GLN A 57 3.86 11.61 8.98
C GLN A 57 3.04 10.44 9.51
N PRO A 58 1.73 10.68 9.71
CA PRO A 58 0.80 9.66 10.21
C PRO A 58 0.55 8.55 9.20
N TYR A 59 1.00 8.77 7.96
CA TYR A 59 0.83 7.79 6.90
C TYR A 59 2.06 6.92 6.75
N ILE A 60 3.20 7.43 7.19
CA ILE A 60 4.45 6.70 7.11
C ILE A 60 4.70 5.89 8.39
N THR A 61 4.46 6.53 9.53
CA THR A 61 4.66 5.87 10.82
C THR A 61 3.82 4.59 10.92
N LYS A 62 2.65 4.61 10.30
CA LYS A 62 1.76 3.45 10.30
C LYS A 62 2.34 2.30 9.49
N ALA A 63 2.95 2.64 8.36
CA ALA A 63 3.56 1.64 7.49
C ALA A 63 4.80 1.03 8.14
N ALA A 64 5.33 1.71 9.15
CA ALA A 64 6.51 1.23 9.85
C ALA A 64 6.21 -0.04 10.64
N LYS A 65 5.11 -0.03 11.37
CA LYS A 65 4.70 -1.19 12.16
C LYS A 65 4.55 -2.43 11.28
N LEU A 66 4.07 -2.22 10.05
CA LEU A 66 3.88 -3.32 9.11
C LEU A 66 5.22 -3.93 8.72
N LYS A 67 6.20 -3.08 8.44
CA LYS A 67 7.53 -3.54 8.05
C LYS A 67 8.17 -4.38 9.16
N GLU A 68 7.98 -3.94 10.40
CA GLU A 68 8.54 -4.64 11.55
C GLU A 68 8.10 -6.11 11.55
N LYS A 69 6.84 -6.35 11.22
CA LYS A 69 6.30 -7.70 11.17
C LYS A 69 6.80 -8.45 9.95
N TYR A 70 6.99 -7.71 8.85
CA TYR A 70 7.46 -8.30 7.60
C TYR A 70 8.82 -8.96 7.79
N GLU A 71 9.79 -8.18 8.29
CA GLU A 71 11.13 -8.69 8.51
C GLU A 71 11.10 -9.93 9.41
N LYS A 72 10.21 -9.93 10.39
CA LYS A 72 10.08 -11.05 11.31
C LYS A 72 9.64 -12.31 10.57
N ASP A 73 9.07 -12.13 9.38
CA ASP A 73 8.62 -13.25 8.57
C ASP A 73 9.69 -13.68 7.58
N VAL A 74 10.00 -12.79 6.63
CA VAL A 74 11.00 -13.08 5.62
C VAL A 74 12.24 -13.73 6.23
N ALA A 75 12.54 -13.34 7.46
CA ALA A 75 13.70 -13.89 8.17
C ALA A 75 13.38 -15.25 8.79
N ASP A 76 12.32 -15.31 9.59
CA ASP A 76 11.91 -16.54 10.23
C ASP A 76 11.54 -17.60 9.18
N TYR A 77 11.43 -17.17 7.93
CA TYR A 77 11.08 -18.07 6.85
C TYR A 77 12.26 -18.94 6.45
N LYS A 78 13.39 -18.30 6.16
CA LYS A 78 14.60 -19.01 5.77
C LYS A 78 15.27 -19.65 6.98
N SER A 79 14.68 -20.74 7.47
CA SER A 79 15.21 -21.45 8.63
C SER A 79 16.52 -22.15 8.28
N LYS A 80 16.64 -22.56 7.03
CA LYS A 80 17.85 -23.25 6.57
C LYS A 80 19.04 -22.29 6.51
N GLY A 81 20.24 -22.83 6.68
CA GLY A 81 21.43 -22.01 6.65
C GLY A 81 22.39 -22.33 7.77
N GLY A 1 -14.11 -14.28 -7.89
CA GLY A 1 -14.77 -14.45 -6.61
C GLY A 1 -13.79 -14.48 -5.44
N SER A 2 -12.92 -15.48 -5.45
CA SER A 2 -11.93 -15.63 -4.38
C SER A 2 -10.63 -16.21 -4.93
N SER A 3 -9.60 -16.25 -4.10
CA SER A 3 -8.30 -16.78 -4.49
C SER A 3 -7.87 -17.93 -3.58
N GLY A 4 -7.83 -17.65 -2.28
CA GLY A 4 -7.43 -18.66 -1.32
C GLY A 4 -6.40 -18.17 -0.33
N SER A 5 -5.16 -18.06 -0.78
CA SER A 5 -4.07 -17.60 0.07
C SER A 5 -3.01 -16.88 -0.76
N SER A 6 -2.63 -15.68 -0.32
CA SER A 6 -1.62 -14.89 -1.02
C SER A 6 -0.51 -15.79 -1.56
N GLY A 7 -0.01 -16.68 -0.72
CA GLY A 7 1.04 -17.58 -1.12
C GLY A 7 1.83 -18.13 0.05
N ASN A 8 3.00 -18.70 -0.23
CA ASN A 8 3.85 -19.26 0.81
C ASN A 8 4.70 -18.17 1.47
N ALA A 9 5.40 -17.41 0.64
CA ALA A 9 6.25 -16.33 1.14
C ALA A 9 5.49 -15.02 1.23
N PRO A 10 5.79 -14.22 2.26
CA PRO A 10 5.14 -12.93 2.48
C PRO A 10 5.54 -11.89 1.44
N LYS A 11 4.81 -10.79 1.39
CA LYS A 11 5.08 -9.71 0.45
C LYS A 11 5.50 -8.44 1.16
N ARG A 12 6.51 -7.76 0.64
CA ARG A 12 7.00 -6.52 1.24
C ARG A 12 5.84 -5.67 1.73
N PRO A 13 6.04 -4.98 2.86
CA PRO A 13 5.03 -4.11 3.47
C PRO A 13 4.78 -2.86 2.64
N PRO A 14 3.53 -2.36 2.67
CA PRO A 14 3.14 -1.16 1.93
C PRO A 14 3.76 0.10 2.51
N SER A 15 4.07 1.06 1.64
CA SER A 15 4.66 2.32 2.08
C SER A 15 3.59 3.39 2.28
N GLY A 16 3.88 4.36 3.14
CA GLY A 16 2.94 5.43 3.42
C GLY A 16 2.18 5.87 2.17
N PHE A 17 2.82 5.71 1.01
CA PHE A 17 2.21 6.11 -0.25
C PHE A 17 1.24 5.02 -0.74
N PHE A 18 1.64 3.77 -0.57
CA PHE A 18 0.81 2.65 -1.00
C PHE A 18 -0.45 2.55 -0.15
N LEU A 19 -0.36 2.97 1.12
CA LEU A 19 -1.49 2.93 2.02
C LEU A 19 -2.52 3.99 1.66
N PHE A 20 -2.14 5.26 1.83
CA PHE A 20 -3.02 6.37 1.51
C PHE A 20 -3.67 6.18 0.15
N CYS A 21 -2.91 5.63 -0.80
CA CYS A 21 -3.41 5.40 -2.15
C CYS A 21 -4.60 4.45 -2.13
N SER A 22 -4.38 3.25 -1.58
CA SER A 22 -5.44 2.24 -1.50
C SER A 22 -6.54 2.68 -0.55
N GLU A 23 -6.22 3.64 0.32
CA GLU A 23 -7.19 4.15 1.28
C GLU A 23 -8.03 5.27 0.68
N PHE A 24 -7.44 6.00 -0.26
CA PHE A 24 -8.13 7.10 -0.92
C PHE A 24 -8.73 6.65 -2.24
N ARG A 25 -8.26 5.52 -2.75
CA ARG A 25 -8.74 4.98 -4.01
C ARG A 25 -10.26 4.84 -3.99
N PRO A 26 -10.79 4.30 -2.88
CA PRO A 26 -12.23 4.09 -2.72
C PRO A 26 -13.04 5.34 -3.07
N LYS A 27 -12.62 6.48 -2.54
CA LYS A 27 -13.30 7.75 -2.80
C LYS A 27 -13.24 8.10 -4.29
N ILE A 28 -12.05 7.97 -4.86
CA ILE A 28 -11.85 8.27 -6.27
C ILE A 28 -12.78 7.44 -7.16
N LYS A 29 -13.10 6.24 -6.68
CA LYS A 29 -13.98 5.35 -7.43
C LYS A 29 -15.44 5.75 -7.27
N SER A 30 -15.72 6.52 -6.22
CA SER A 30 -17.08 6.98 -5.95
C SER A 30 -17.29 8.39 -6.48
N THR A 31 -16.19 9.15 -6.58
CA THR A 31 -16.25 10.52 -7.07
C THR A 31 -16.21 10.56 -8.59
N ASN A 32 -15.32 9.77 -9.17
CA ASN A 32 -15.17 9.71 -10.63
C ASN A 32 -16.08 8.64 -11.22
N PRO A 33 -16.83 9.02 -12.26
CA PRO A 33 -17.76 8.10 -12.95
C PRO A 33 -17.03 7.03 -13.74
N GLY A 34 -17.40 5.77 -13.51
CA GLY A 34 -16.77 4.67 -14.21
C GLY A 34 -15.31 4.94 -14.50
N ILE A 35 -14.55 5.31 -13.47
CA ILE A 35 -13.14 5.59 -13.62
C ILE A 35 -12.34 4.32 -13.86
N SER A 36 -11.47 4.34 -14.86
CA SER A 36 -10.65 3.18 -15.20
C SER A 36 -9.45 3.08 -14.27
N ILE A 37 -9.03 1.85 -13.97
CA ILE A 37 -7.89 1.62 -13.10
C ILE A 37 -6.71 2.51 -13.48
N GLY A 38 -6.51 2.68 -14.79
CA GLY A 38 -5.42 3.51 -15.27
C GLY A 38 -5.53 4.95 -14.79
N ASP A 39 -6.76 5.46 -14.75
CA ASP A 39 -6.99 6.84 -14.32
C ASP A 39 -6.66 7.00 -12.84
N VAL A 40 -7.42 6.31 -11.99
CA VAL A 40 -7.21 6.37 -10.54
C VAL A 40 -5.72 6.44 -10.21
N ALA A 41 -4.95 5.55 -10.83
CA ALA A 41 -3.51 5.51 -10.60
C ALA A 41 -2.87 6.87 -10.87
N LYS A 42 -3.32 7.53 -11.92
CA LYS A 42 -2.79 8.85 -12.28
C LYS A 42 -3.07 9.87 -11.18
N LYS A 43 -4.32 9.91 -10.74
CA LYS A 43 -4.73 10.84 -9.69
C LYS A 43 -3.96 10.57 -8.40
N LEU A 44 -4.05 9.35 -7.90
CA LEU A 44 -3.36 8.96 -6.67
C LEU A 44 -2.01 9.67 -6.56
N GLY A 45 -1.16 9.47 -7.57
CA GLY A 45 0.15 10.09 -7.56
C GLY A 45 0.09 11.56 -7.19
N GLU A 46 -0.58 12.35 -8.01
CA GLU A 46 -0.71 13.79 -7.76
C GLU A 46 -1.13 14.05 -6.32
N MET A 47 -2.12 13.31 -5.84
CA MET A 47 -2.61 13.46 -4.48
C MET A 47 -1.47 13.34 -3.47
N TRP A 48 -0.82 12.18 -3.47
CA TRP A 48 0.29 11.93 -2.56
C TRP A 48 1.23 13.13 -2.50
N ASN A 49 1.62 13.63 -3.66
CA ASN A 49 2.51 14.78 -3.75
C ASN A 49 1.88 16.01 -3.11
N ASN A 50 0.61 16.25 -3.43
CA ASN A 50 -0.11 17.40 -2.89
C ASN A 50 -0.03 17.43 -1.37
N LEU A 51 -0.04 16.24 -0.76
CA LEU A 51 0.03 16.13 0.69
C LEU A 51 1.34 16.72 1.22
N ASN A 52 1.32 17.16 2.47
CA ASN A 52 2.50 17.75 3.09
C ASN A 52 3.13 16.78 4.09
N ASP A 53 4.40 17.00 4.41
CA ASP A 53 5.11 16.15 5.36
C ASP A 53 4.24 15.86 6.58
N SER A 54 3.63 16.90 7.14
CA SER A 54 2.77 16.75 8.30
C SER A 54 1.59 15.83 8.00
N GLU A 55 1.14 15.85 6.76
CA GLU A 55 0.01 15.02 6.33
C GLU A 55 0.45 13.57 6.15
N LYS A 56 1.65 13.38 5.62
CA LYS A 56 2.19 12.04 5.38
C LYS A 56 2.77 11.47 6.67
N GLN A 57 3.10 12.35 7.61
CA GLN A 57 3.67 11.92 8.89
C GLN A 57 2.93 10.70 9.42
N PRO A 58 1.61 10.84 9.63
CA PRO A 58 0.77 9.76 10.14
C PRO A 58 0.59 8.63 9.14
N TYR A 59 1.03 8.87 7.91
CA TYR A 59 0.91 7.87 6.84
C TYR A 59 2.20 7.06 6.72
N ILE A 60 3.32 7.66 7.13
CA ILE A 60 4.61 7.00 7.06
C ILE A 60 4.89 6.22 8.33
N THR A 61 4.57 6.82 9.48
CA THR A 61 4.78 6.18 10.77
C THR A 61 3.97 4.90 10.89
N LYS A 62 2.82 4.86 10.21
CA LYS A 62 1.95 3.68 10.25
C LYS A 62 2.61 2.51 9.55
N ALA A 63 3.27 2.78 8.42
CA ALA A 63 3.94 1.74 7.67
C ALA A 63 5.13 1.17 8.43
N ALA A 64 5.77 2.03 9.23
CA ALA A 64 6.93 1.62 10.02
C ALA A 64 6.62 0.38 10.85
N LYS A 65 5.42 0.34 11.43
CA LYS A 65 4.99 -0.78 12.24
C LYS A 65 4.83 -2.04 11.40
N LEU A 66 4.24 -1.88 10.21
CA LEU A 66 4.04 -3.01 9.31
C LEU A 66 5.35 -3.71 8.99
N LYS A 67 6.41 -2.91 8.84
CA LYS A 67 7.73 -3.45 8.54
C LYS A 67 8.14 -4.50 9.57
N GLU A 68 7.92 -4.19 10.85
CA GLU A 68 8.27 -5.10 11.92
C GLU A 68 7.64 -6.47 11.70
N LYS A 69 6.36 -6.48 11.31
CA LYS A 69 5.64 -7.72 11.06
C LYS A 69 6.27 -8.49 9.91
N TYR A 70 6.67 -7.76 8.87
CA TYR A 70 7.28 -8.39 7.70
C TYR A 70 8.64 -9.00 8.05
N GLU A 71 9.57 -8.15 8.46
CA GLU A 71 10.91 -8.61 8.83
C GLU A 71 10.84 -9.94 9.58
N LYS A 72 9.79 -10.11 10.37
CA LYS A 72 9.61 -11.34 11.14
C LYS A 72 9.15 -12.48 10.24
N ASP A 73 7.94 -12.34 9.70
CA ASP A 73 7.38 -13.36 8.81
C ASP A 73 8.41 -13.79 7.77
N VAL A 74 9.30 -12.87 7.40
CA VAL A 74 10.32 -13.15 6.40
C VAL A 74 11.35 -14.14 6.94
N ALA A 75 11.79 -13.92 8.17
CA ALA A 75 12.76 -14.79 8.81
C ALA A 75 12.15 -16.14 9.17
N ASP A 76 10.94 -16.11 9.73
CA ASP A 76 10.24 -17.33 10.12
C ASP A 76 10.02 -18.23 8.91
N TYR A 77 10.13 -17.65 7.72
CA TYR A 77 9.94 -18.41 6.48
C TYR A 77 11.07 -19.43 6.29
N LYS A 78 12.23 -19.12 6.85
CA LYS A 78 13.39 -20.00 6.74
C LYS A 78 13.66 -20.72 8.05
N SER A 79 13.58 -19.97 9.15
CA SER A 79 13.82 -20.53 10.48
C SER A 79 12.55 -20.53 11.31
N LYS A 80 11.74 -21.57 11.15
CA LYS A 80 10.49 -21.68 11.89
C LYS A 80 10.75 -22.00 13.36
N GLY A 81 10.52 -21.01 14.22
CA GLY A 81 10.73 -21.20 15.64
C GLY A 81 10.99 -19.89 16.37
N GLY A 1 -5.59 -15.44 -20.51
CA GLY A 1 -4.21 -15.63 -20.88
C GLY A 1 -3.35 -16.14 -19.73
N SER A 2 -3.41 -15.44 -18.60
CA SER A 2 -2.62 -15.82 -17.43
C SER A 2 -2.85 -17.29 -17.10
N SER A 3 -1.77 -17.98 -16.71
CA SER A 3 -1.85 -19.39 -16.36
C SER A 3 -0.82 -19.73 -15.29
N GLY A 4 -1.00 -20.89 -14.66
CA GLY A 4 -0.09 -21.32 -13.62
C GLY A 4 -0.05 -20.37 -12.44
N SER A 5 -0.67 -20.79 -11.33
CA SER A 5 -0.71 -19.96 -10.13
C SER A 5 0.63 -19.97 -9.42
N SER A 6 0.95 -18.86 -8.75
CA SER A 6 2.21 -18.74 -8.03
C SER A 6 2.05 -17.82 -6.83
N GLY A 7 2.41 -18.32 -5.64
CA GLY A 7 2.31 -17.53 -4.43
C GLY A 7 2.94 -18.22 -3.24
N ASN A 8 2.11 -18.54 -2.24
CA ASN A 8 2.59 -19.20 -1.04
C ASN A 8 3.75 -18.42 -0.41
N ALA A 9 3.56 -17.12 -0.25
CA ALA A 9 4.58 -16.27 0.33
C ALA A 9 4.05 -14.86 0.59
N PRO A 10 4.60 -14.18 1.61
CA PRO A 10 4.20 -12.83 1.98
C PRO A 10 4.63 -11.80 0.94
N LYS A 11 4.05 -10.61 1.01
CA LYS A 11 4.38 -9.53 0.09
C LYS A 11 4.97 -8.33 0.82
N ARG A 12 5.70 -7.50 0.09
CA ARG A 12 6.32 -6.32 0.69
C ARG A 12 5.27 -5.41 1.31
N PRO A 13 5.63 -4.79 2.45
CA PRO A 13 4.73 -3.89 3.17
C PRO A 13 4.49 -2.57 2.43
N PRO A 14 3.29 -2.01 2.59
CA PRO A 14 2.91 -0.75 1.94
C PRO A 14 3.67 0.45 2.51
N SER A 15 3.85 1.47 1.69
CA SER A 15 4.56 2.68 2.11
C SER A 15 3.59 3.82 2.39
N GLY A 16 4.02 4.77 3.20
CA GLY A 16 3.17 5.90 3.53
C GLY A 16 2.39 6.41 2.34
N PHE A 17 2.98 6.27 1.16
CA PHE A 17 2.33 6.72 -0.08
C PHE A 17 1.21 5.77 -0.48
N PHE A 18 1.44 4.47 -0.28
CA PHE A 18 0.45 3.46 -0.62
C PHE A 18 -0.71 3.46 0.37
N LEU A 19 -0.39 3.22 1.64
CA LEU A 19 -1.40 3.18 2.68
C LEU A 19 -2.45 4.27 2.46
N PHE A 20 -1.99 5.46 2.06
CA PHE A 20 -2.89 6.58 1.81
C PHE A 20 -3.64 6.39 0.49
N CYS A 21 -2.94 5.85 -0.50
CA CYS A 21 -3.53 5.61 -1.81
C CYS A 21 -4.65 4.60 -1.73
N SER A 22 -4.44 3.54 -0.96
CA SER A 22 -5.44 2.50 -0.81
C SER A 22 -6.60 2.97 0.07
N GLU A 23 -6.35 4.04 0.83
CA GLU A 23 -7.37 4.60 1.71
C GLU A 23 -8.21 5.63 0.98
N PHE A 24 -7.60 6.30 0.00
CA PHE A 24 -8.30 7.32 -0.77
C PHE A 24 -8.88 6.72 -2.05
N ARG A 25 -8.41 5.54 -2.42
CA ARG A 25 -8.88 4.86 -3.61
C ARG A 25 -10.40 4.74 -3.61
N PRO A 26 -10.96 4.33 -2.46
CA PRO A 26 -12.41 4.17 -2.28
C PRO A 26 -13.19 5.37 -2.80
N LYS A 27 -12.74 6.56 -2.42
CA LYS A 27 -13.40 7.79 -2.86
C LYS A 27 -13.28 7.98 -4.35
N ILE A 28 -12.05 7.99 -4.86
CA ILE A 28 -11.80 8.16 -6.29
C ILE A 28 -12.73 7.27 -7.11
N LYS A 29 -12.71 5.97 -6.82
CA LYS A 29 -13.54 5.01 -7.53
C LYS A 29 -15.02 5.28 -7.28
N SER A 30 -15.30 6.05 -6.24
CA SER A 30 -16.68 6.39 -5.88
C SER A 30 -17.06 7.76 -6.44
N THR A 31 -16.07 8.50 -6.92
CA THR A 31 -16.30 9.83 -7.49
C THR A 31 -16.29 9.78 -9.01
N ASN A 32 -15.33 9.04 -9.57
CA ASN A 32 -15.21 8.91 -11.02
C ASN A 32 -16.00 7.71 -11.53
N PRO A 33 -16.88 7.96 -12.50
CA PRO A 33 -17.71 6.91 -13.10
C PRO A 33 -16.91 5.94 -13.95
N GLY A 34 -17.21 4.65 -13.83
CA GLY A 34 -16.50 3.65 -14.60
C GLY A 34 -15.04 4.01 -14.82
N ILE A 35 -14.37 4.42 -13.75
CA ILE A 35 -12.97 4.79 -13.83
C ILE A 35 -12.07 3.56 -13.93
N SER A 36 -11.08 3.63 -14.80
CA SER A 36 -10.16 2.51 -15.00
C SER A 36 -8.94 2.65 -14.08
N ILE A 37 -8.37 1.51 -13.71
CA ILE A 37 -7.21 1.50 -12.83
C ILE A 37 -6.18 2.55 -13.26
N GLY A 38 -5.91 2.60 -14.56
CA GLY A 38 -4.96 3.57 -15.08
C GLY A 38 -5.18 4.97 -14.54
N ASP A 39 -6.45 5.36 -14.45
CA ASP A 39 -6.80 6.69 -13.95
C ASP A 39 -6.43 6.82 -12.47
N VAL A 40 -7.15 6.09 -11.62
CA VAL A 40 -6.90 6.13 -10.18
C VAL A 40 -5.40 6.23 -9.89
N ALA A 41 -4.63 5.32 -10.47
CA ALA A 41 -3.18 5.31 -10.28
C ALA A 41 -2.59 6.71 -10.46
N LYS A 42 -2.94 7.36 -11.56
CA LYS A 42 -2.45 8.70 -11.84
C LYS A 42 -2.85 9.67 -10.74
N LYS A 43 -4.16 9.81 -10.54
CA LYS A 43 -4.68 10.71 -9.51
C LYS A 43 -3.94 10.51 -8.19
N LEU A 44 -3.91 9.28 -7.71
CA LEU A 44 -3.24 8.95 -6.45
C LEU A 44 -1.89 9.66 -6.36
N GLY A 45 -0.97 9.31 -7.25
CA GLY A 45 0.34 9.93 -7.26
C GLY A 45 0.28 11.41 -6.97
N GLU A 46 -0.57 12.13 -7.71
CA GLU A 46 -0.71 13.56 -7.53
C GLU A 46 -1.15 13.90 -6.10
N MET A 47 -2.26 13.29 -5.68
CA MET A 47 -2.79 13.52 -4.35
C MET A 47 -1.71 13.34 -3.30
N TRP A 48 -0.78 12.42 -3.54
CA TRP A 48 0.31 12.16 -2.61
C TRP A 48 1.28 13.34 -2.57
N ASN A 49 1.92 13.62 -3.70
CA ASN A 49 2.87 14.72 -3.79
C ASN A 49 2.29 15.99 -3.19
N ASN A 50 0.98 16.15 -3.33
CA ASN A 50 0.30 17.33 -2.81
C ASN A 50 0.38 17.37 -1.29
N LEU A 51 0.07 16.25 -0.65
CA LEU A 51 0.11 16.16 0.81
C LEU A 51 1.35 16.87 1.36
N ASN A 52 1.27 17.28 2.62
CA ASN A 52 2.39 17.98 3.27
C ASN A 52 3.15 17.03 4.20
N ASP A 53 4.39 17.38 4.50
CA ASP A 53 5.22 16.57 5.38
C ASP A 53 4.47 16.24 6.67
N SER A 54 3.61 17.14 7.10
CA SER A 54 2.84 16.95 8.32
C SER A 54 1.68 15.97 8.09
N GLU A 55 1.18 15.96 6.86
CA GLU A 55 0.08 15.07 6.50
C GLU A 55 0.56 13.64 6.32
N LYS A 56 1.77 13.49 5.80
CA LYS A 56 2.36 12.17 5.57
C LYS A 56 2.96 11.61 6.87
N GLN A 57 3.22 12.49 7.82
CA GLN A 57 3.79 12.09 9.10
C GLN A 57 3.09 10.85 9.64
N PRO A 58 1.76 10.96 9.83
CA PRO A 58 0.95 9.85 10.34
C PRO A 58 0.81 8.72 9.34
N TYR A 59 1.25 8.97 8.10
CA TYR A 59 1.17 7.96 7.05
C TYR A 59 2.49 7.19 6.93
N ILE A 60 3.58 7.83 7.33
CA ILE A 60 4.89 7.21 7.28
C ILE A 60 5.15 6.36 8.51
N THR A 61 4.61 6.79 9.65
CA THR A 61 4.78 6.07 10.91
C THR A 61 4.14 4.69 10.84
N LYS A 62 2.92 4.63 10.30
CA LYS A 62 2.20 3.37 10.18
C LYS A 62 2.98 2.39 9.31
N ALA A 63 3.30 2.80 8.09
CA ALA A 63 4.03 1.96 7.16
C ALA A 63 5.25 1.32 7.84
N ALA A 64 5.80 2.02 8.83
CA ALA A 64 6.96 1.52 9.56
C ALA A 64 6.58 0.35 10.45
N LYS A 65 5.37 0.40 11.03
CA LYS A 65 4.89 -0.66 11.90
C LYS A 65 4.55 -1.91 11.10
N LEU A 66 4.21 -1.72 9.83
CA LEU A 66 3.88 -2.85 8.96
C LEU A 66 5.14 -3.52 8.44
N LYS A 67 6.23 -2.78 8.39
CA LYS A 67 7.50 -3.32 7.92
C LYS A 67 8.12 -4.25 8.96
N GLU A 68 7.98 -3.88 10.23
CA GLU A 68 8.54 -4.68 11.32
C GLU A 68 7.99 -6.10 11.28
N LYS A 69 6.67 -6.20 11.11
CA LYS A 69 6.01 -7.52 11.05
C LYS A 69 6.48 -8.30 9.84
N TYR A 70 6.34 -7.70 8.65
CA TYR A 70 6.76 -8.35 7.41
C TYR A 70 8.08 -9.08 7.60
N GLU A 71 9.09 -8.34 8.03
CA GLU A 71 10.42 -8.93 8.24
C GLU A 71 10.34 -10.14 9.16
N LYS A 72 9.50 -10.05 10.18
CA LYS A 72 9.33 -11.14 11.14
C LYS A 72 8.69 -12.36 10.46
N ASP A 73 8.13 -12.14 9.28
CA ASP A 73 7.49 -13.22 8.53
C ASP A 73 8.45 -13.82 7.51
N VAL A 74 9.02 -12.98 6.66
CA VAL A 74 9.96 -13.42 5.64
C VAL A 74 11.15 -14.15 6.27
N ALA A 75 11.56 -13.68 7.44
CA ALA A 75 12.69 -14.28 8.14
C ALA A 75 12.29 -15.62 8.76
N ASP A 76 11.09 -15.68 9.33
CA ASP A 76 10.59 -16.89 9.95
C ASP A 76 10.12 -17.89 8.90
N TYR A 77 9.92 -17.41 7.68
CA TYR A 77 9.47 -18.26 6.58
C TYR A 77 10.56 -19.24 6.17
N LYS A 78 11.80 -18.80 6.26
CA LYS A 78 12.94 -19.65 5.89
C LYS A 78 13.61 -20.23 7.13
N SER A 79 13.26 -21.48 7.45
CA SER A 79 13.82 -22.15 8.62
C SER A 79 14.95 -23.11 8.20
N LYS A 80 15.83 -22.62 7.35
CA LYS A 80 16.96 -23.43 6.88
C LYS A 80 18.18 -22.55 6.61
N GLY A 81 19.36 -23.12 6.82
CA GLY A 81 20.59 -22.37 6.60
C GLY A 81 21.40 -22.94 5.44
N GLY A 1 -14.15 -17.54 -14.32
CA GLY A 1 -14.56 -17.30 -12.95
C GLY A 1 -13.92 -18.28 -11.97
N SER A 2 -12.65 -18.55 -12.18
CA SER A 2 -11.92 -19.48 -11.31
C SER A 2 -10.66 -18.82 -10.75
N SER A 3 -10.32 -19.19 -9.52
CA SER A 3 -9.15 -18.64 -8.86
C SER A 3 -8.37 -19.74 -8.13
N GLY A 4 -7.04 -19.66 -8.23
CA GLY A 4 -6.20 -20.66 -7.58
C GLY A 4 -4.75 -20.20 -7.45
N SER A 5 -4.30 -20.02 -6.21
CA SER A 5 -2.93 -19.58 -5.96
C SER A 5 -2.22 -20.53 -5.00
N SER A 6 -1.05 -21.00 -5.41
CA SER A 6 -0.27 -21.91 -4.57
C SER A 6 0.98 -21.22 -4.02
N GLY A 7 1.31 -21.55 -2.78
CA GLY A 7 2.47 -20.94 -2.14
C GLY A 7 2.16 -19.62 -1.49
N ASN A 8 1.78 -19.65 -0.22
CA ASN A 8 1.46 -18.44 0.52
C ASN A 8 2.71 -17.75 1.04
N ALA A 9 3.23 -16.81 0.26
CA ALA A 9 4.44 -16.07 0.63
C ALA A 9 4.13 -14.61 0.87
N PRO A 10 4.81 -14.01 1.87
CA PRO A 10 4.63 -12.60 2.22
C PRO A 10 5.17 -11.65 1.15
N LYS A 11 4.81 -10.39 1.25
CA LYS A 11 5.27 -9.38 0.29
C LYS A 11 5.69 -8.10 1.00
N ARG A 12 6.66 -7.40 0.43
CA ARG A 12 7.14 -6.15 1.01
C ARG A 12 5.99 -5.31 1.54
N PRO A 13 6.23 -4.64 2.68
CA PRO A 13 5.22 -3.78 3.32
C PRO A 13 4.94 -2.53 2.51
N PRO A 14 3.68 -2.04 2.58
CA PRO A 14 3.26 -0.83 1.87
C PRO A 14 3.89 0.43 2.44
N SER A 15 4.07 1.44 1.58
CA SER A 15 4.67 2.70 1.99
C SER A 15 3.59 3.76 2.21
N GLY A 16 3.85 4.69 3.13
CA GLY A 16 2.90 5.75 3.42
C GLY A 16 2.20 6.24 2.17
N PHE A 17 2.92 6.25 1.05
CA PHE A 17 2.34 6.72 -0.21
C PHE A 17 1.22 5.79 -0.67
N PHE A 18 1.46 4.48 -0.56
CA PHE A 18 0.46 3.49 -0.97
C PHE A 18 -0.69 3.45 0.03
N LEU A 19 -0.36 3.21 1.29
CA LEU A 19 -1.36 3.14 2.35
C LEU A 19 -2.43 4.21 2.16
N PHE A 20 -2.01 5.40 1.75
CA PHE A 20 -2.92 6.51 1.52
C PHE A 20 -3.69 6.33 0.22
N CYS A 21 -3.00 5.81 -0.80
CA CYS A 21 -3.60 5.60 -2.11
C CYS A 21 -4.70 4.54 -2.02
N SER A 22 -4.54 3.59 -1.12
CA SER A 22 -5.51 2.51 -0.94
C SER A 22 -6.69 2.99 -0.13
N GLU A 23 -6.45 3.97 0.74
CA GLU A 23 -7.52 4.52 1.59
C GLU A 23 -8.28 5.61 0.85
N PHE A 24 -7.64 6.21 -0.15
CA PHE A 24 -8.27 7.27 -0.92
C PHE A 24 -8.86 6.72 -2.22
N ARG A 25 -8.44 5.52 -2.59
CA ARG A 25 -8.92 4.87 -3.81
C ARG A 25 -10.44 4.86 -3.84
N PRO A 26 -11.06 4.49 -2.71
CA PRO A 26 -12.51 4.41 -2.59
C PRO A 26 -13.20 5.67 -3.12
N LYS A 27 -12.81 6.82 -2.58
CA LYS A 27 -13.39 8.09 -3.00
C LYS A 27 -13.28 8.27 -4.51
N ILE A 28 -12.07 8.09 -5.03
CA ILE A 28 -11.82 8.22 -6.46
C ILE A 28 -12.76 7.32 -7.27
N LYS A 29 -12.90 6.08 -6.81
CA LYS A 29 -13.77 5.12 -7.48
C LYS A 29 -15.24 5.47 -7.29
N SER A 30 -15.51 6.31 -6.30
CA SER A 30 -16.88 6.72 -6.01
C SER A 30 -17.19 8.07 -6.65
N THR A 31 -16.14 8.79 -7.03
CA THR A 31 -16.29 10.09 -7.65
C THR A 31 -16.27 9.99 -9.18
N ASN A 32 -15.34 9.19 -9.69
CA ASN A 32 -15.22 9.00 -11.14
C ASN A 32 -16.06 7.81 -11.60
N PRO A 33 -16.93 8.05 -12.58
CA PRO A 33 -17.81 7.01 -13.14
C PRO A 33 -17.04 5.97 -13.94
N GLY A 34 -17.36 4.70 -13.73
CA GLY A 34 -16.69 3.63 -14.44
C GLY A 34 -15.22 3.93 -14.69
N ILE A 35 -14.52 4.32 -13.63
CA ILE A 35 -13.10 4.64 -13.74
C ILE A 35 -12.26 3.37 -13.86
N SER A 36 -11.02 3.53 -14.30
CA SER A 36 -10.11 2.40 -14.47
C SER A 36 -8.83 2.60 -13.66
N ILE A 37 -8.33 1.52 -13.08
CA ILE A 37 -7.10 1.59 -12.28
C ILE A 37 -6.12 2.58 -12.88
N GLY A 38 -6.05 2.62 -14.21
CA GLY A 38 -5.14 3.53 -14.88
C GLY A 38 -5.36 4.97 -14.48
N ASP A 39 -6.62 5.42 -14.54
CA ASP A 39 -6.96 6.78 -14.18
C ASP A 39 -6.69 7.05 -12.70
N VAL A 40 -7.18 6.17 -11.85
CA VAL A 40 -6.99 6.30 -10.41
C VAL A 40 -5.52 6.50 -10.07
N ALA A 41 -4.66 5.69 -10.67
CA ALA A 41 -3.22 5.77 -10.43
C ALA A 41 -2.71 7.19 -10.66
N LYS A 42 -3.07 7.75 -11.82
CA LYS A 42 -2.65 9.11 -12.16
C LYS A 42 -3.06 10.10 -11.08
N LYS A 43 -4.33 10.05 -10.68
CA LYS A 43 -4.84 10.94 -9.65
C LYS A 43 -4.09 10.74 -8.34
N LEU A 44 -4.08 9.50 -7.85
CA LEU A 44 -3.40 9.17 -6.61
C LEU A 44 -2.04 9.85 -6.54
N GLY A 45 -1.14 9.47 -7.43
CA GLY A 45 0.20 10.05 -7.46
C GLY A 45 0.17 11.54 -7.14
N GLU A 46 -0.78 12.25 -7.72
CA GLU A 46 -0.91 13.69 -7.51
C GLU A 46 -1.34 13.99 -6.08
N MET A 47 -2.47 13.39 -5.67
CA MET A 47 -3.00 13.59 -4.33
C MET A 47 -1.90 13.41 -3.28
N TRP A 48 -1.04 12.43 -3.50
CA TRP A 48 0.06 12.15 -2.58
C TRP A 48 1.03 13.32 -2.51
N ASN A 49 1.56 13.71 -3.65
CA ASN A 49 2.51 14.83 -3.72
C ASN A 49 1.91 16.08 -3.10
N ASN A 50 0.60 16.24 -3.26
CA ASN A 50 -0.09 17.41 -2.71
C ASN A 50 0.06 17.47 -1.19
N LEU A 51 -0.09 16.32 -0.54
CA LEU A 51 0.04 16.25 0.91
C LEU A 51 1.29 16.96 1.39
N ASN A 52 1.33 17.31 2.67
CA ASN A 52 2.47 18.00 3.25
C ASN A 52 3.33 17.04 4.07
N ASP A 53 4.56 17.45 4.37
CA ASP A 53 5.47 16.62 5.14
C ASP A 53 4.87 16.28 6.49
N SER A 54 3.82 17.00 6.87
CA SER A 54 3.15 16.77 8.15
C SER A 54 1.96 15.83 7.98
N GLU A 55 1.41 15.79 6.77
CA GLU A 55 0.27 14.94 6.46
C GLU A 55 0.70 13.50 6.28
N LYS A 56 1.89 13.30 5.71
CA LYS A 56 2.42 11.97 5.47
C LYS A 56 3.03 11.39 6.73
N GLN A 57 3.33 12.25 7.69
CA GLN A 57 3.90 11.82 8.96
C GLN A 57 3.15 10.62 9.52
N PRO A 58 1.83 10.81 9.74
CA PRO A 58 0.96 9.75 10.29
C PRO A 58 0.75 8.62 9.29
N TYR A 59 1.15 8.84 8.05
CA TYR A 59 1.00 7.83 7.01
C TYR A 59 2.27 7.00 6.85
N ILE A 60 3.40 7.59 7.22
CA ILE A 60 4.69 6.90 7.13
C ILE A 60 4.93 6.04 8.36
N THR A 61 4.58 6.56 9.53
CA THR A 61 4.76 5.84 10.78
C THR A 61 4.00 4.52 10.76
N LYS A 62 2.79 4.54 10.24
CA LYS A 62 1.96 3.35 10.16
C LYS A 62 2.66 2.24 9.37
N ALA A 63 3.40 2.64 8.34
CA ALA A 63 4.12 1.69 7.51
C ALA A 63 5.26 1.03 8.30
N ALA A 64 5.95 1.83 9.09
CA ALA A 64 7.06 1.33 9.89
C ALA A 64 6.63 0.14 10.75
N LYS A 65 5.36 0.15 11.16
CA LYS A 65 4.83 -0.93 11.98
C LYS A 65 4.59 -2.19 11.15
N LEU A 66 4.37 -2.00 9.85
CA LEU A 66 4.14 -3.12 8.95
C LEU A 66 5.44 -3.80 8.57
N LYS A 67 6.53 -3.04 8.57
CA LYS A 67 7.85 -3.57 8.24
C LYS A 67 8.36 -4.49 9.35
N GLU A 68 8.31 -4.00 10.58
CA GLU A 68 8.77 -4.77 11.73
C GLU A 68 8.13 -6.15 11.74
N LYS A 69 6.85 -6.21 11.38
CA LYS A 69 6.12 -7.47 11.35
C LYS A 69 6.52 -8.30 10.14
N TYR A 70 6.69 -7.63 9.00
CA TYR A 70 7.08 -8.32 7.77
C TYR A 70 8.34 -9.15 7.98
N GLU A 71 9.33 -8.56 8.63
CA GLU A 71 10.59 -9.25 8.89
C GLU A 71 10.34 -10.63 9.48
N LYS A 72 9.45 -10.69 10.47
CA LYS A 72 9.11 -11.95 11.12
C LYS A 72 8.58 -12.96 10.12
N ASP A 73 7.59 -12.55 9.34
CA ASP A 73 6.98 -13.42 8.34
C ASP A 73 8.01 -13.80 7.28
N VAL A 74 8.94 -12.89 6.99
CA VAL A 74 9.97 -13.13 5.99
C VAL A 74 10.93 -14.21 6.46
N ALA A 75 11.32 -14.15 7.74
CA ALA A 75 12.24 -15.12 8.31
C ALA A 75 11.62 -16.52 8.33
N ASP A 76 10.42 -16.62 8.87
CA ASP A 76 9.71 -17.90 8.96
C ASP A 76 9.53 -18.50 7.57
N TYR A 77 9.06 -17.69 6.63
CA TYR A 77 8.83 -18.14 5.27
C TYR A 77 10.11 -18.70 4.66
N LYS A 78 11.22 -18.02 4.92
CA LYS A 78 12.51 -18.45 4.39
C LYS A 78 13.17 -19.47 5.32
N SER A 79 12.35 -20.35 5.91
CA SER A 79 12.85 -21.36 6.82
C SER A 79 12.48 -22.76 6.33
N LYS A 80 11.19 -22.97 6.07
CA LYS A 80 10.70 -24.26 5.60
C LYS A 80 11.52 -25.40 6.19
N GLY A 81 11.70 -25.38 7.51
CA GLY A 81 12.46 -26.42 8.16
C GLY A 81 11.80 -27.79 8.05
N GLY A 1 -2.19 -11.27 -3.94
CA GLY A 1 -2.37 -12.69 -3.75
C GLY A 1 -1.12 -13.48 -4.09
N SER A 2 -1.08 -14.03 -5.30
CA SER A 2 0.05 -14.81 -5.75
C SER A 2 0.35 -15.96 -4.78
N SER A 3 -0.70 -16.63 -4.34
CA SER A 3 -0.56 -17.75 -3.40
C SER A 3 -1.08 -19.04 -4.02
N GLY A 4 -0.58 -20.17 -3.51
CA GLY A 4 -0.99 -21.46 -4.03
C GLY A 4 -1.51 -22.38 -2.93
N SER A 5 -1.66 -23.66 -3.27
CA SER A 5 -2.14 -24.64 -2.30
C SER A 5 -1.20 -24.77 -1.12
N SER A 6 0.10 -24.92 -1.42
CA SER A 6 1.11 -25.05 -0.38
C SER A 6 2.01 -23.82 -0.34
N GLY A 7 2.42 -23.35 -1.51
CA GLY A 7 3.27 -22.17 -1.58
C GLY A 7 2.65 -20.96 -0.93
N ASN A 8 3.13 -20.61 0.25
CA ASN A 8 2.61 -19.46 0.98
C ASN A 8 3.74 -18.61 1.53
N ALA A 9 3.79 -17.34 1.12
CA ALA A 9 4.83 -16.42 1.58
C ALA A 9 4.26 -15.04 1.83
N PRO A 10 4.92 -14.27 2.70
CA PRO A 10 4.49 -12.91 3.05
C PRO A 10 4.70 -11.93 1.90
N LYS A 11 4.15 -10.73 2.06
CA LYS A 11 4.27 -9.70 1.03
C LYS A 11 4.85 -8.41 1.61
N ARG A 12 5.97 -7.96 1.06
CA ARG A 12 6.61 -6.75 1.52
C ARG A 12 5.58 -5.71 1.96
N PRO A 13 5.94 -4.92 2.99
CA PRO A 13 5.06 -3.89 3.54
C PRO A 13 4.86 -2.72 2.57
N PRO A 14 3.68 -2.09 2.62
CA PRO A 14 3.34 -0.96 1.75
C PRO A 14 4.13 0.29 2.12
N SER A 15 4.03 1.32 1.27
CA SER A 15 4.74 2.57 1.50
C SER A 15 3.76 3.69 1.84
N GLY A 16 4.22 4.65 2.63
CA GLY A 16 3.37 5.77 3.01
C GLY A 16 2.51 6.27 1.86
N PHE A 17 2.97 6.03 0.64
CA PHE A 17 2.24 6.45 -0.55
C PHE A 17 1.19 5.41 -0.95
N PHE A 18 1.56 4.14 -0.81
CA PHE A 18 0.66 3.05 -1.15
C PHE A 18 -0.56 3.04 -0.23
N LEU A 19 -0.31 3.08 1.07
CA LEU A 19 -1.38 3.06 2.06
C LEU A 19 -2.37 4.19 1.80
N PHE A 20 -1.90 5.44 1.90
CA PHE A 20 -2.74 6.60 1.67
C PHE A 20 -3.53 6.45 0.37
N CYS A 21 -2.88 5.90 -0.64
CA CYS A 21 -3.51 5.71 -1.94
C CYS A 21 -4.73 4.78 -1.83
N SER A 22 -4.48 3.54 -1.43
CA SER A 22 -5.55 2.56 -1.28
C SER A 22 -6.65 3.09 -0.37
N GLU A 23 -6.33 4.14 0.39
CA GLU A 23 -7.29 4.74 1.31
C GLU A 23 -8.08 5.85 0.61
N PHE A 24 -7.49 6.43 -0.42
CA PHE A 24 -8.14 7.50 -1.17
C PHE A 24 -8.83 6.95 -2.42
N ARG A 25 -8.46 5.74 -2.80
CA ARG A 25 -9.04 5.10 -3.98
C ARG A 25 -10.56 5.05 -3.88
N PRO A 26 -11.06 4.66 -2.70
CA PRO A 26 -12.50 4.55 -2.45
C PRO A 26 -13.26 5.80 -2.89
N LYS A 27 -12.75 6.96 -2.53
CA LYS A 27 -13.37 8.22 -2.89
C LYS A 27 -13.40 8.40 -4.41
N ILE A 28 -12.22 8.30 -5.03
CA ILE A 28 -12.10 8.45 -6.47
C ILE A 28 -13.05 7.50 -7.20
N LYS A 29 -13.03 6.23 -6.80
CA LYS A 29 -13.89 5.22 -7.41
C LYS A 29 -15.36 5.49 -7.09
N SER A 30 -15.59 6.41 -6.15
CA SER A 30 -16.95 6.75 -5.75
C SER A 30 -17.51 7.87 -6.62
N THR A 31 -16.73 8.94 -6.77
CA THR A 31 -17.16 10.08 -7.59
C THR A 31 -17.03 9.77 -9.07
N ASN A 32 -15.93 9.13 -9.44
CA ASN A 32 -15.69 8.78 -10.84
C ASN A 32 -16.39 7.47 -11.20
N PRO A 33 -17.12 7.48 -12.32
CA PRO A 33 -17.86 6.31 -12.81
C PRO A 33 -16.92 5.21 -13.31
N GLY A 34 -16.98 4.05 -12.66
CA GLY A 34 -16.14 2.93 -13.05
C GLY A 34 -14.79 3.39 -13.58
N ILE A 35 -14.21 4.38 -12.92
CA ILE A 35 -12.91 4.90 -13.34
C ILE A 35 -11.91 3.78 -13.60
N SER A 36 -10.99 4.01 -14.53
CA SER A 36 -9.99 3.01 -14.87
C SER A 36 -8.76 3.15 -13.99
N ILE A 37 -8.05 2.04 -13.77
CA ILE A 37 -6.85 2.04 -12.95
C ILE A 37 -5.88 3.13 -13.38
N GLY A 38 -5.80 3.36 -14.69
CA GLY A 38 -4.92 4.38 -15.22
C GLY A 38 -5.26 5.77 -14.71
N ASP A 39 -6.55 6.08 -14.66
CA ASP A 39 -7.02 7.38 -14.18
C ASP A 39 -6.76 7.53 -12.69
N VAL A 40 -7.07 6.48 -11.93
CA VAL A 40 -6.86 6.50 -10.48
C VAL A 40 -5.39 6.61 -10.14
N ALA A 41 -4.57 5.81 -10.80
CA ALA A 41 -3.13 5.82 -10.55
C ALA A 41 -2.53 7.20 -10.82
N LYS A 42 -2.88 7.78 -11.96
CA LYS A 42 -2.39 9.10 -12.34
C LYS A 42 -2.76 10.14 -11.28
N LYS A 43 -4.01 10.10 -10.83
CA LYS A 43 -4.49 11.04 -9.82
C LYS A 43 -3.82 10.79 -8.49
N LEU A 44 -3.99 9.59 -7.95
CA LEU A 44 -3.38 9.22 -6.68
C LEU A 44 -2.00 9.84 -6.52
N GLY A 45 -1.15 9.64 -7.53
CA GLY A 45 0.19 10.19 -7.49
C GLY A 45 0.20 11.67 -7.14
N GLU A 46 -0.58 12.45 -7.88
CA GLU A 46 -0.66 13.89 -7.65
C GLU A 46 -1.10 14.19 -6.21
N MET A 47 -2.01 13.36 -5.70
CA MET A 47 -2.50 13.54 -4.34
C MET A 47 -1.36 13.54 -3.33
N TRP A 48 -0.55 12.49 -3.37
CA TRP A 48 0.58 12.36 -2.46
C TRP A 48 1.37 13.66 -2.41
N ASN A 49 1.73 14.19 -3.57
CA ASN A 49 2.49 15.43 -3.65
C ASN A 49 1.71 16.58 -3.03
N ASN A 50 0.39 16.59 -3.24
CA ASN A 50 -0.46 17.64 -2.70
C ASN A 50 -0.42 17.65 -1.17
N LEU A 51 -0.28 16.47 -0.58
CA LEU A 51 -0.23 16.34 0.87
C LEU A 51 0.97 17.10 1.44
N ASN A 52 1.00 17.26 2.75
CA ASN A 52 2.09 17.96 3.43
C ASN A 52 2.93 16.99 4.25
N ASP A 53 4.15 17.41 4.57
CA ASP A 53 5.05 16.58 5.37
C ASP A 53 4.40 16.16 6.68
N SER A 54 3.42 16.95 7.12
CA SER A 54 2.72 16.67 8.37
C SER A 54 1.57 15.69 8.15
N GLU A 55 1.02 15.70 6.93
CA GLU A 55 -0.08 14.82 6.58
C GLU A 55 0.43 13.40 6.31
N LYS A 56 1.62 13.30 5.75
CA LYS A 56 2.22 12.00 5.44
C LYS A 56 2.80 11.36 6.70
N GLN A 57 3.09 12.19 7.70
CA GLN A 57 3.64 11.70 8.95
C GLN A 57 2.92 10.44 9.42
N PRO A 58 1.59 10.55 9.61
CA PRO A 58 0.75 9.44 10.05
C PRO A 58 0.61 8.36 8.97
N TYR A 59 1.04 8.68 7.76
CA TYR A 59 0.95 7.75 6.65
C TYR A 59 2.26 6.98 6.49
N ILE A 60 3.35 7.58 6.94
CA ILE A 60 4.67 6.95 6.84
C ILE A 60 4.93 6.03 8.03
N THR A 61 4.76 6.58 9.23
CA THR A 61 4.98 5.81 10.45
C THR A 61 4.24 4.48 10.41
N LYS A 62 3.04 4.50 9.85
CA LYS A 62 2.22 3.29 9.75
C LYS A 62 2.97 2.20 8.99
N ALA A 63 3.59 2.57 7.87
CA ALA A 63 4.34 1.62 7.06
C ALA A 63 5.47 0.99 7.86
N ALA A 64 6.21 1.83 8.58
CA ALA A 64 7.33 1.35 9.39
C ALA A 64 6.88 0.23 10.33
N LYS A 65 5.61 0.24 10.70
CA LYS A 65 5.06 -0.78 11.60
C LYS A 65 4.82 -2.08 10.84
N LEU A 66 4.40 -1.97 9.59
CA LEU A 66 4.14 -3.14 8.76
C LEU A 66 5.42 -3.93 8.51
N LYS A 67 6.55 -3.22 8.45
CA LYS A 67 7.84 -3.85 8.22
C LYS A 67 8.27 -4.66 9.44
N GLU A 68 7.84 -4.23 10.61
CA GLU A 68 8.19 -4.91 11.85
C GLU A 68 7.62 -6.32 11.88
N LYS A 69 6.44 -6.49 11.30
CA LYS A 69 5.79 -7.79 11.24
C LYS A 69 6.24 -8.59 10.02
N TYR A 70 6.70 -7.87 9.00
CA TYR A 70 7.17 -8.51 7.78
C TYR A 70 8.47 -9.27 8.02
N GLU A 71 9.49 -8.54 8.49
CA GLU A 71 10.79 -9.13 8.77
C GLU A 71 10.63 -10.44 9.54
N LYS A 72 9.71 -10.46 10.49
CA LYS A 72 9.47 -11.65 11.30
C LYS A 72 9.01 -12.81 10.43
N ASP A 73 7.97 -12.57 9.63
CA ASP A 73 7.44 -13.60 8.75
C ASP A 73 8.50 -14.06 7.74
N VAL A 74 9.16 -13.10 7.11
CA VAL A 74 10.20 -13.41 6.12
C VAL A 74 11.29 -14.27 6.74
N ALA A 75 11.88 -13.79 7.83
CA ALA A 75 12.93 -14.52 8.51
C ALA A 75 12.60 -16.00 8.63
N ASP A 76 11.49 -16.30 9.30
CA ASP A 76 11.04 -17.68 9.49
C ASP A 76 11.04 -18.42 8.15
N TYR A 77 10.59 -17.75 7.10
CA TYR A 77 10.52 -18.35 5.77
C TYR A 77 11.91 -18.78 5.31
N LYS A 78 12.87 -17.87 5.40
CA LYS A 78 14.24 -18.15 4.98
C LYS A 78 15.01 -18.87 6.09
N SER A 79 14.42 -19.95 6.59
CA SER A 79 15.04 -20.74 7.65
C SER A 79 16.20 -21.57 7.10
N LYS A 80 16.21 -21.77 5.78
CA LYS A 80 17.24 -22.55 5.13
C LYS A 80 18.24 -21.63 4.41
N GLY A 81 18.46 -20.46 4.97
CA GLY A 81 19.39 -19.50 4.37
C GLY A 81 20.69 -20.15 3.95
N GLY A 1 -5.65 -12.08 -14.75
CA GLY A 1 -4.58 -13.06 -14.69
C GLY A 1 -4.86 -14.15 -13.67
N SER A 2 -4.34 -13.97 -12.46
CA SER A 2 -4.54 -14.96 -11.40
C SER A 2 -6.00 -14.97 -10.93
N SER A 3 -6.71 -16.05 -11.25
CA SER A 3 -8.10 -16.19 -10.86
C SER A 3 -8.23 -16.46 -9.37
N GLY A 4 -8.67 -15.44 -8.62
CA GLY A 4 -8.83 -15.59 -7.19
C GLY A 4 -7.72 -14.92 -6.41
N SER A 5 -8.09 -14.12 -5.42
CA SER A 5 -7.12 -13.42 -4.60
C SER A 5 -6.70 -14.27 -3.40
N SER A 6 -5.68 -15.09 -3.60
CA SER A 6 -5.19 -15.96 -2.55
C SER A 6 -3.66 -16.08 -2.60
N GLY A 7 -3.02 -15.96 -1.44
CA GLY A 7 -1.57 -16.06 -1.38
C GLY A 7 -1.08 -16.68 -0.09
N ASN A 8 0.10 -17.28 -0.13
CA ASN A 8 0.67 -17.93 1.05
C ASN A 8 1.82 -17.09 1.61
N ALA A 9 2.85 -16.90 0.79
CA ALA A 9 4.02 -16.13 1.20
C ALA A 9 3.66 -14.65 1.37
N PRO A 10 4.28 -14.00 2.37
CA PRO A 10 4.04 -12.59 2.66
C PRO A 10 4.61 -11.67 1.58
N LYS A 11 3.83 -10.67 1.18
CA LYS A 11 4.26 -9.73 0.16
C LYS A 11 4.88 -8.49 0.79
N ARG A 12 5.94 -7.99 0.18
CA ARG A 12 6.63 -6.80 0.69
C ARG A 12 5.64 -5.82 1.31
N PRO A 13 6.06 -5.15 2.39
CA PRO A 13 5.23 -4.18 3.10
C PRO A 13 5.00 -2.91 2.28
N PRO A 14 3.77 -2.39 2.32
CA PRO A 14 3.39 -1.18 1.60
C PRO A 14 4.03 0.07 2.19
N SER A 15 4.02 1.16 1.43
CA SER A 15 4.60 2.41 1.87
C SER A 15 3.52 3.42 2.22
N GLY A 16 3.85 4.35 3.11
CA GLY A 16 2.90 5.36 3.52
C GLY A 16 2.09 5.91 2.36
N PHE A 17 2.79 6.24 1.28
CA PHE A 17 2.14 6.79 0.09
C PHE A 17 1.06 5.83 -0.43
N PHE A 18 1.34 4.53 -0.33
CA PHE A 18 0.40 3.52 -0.79
C PHE A 18 -0.80 3.41 0.16
N LEU A 19 -0.51 3.36 1.46
CA LEU A 19 -1.56 3.25 2.46
C LEU A 19 -2.63 4.32 2.26
N PHE A 20 -2.19 5.52 1.90
CA PHE A 20 -3.10 6.64 1.65
C PHE A 20 -3.79 6.49 0.29
N CYS A 21 -3.04 6.00 -0.69
CA CYS A 21 -3.59 5.82 -2.03
C CYS A 21 -4.71 4.78 -2.03
N SER A 22 -4.58 3.79 -1.16
CA SER A 22 -5.58 2.73 -1.06
C SER A 22 -6.80 3.20 -0.26
N GLU A 23 -6.58 4.16 0.63
CA GLU A 23 -7.64 4.69 1.46
C GLU A 23 -8.40 5.79 0.73
N PHE A 24 -7.72 6.44 -0.21
CA PHE A 24 -8.33 7.52 -0.99
C PHE A 24 -8.91 6.99 -2.29
N ARG A 25 -8.48 5.79 -2.69
CA ARG A 25 -8.96 5.18 -3.92
C ARG A 25 -10.48 5.07 -3.91
N PRO A 26 -11.05 4.63 -2.79
CA PRO A 26 -12.49 4.48 -2.64
C PRO A 26 -13.26 5.71 -3.10
N LYS A 27 -12.85 6.87 -2.62
CA LYS A 27 -13.49 8.13 -2.98
C LYS A 27 -13.43 8.35 -4.49
N ILE A 28 -12.22 8.39 -5.02
CA ILE A 28 -12.02 8.59 -6.46
C ILE A 28 -12.95 7.68 -7.27
N LYS A 29 -12.85 6.38 -7.04
CA LYS A 29 -13.69 5.41 -7.74
C LYS A 29 -15.16 5.77 -7.63
N SER A 30 -15.48 6.63 -6.66
CA SER A 30 -16.86 7.06 -6.45
C SER A 30 -17.17 8.32 -7.25
N THR A 31 -16.36 9.35 -7.04
CA THR A 31 -16.55 10.62 -7.74
C THR A 31 -16.42 10.44 -9.25
N ASN A 32 -15.44 9.64 -9.67
CA ASN A 32 -15.22 9.39 -11.09
C ASN A 32 -16.13 8.28 -11.59
N PRO A 33 -16.79 8.52 -12.73
CA PRO A 33 -17.70 7.55 -13.35
C PRO A 33 -16.96 6.34 -13.91
N GLY A 34 -17.24 5.17 -13.35
CA GLY A 34 -16.59 3.96 -13.80
C GLY A 34 -15.17 4.19 -14.27
N ILE A 35 -14.29 4.52 -13.34
CA ILE A 35 -12.89 4.79 -13.66
C ILE A 35 -12.08 3.49 -13.65
N SER A 36 -10.98 3.48 -14.39
CA SER A 36 -10.12 2.30 -14.46
C SER A 36 -8.89 2.48 -13.57
N ILE A 37 -8.40 1.38 -13.02
CA ILE A 37 -7.23 1.41 -12.15
C ILE A 37 -6.14 2.31 -12.73
N GLY A 38 -5.91 2.19 -14.04
CA GLY A 38 -4.91 3.01 -14.68
C GLY A 38 -5.06 4.49 -14.37
N ASP A 39 -6.28 4.99 -14.54
CA ASP A 39 -6.55 6.40 -14.27
C ASP A 39 -6.34 6.74 -12.80
N VAL A 40 -7.06 6.04 -11.93
CA VAL A 40 -6.94 6.26 -10.49
C VAL A 40 -5.48 6.28 -10.06
N ALA A 41 -4.73 5.26 -10.45
CA ALA A 41 -3.31 5.17 -10.11
C ALA A 41 -2.61 6.50 -10.33
N LYS A 42 -2.80 7.09 -11.51
CA LYS A 42 -2.19 8.37 -11.84
C LYS A 42 -2.59 9.44 -10.85
N LYS A 43 -3.90 9.61 -10.66
CA LYS A 43 -4.41 10.61 -9.73
C LYS A 43 -3.81 10.42 -8.34
N LEU A 44 -3.95 9.22 -7.80
CA LEU A 44 -3.42 8.90 -6.48
C LEU A 44 -2.05 9.53 -6.28
N GLY A 45 -1.14 9.26 -7.22
CA GLY A 45 0.20 9.82 -7.13
C GLY A 45 0.20 11.31 -6.90
N GLU A 46 -0.58 12.03 -7.70
CA GLU A 46 -0.66 13.48 -7.58
C GLU A 46 -1.08 13.89 -6.17
N MET A 47 -2.03 13.16 -5.62
CA MET A 47 -2.53 13.44 -4.27
C MET A 47 -1.38 13.50 -3.27
N TRP A 48 -0.59 12.44 -3.21
CA TRP A 48 0.54 12.37 -2.31
C TRP A 48 1.39 13.63 -2.40
N ASN A 49 1.71 14.04 -3.62
CA ASN A 49 2.52 15.24 -3.84
C ASN A 49 1.82 16.47 -3.28
N ASN A 50 0.50 16.41 -3.21
CA ASN A 50 -0.29 17.54 -2.69
C ASN A 50 -0.26 17.56 -1.17
N LEU A 51 -0.15 16.38 -0.57
CA LEU A 51 -0.12 16.27 0.88
C LEU A 51 1.10 16.98 1.46
N ASN A 52 1.04 17.28 2.75
CA ASN A 52 2.15 17.96 3.42
C ASN A 52 2.97 16.98 4.26
N ASP A 53 4.16 17.41 4.66
CA ASP A 53 5.04 16.58 5.47
C ASP A 53 4.39 16.24 6.81
N SER A 54 3.31 16.93 7.13
CA SER A 54 2.60 16.71 8.39
C SER A 54 1.41 15.77 8.18
N GLU A 55 0.95 15.66 6.94
CA GLU A 55 -0.17 14.79 6.61
C GLU A 55 0.30 13.36 6.37
N LYS A 56 1.50 13.23 5.82
CA LYS A 56 2.07 11.91 5.53
C LYS A 56 2.67 11.30 6.79
N GLN A 57 2.96 12.14 7.77
CA GLN A 57 3.54 11.68 9.03
C GLN A 57 2.82 10.43 9.53
N PRO A 58 1.50 10.55 9.76
CA PRO A 58 0.68 9.44 10.24
C PRO A 58 0.50 8.35 9.19
N TYR A 59 0.94 8.62 7.97
CA TYR A 59 0.84 7.67 6.88
C TYR A 59 2.13 6.86 6.73
N ILE A 60 3.24 7.49 7.09
CA ILE A 60 4.55 6.84 7.00
C ILE A 60 4.82 5.98 8.23
N THR A 61 4.59 6.55 9.41
CA THR A 61 4.80 5.84 10.66
C THR A 61 4.04 4.51 10.68
N LYS A 62 2.83 4.53 10.16
CA LYS A 62 2.00 3.33 10.11
C LYS A 62 2.68 2.23 9.29
N ALA A 63 3.32 2.62 8.20
CA ALA A 63 4.01 1.67 7.34
C ALA A 63 5.18 1.03 8.06
N ALA A 64 5.90 1.82 8.85
CA ALA A 64 7.03 1.31 9.61
C ALA A 64 6.68 0.05 10.37
N LYS A 65 5.52 0.05 11.01
CA LYS A 65 5.06 -1.10 11.78
C LYS A 65 4.89 -2.32 10.88
N LEU A 66 4.65 -2.08 9.60
CA LEU A 66 4.48 -3.16 8.63
C LEU A 66 5.82 -3.76 8.24
N LYS A 67 6.85 -2.91 8.16
CA LYS A 67 8.18 -3.37 7.79
C LYS A 67 8.81 -4.17 8.92
N GLU A 68 8.69 -3.67 10.14
CA GLU A 68 9.25 -4.35 11.30
C GLU A 68 8.63 -5.74 11.47
N LYS A 69 7.33 -5.84 11.23
CA LYS A 69 6.61 -7.10 11.35
C LYS A 69 6.87 -7.98 10.14
N TYR A 70 7.35 -7.37 9.06
CA TYR A 70 7.63 -8.10 7.83
C TYR A 70 8.88 -8.96 7.98
N GLU A 71 10.01 -8.31 8.24
CA GLU A 71 11.28 -9.01 8.40
C GLU A 71 11.09 -10.28 9.23
N LYS A 72 10.15 -10.23 10.17
CA LYS A 72 9.86 -11.38 11.03
C LYS A 72 9.22 -12.51 10.23
N ASP A 73 8.13 -12.20 9.54
CA ASP A 73 7.42 -13.18 8.73
C ASP A 73 8.31 -13.71 7.62
N VAL A 74 9.03 -12.80 6.96
CA VAL A 74 9.92 -13.18 5.86
C VAL A 74 11.05 -14.08 6.36
N ALA A 75 11.60 -13.74 7.51
CA ALA A 75 12.69 -14.52 8.10
C ALA A 75 12.24 -15.95 8.40
N ASP A 76 11.24 -16.08 9.26
CA ASP A 76 10.71 -17.39 9.63
C ASP A 76 10.34 -18.20 8.39
N TYR A 77 9.59 -17.57 7.48
CA TYR A 77 9.16 -18.24 6.26
C TYR A 77 10.32 -19.00 5.63
N LYS A 78 11.49 -18.39 5.61
CA LYS A 78 12.67 -19.03 5.03
C LYS A 78 13.55 -19.64 6.13
N SER A 79 14.64 -20.26 5.71
CA SER A 79 15.56 -20.89 6.65
C SER A 79 14.80 -21.74 7.68
N LYS A 80 13.81 -22.48 7.20
CA LYS A 80 13.01 -23.33 8.07
C LYS A 80 13.81 -24.53 8.54
N GLY A 81 14.52 -25.18 7.62
CA GLY A 81 15.33 -26.34 7.96
C GLY A 81 14.75 -27.62 7.41
N GLY A 1 0.38 -8.27 -13.83
CA GLY A 1 0.97 -8.87 -12.65
C GLY A 1 1.15 -10.36 -12.78
N SER A 2 0.95 -11.08 -11.68
CA SER A 2 1.11 -12.53 -11.68
C SER A 2 -0.09 -13.20 -12.35
N SER A 3 0.20 -14.15 -13.24
CA SER A 3 -0.84 -14.87 -13.97
C SER A 3 -1.01 -16.28 -13.41
N GLY A 4 0.11 -16.96 -13.20
CA GLY A 4 0.08 -18.32 -12.68
C GLY A 4 0.30 -18.36 -11.18
N SER A 5 0.53 -19.57 -10.66
CA SER A 5 0.75 -19.75 -9.23
C SER A 5 1.57 -18.60 -8.66
N SER A 6 1.10 -18.04 -7.54
CA SER A 6 1.78 -16.94 -6.89
C SER A 6 2.96 -17.43 -6.05
N GLY A 7 2.64 -18.23 -5.03
CA GLY A 7 3.68 -18.76 -4.17
C GLY A 7 3.44 -18.44 -2.70
N ASN A 8 3.24 -19.48 -1.90
CA ASN A 8 2.99 -19.29 -0.47
C ASN A 8 4.19 -18.63 0.21
N ALA A 9 4.13 -17.31 0.35
CA ALA A 9 5.21 -16.56 1.00
C ALA A 9 4.76 -15.15 1.36
N PRO A 10 5.50 -14.51 2.27
CA PRO A 10 5.20 -13.15 2.72
C PRO A 10 5.45 -12.11 1.64
N LYS A 11 4.60 -11.09 1.60
CA LYS A 11 4.73 -10.02 0.62
C LYS A 11 5.32 -8.76 1.25
N ARG A 12 5.86 -7.89 0.42
CA ARG A 12 6.46 -6.65 0.90
C ARG A 12 5.42 -5.76 1.54
N PRO A 13 5.80 -5.10 2.65
CA PRO A 13 4.90 -4.20 3.39
C PRO A 13 4.60 -2.93 2.61
N PRO A 14 3.38 -2.38 2.82
CA PRO A 14 2.94 -1.16 2.15
C PRO A 14 3.69 0.08 2.65
N SER A 15 3.73 1.12 1.82
CA SER A 15 4.42 2.35 2.17
C SER A 15 3.42 3.48 2.41
N GLY A 16 3.84 4.49 3.17
CA GLY A 16 2.97 5.62 3.46
C GLY A 16 2.24 6.12 2.23
N PHE A 17 2.88 5.98 1.07
CA PHE A 17 2.28 6.43 -0.19
C PHE A 17 1.19 5.47 -0.65
N PHE A 18 1.43 4.18 -0.48
CA PHE A 18 0.46 3.16 -0.87
C PHE A 18 -0.78 3.23 0.01
N LEU A 19 -0.59 3.06 1.31
CA LEU A 19 -1.69 3.10 2.26
C LEU A 19 -2.61 4.28 1.98
N PHE A 20 -2.04 5.47 1.94
CA PHE A 20 -2.81 6.69 1.67
C PHE A 20 -3.54 6.58 0.34
N CYS A 21 -2.86 6.02 -0.66
CA CYS A 21 -3.44 5.87 -1.99
C CYS A 21 -4.46 4.72 -2.01
N SER A 22 -4.35 3.83 -1.04
CA SER A 22 -5.25 2.68 -0.94
C SER A 22 -6.50 3.04 -0.16
N GLU A 23 -6.37 4.03 0.73
CA GLU A 23 -7.51 4.47 1.54
C GLU A 23 -8.32 5.54 0.82
N PHE A 24 -7.66 6.29 -0.05
CA PHE A 24 -8.32 7.34 -0.80
C PHE A 24 -8.87 6.81 -2.12
N ARG A 25 -8.35 5.66 -2.56
CA ARG A 25 -8.79 5.04 -3.80
C ARG A 25 -10.31 4.90 -3.84
N PRO A 26 -10.89 4.44 -2.72
CA PRO A 26 -12.34 4.25 -2.60
C PRO A 26 -13.12 5.47 -3.07
N LYS A 27 -12.79 6.63 -2.53
CA LYS A 27 -13.45 7.88 -2.89
C LYS A 27 -13.38 8.11 -4.40
N ILE A 28 -12.16 8.08 -4.94
CA ILE A 28 -11.96 8.28 -6.36
C ILE A 28 -12.87 7.38 -7.19
N LYS A 29 -12.94 6.11 -6.80
CA LYS A 29 -13.77 5.14 -7.50
C LYS A 29 -15.25 5.45 -7.30
N SER A 30 -15.55 6.30 -6.32
CA SER A 30 -16.92 6.69 -6.03
C SER A 30 -17.27 8.01 -6.70
N THR A 31 -16.24 8.82 -6.96
CA THR A 31 -16.44 10.12 -7.59
C THR A 31 -16.45 9.99 -9.12
N ASN A 32 -15.51 9.21 -9.64
CA ASN A 32 -15.42 9.00 -11.09
C ASN A 32 -16.23 7.79 -11.52
N PRO A 33 -17.02 7.95 -12.58
CA PRO A 33 -17.86 6.88 -13.12
C PRO A 33 -17.04 5.78 -13.78
N GLY A 34 -17.28 4.54 -13.36
CA GLY A 34 -16.55 3.42 -13.93
C GLY A 34 -15.09 3.73 -14.17
N ILE A 35 -14.53 4.60 -13.33
CA ILE A 35 -13.13 4.98 -13.45
C ILE A 35 -12.26 3.78 -13.79
N SER A 36 -11.16 4.02 -14.50
CA SER A 36 -10.24 2.96 -14.89
C SER A 36 -8.95 3.03 -14.08
N ILE A 37 -8.40 1.87 -13.76
CA ILE A 37 -7.16 1.81 -12.98
C ILE A 37 -6.20 2.93 -13.37
N GLY A 38 -6.15 3.22 -14.67
CA GLY A 38 -5.28 4.28 -15.15
C GLY A 38 -5.55 5.61 -14.49
N ASP A 39 -6.78 6.09 -14.61
CA ASP A 39 -7.17 7.36 -14.02
C ASP A 39 -6.76 7.42 -12.55
N VAL A 40 -7.25 6.47 -11.76
CA VAL A 40 -6.94 6.41 -10.34
C VAL A 40 -5.44 6.59 -10.10
N ALA A 41 -4.64 5.82 -10.81
CA ALA A 41 -3.19 5.89 -10.68
C ALA A 41 -2.68 7.31 -10.94
N LYS A 42 -3.15 7.91 -12.04
CA LYS A 42 -2.76 9.26 -12.40
C LYS A 42 -3.08 10.24 -11.28
N LYS A 43 -4.31 10.18 -10.78
CA LYS A 43 -4.76 11.06 -9.71
C LYS A 43 -3.96 10.81 -8.44
N LEU A 44 -4.10 9.61 -7.87
CA LEU A 44 -3.39 9.25 -6.65
C LEU A 44 -2.00 9.88 -6.62
N GLY A 45 -1.21 9.61 -7.65
CA GLY A 45 0.13 10.15 -7.73
C GLY A 45 0.18 11.63 -7.37
N GLU A 46 -0.66 12.42 -8.02
CA GLU A 46 -0.72 13.86 -7.77
C GLU A 46 -1.12 14.13 -6.32
N MET A 47 -2.08 13.36 -5.83
CA MET A 47 -2.56 13.52 -4.46
C MET A 47 -1.43 13.36 -3.46
N TRP A 48 -0.72 12.23 -3.55
CA TRP A 48 0.40 11.96 -2.65
C TRP A 48 1.31 13.18 -2.52
N ASN A 49 1.68 13.75 -3.66
CA ASN A 49 2.56 14.92 -3.67
C ASN A 49 1.87 16.12 -3.04
N ASN A 50 0.57 16.27 -3.31
CA ASN A 50 -0.20 17.38 -2.77
C ASN A 50 -0.08 17.43 -1.24
N LEU A 51 -0.01 16.25 -0.63
CA LEU A 51 0.11 16.17 0.83
C LEU A 51 1.37 16.86 1.32
N ASN A 52 1.40 17.18 2.60
CA ASN A 52 2.56 17.85 3.19
C ASN A 52 3.31 16.91 4.14
N ASP A 53 4.55 17.25 4.43
CA ASP A 53 5.38 16.43 5.32
C ASP A 53 4.64 16.13 6.62
N SER A 54 3.71 17.02 6.98
CA SER A 54 2.93 16.85 8.21
C SER A 54 1.80 15.84 8.00
N GLU A 55 1.24 15.83 6.80
CA GLU A 55 0.15 14.91 6.48
C GLU A 55 0.68 13.50 6.26
N LYS A 56 1.88 13.40 5.71
CA LYS A 56 2.50 12.10 5.46
C LYS A 56 3.06 11.49 6.75
N GLN A 57 3.27 12.34 7.75
CA GLN A 57 3.80 11.89 9.03
C GLN A 57 3.05 10.65 9.52
N PRO A 58 1.72 10.78 9.68
CA PRO A 58 0.86 9.69 10.13
C PRO A 58 0.73 8.59 9.10
N TYR A 59 1.22 8.84 7.89
CA TYR A 59 1.16 7.87 6.81
C TYR A 59 2.45 7.06 6.73
N ILE A 60 3.56 7.67 7.13
CA ILE A 60 4.85 7.01 7.10
C ILE A 60 5.08 6.20 8.37
N THR A 61 4.58 6.70 9.48
CA THR A 61 4.73 6.03 10.77
C THR A 61 4.00 4.69 10.77
N LYS A 62 2.78 4.67 10.25
CA LYS A 62 1.99 3.46 10.17
C LYS A 62 2.70 2.38 9.36
N ALA A 63 3.10 2.74 8.14
CA ALA A 63 3.80 1.81 7.26
C ALA A 63 5.01 1.19 7.96
N ALA A 64 5.72 2.02 8.71
CA ALA A 64 6.91 1.55 9.43
C ALA A 64 6.57 0.36 10.31
N LYS A 65 5.42 0.41 10.98
CA LYS A 65 4.99 -0.67 11.85
C LYS A 65 4.79 -1.96 11.08
N LEU A 66 4.13 -1.85 9.92
CA LEU A 66 3.88 -3.02 9.08
C LEU A 66 5.18 -3.75 8.76
N LYS A 67 6.19 -3.01 8.34
CA LYS A 67 7.49 -3.59 8.00
C LYS A 67 7.98 -4.49 9.14
N GLU A 68 7.84 -4.02 10.37
CA GLU A 68 8.28 -4.78 11.52
C GLU A 68 7.82 -6.23 11.43
N LYS A 69 6.51 -6.42 11.30
CA LYS A 69 5.93 -7.76 11.19
C LYS A 69 6.54 -8.52 10.02
N TYR A 70 6.57 -7.88 8.85
CA TYR A 70 7.13 -8.50 7.65
C TYR A 70 8.43 -9.23 7.98
N GLU A 71 9.37 -8.50 8.58
CA GLU A 71 10.66 -9.08 8.94
C GLU A 71 10.48 -10.37 9.74
N LYS A 72 9.60 -10.31 10.73
CA LYS A 72 9.33 -11.47 11.58
C LYS A 72 8.88 -12.66 10.75
N ASP A 73 8.37 -12.39 9.55
CA ASP A 73 7.90 -13.43 8.65
C ASP A 73 9.03 -13.93 7.76
N VAL A 74 9.55 -13.05 6.92
CA VAL A 74 10.65 -13.40 6.02
C VAL A 74 11.78 -14.10 6.77
N ALA A 75 11.99 -13.70 8.02
CA ALA A 75 13.04 -14.29 8.85
C ALA A 75 12.62 -15.68 9.34
N ASP A 76 11.49 -15.72 10.03
CA ASP A 76 10.98 -16.99 10.57
C ASP A 76 10.77 -18.00 9.45
N TYR A 77 10.66 -17.51 8.23
CA TYR A 77 10.45 -18.38 7.07
C TYR A 77 11.75 -19.08 6.67
N LYS A 78 12.87 -18.51 7.07
CA LYS A 78 14.18 -19.08 6.75
C LYS A 78 14.74 -19.83 7.95
N SER A 79 15.71 -20.70 7.69
CA SER A 79 16.34 -21.48 8.76
C SER A 79 15.32 -21.87 9.82
N LYS A 80 14.06 -22.05 9.40
CA LYS A 80 13.00 -22.42 10.32
C LYS A 80 13.38 -23.64 11.15
N GLY A 81 12.56 -23.97 12.14
CA GLY A 81 12.83 -25.11 12.98
C GLY A 81 12.22 -24.97 14.36
N GLY A 1 -13.85 -12.46 -1.05
CA GLY A 1 -12.43 -12.76 -1.05
C GLY A 1 -11.83 -12.71 0.33
N SER A 2 -11.64 -13.89 0.93
CA SER A 2 -11.06 -13.98 2.27
C SER A 2 -9.89 -14.95 2.30
N SER A 3 -8.72 -14.44 2.67
CA SER A 3 -7.51 -15.25 2.73
C SER A 3 -6.89 -15.21 4.13
N GLY A 4 -6.47 -16.37 4.62
CA GLY A 4 -5.87 -16.44 5.94
C GLY A 4 -5.42 -17.84 6.29
N SER A 5 -4.63 -18.45 5.41
CA SER A 5 -4.13 -19.80 5.64
C SER A 5 -2.98 -20.12 4.69
N SER A 6 -2.21 -21.16 5.02
CA SER A 6 -1.08 -21.57 4.20
C SER A 6 -1.41 -21.44 2.72
N GLY A 7 -0.48 -20.86 1.97
CA GLY A 7 -0.69 -20.69 0.54
C GLY A 7 0.49 -20.03 -0.15
N ASN A 8 0.37 -18.73 -0.41
CA ASN A 8 1.43 -17.99 -1.07
C ASN A 8 2.20 -17.14 -0.06
N ALA A 9 3.51 -17.03 -0.26
CA ALA A 9 4.36 -16.25 0.63
C ALA A 9 3.86 -14.82 0.75
N PRO A 10 4.21 -14.15 1.86
CA PRO A 10 3.80 -12.77 2.12
C PRO A 10 4.48 -11.78 1.19
N LYS A 11 3.70 -10.90 0.58
CA LYS A 11 4.24 -9.90 -0.33
C LYS A 11 4.86 -8.74 0.45
N ARG A 12 5.69 -7.96 -0.24
CA ARG A 12 6.37 -6.82 0.37
C ARG A 12 5.35 -5.83 0.92
N PRO A 13 5.66 -5.25 2.10
CA PRO A 13 4.79 -4.27 2.76
C PRO A 13 4.73 -2.95 2.00
N PRO A 14 3.55 -2.30 2.04
CA PRO A 14 3.34 -1.01 1.37
C PRO A 14 4.11 0.13 2.03
N SER A 15 4.09 1.29 1.40
CA SER A 15 4.79 2.46 1.93
C SER A 15 3.81 3.60 2.22
N GLY A 16 4.24 4.55 3.04
CA GLY A 16 3.39 5.68 3.38
C GLY A 16 2.64 6.22 2.18
N PHE A 17 3.29 6.21 1.02
CA PHE A 17 2.67 6.71 -0.21
C PHE A 17 1.53 5.80 -0.63
N PHE A 18 1.70 4.50 -0.44
CA PHE A 18 0.68 3.53 -0.82
C PHE A 18 -0.49 3.56 0.15
N LEU A 19 -0.19 3.46 1.45
CA LEU A 19 -1.21 3.49 2.49
C LEU A 19 -2.24 4.57 2.19
N PHE A 20 -1.78 5.71 1.69
CA PHE A 20 -2.66 6.82 1.38
C PHE A 20 -3.36 6.61 0.03
N CYS A 21 -2.66 5.95 -0.89
CA CYS A 21 -3.20 5.68 -2.21
C CYS A 21 -4.38 4.71 -2.13
N SER A 22 -4.24 3.71 -1.26
CA SER A 22 -5.28 2.71 -1.09
C SER A 22 -6.37 3.21 -0.15
N GLU A 23 -6.02 4.18 0.70
CA GLU A 23 -6.98 4.75 1.65
C GLU A 23 -7.96 5.68 0.94
N PHE A 24 -7.44 6.47 0.00
CA PHE A 24 -8.27 7.40 -0.75
C PHE A 24 -8.82 6.76 -2.02
N ARG A 25 -8.26 5.60 -2.36
CA ARG A 25 -8.69 4.88 -3.56
C ARG A 25 -10.21 4.73 -3.58
N PRO A 26 -10.78 4.33 -2.44
CA PRO A 26 -12.24 4.14 -2.31
C PRO A 26 -13.03 5.32 -2.86
N LYS A 27 -12.74 6.52 -2.35
CA LYS A 27 -13.42 7.73 -2.80
C LYS A 27 -13.31 7.88 -4.31
N ILE A 28 -12.08 7.95 -4.81
CA ILE A 28 -11.84 8.10 -6.25
C ILE A 28 -12.67 7.10 -7.05
N LYS A 29 -12.71 5.86 -6.57
CA LYS A 29 -13.47 4.80 -7.24
C LYS A 29 -14.97 5.00 -7.04
N SER A 30 -15.33 5.77 -6.02
CA SER A 30 -16.73 6.05 -5.73
C SER A 30 -17.17 7.38 -6.32
N THR A 31 -16.18 8.21 -6.68
CA THR A 31 -16.45 9.52 -7.26
C THR A 31 -16.40 9.47 -8.79
N ASN A 32 -15.41 8.76 -9.31
CA ASN A 32 -15.24 8.63 -10.75
C ASN A 32 -15.99 7.41 -11.29
N PRO A 33 -16.81 7.63 -12.33
CA PRO A 33 -17.60 6.56 -12.96
C PRO A 33 -16.73 5.56 -13.71
N GLY A 34 -16.94 4.28 -13.45
CA GLY A 34 -16.18 3.24 -14.11
C GLY A 34 -14.73 3.63 -14.29
N ILE A 35 -14.11 4.15 -13.24
CA ILE A 35 -12.72 4.56 -13.29
C ILE A 35 -11.78 3.35 -13.33
N SER A 36 -10.84 3.37 -14.26
CA SER A 36 -9.88 2.28 -14.41
C SER A 36 -8.67 2.49 -13.50
N ILE A 37 -8.12 1.39 -13.01
CA ILE A 37 -6.96 1.45 -12.13
C ILE A 37 -6.02 2.58 -12.54
N GLY A 38 -5.57 2.54 -13.79
CA GLY A 38 -4.68 3.57 -14.29
C GLY A 38 -5.10 4.96 -13.88
N ASP A 39 -6.33 5.33 -14.25
CA ASP A 39 -6.86 6.64 -13.91
C ASP A 39 -6.57 7.00 -12.46
N VAL A 40 -7.08 6.18 -11.55
CA VAL A 40 -6.88 6.40 -10.12
C VAL A 40 -5.40 6.59 -9.79
N ALA A 41 -4.57 5.69 -10.32
CA ALA A 41 -3.14 5.76 -10.08
C ALA A 41 -2.59 7.16 -10.37
N LYS A 42 -2.93 7.68 -11.55
CA LYS A 42 -2.47 9.01 -11.94
C LYS A 42 -2.85 10.05 -10.90
N LYS A 43 -4.12 10.05 -10.50
CA LYS A 43 -4.60 10.99 -9.50
C LYS A 43 -3.85 10.83 -8.18
N LEU A 44 -3.90 9.62 -7.62
CA LEU A 44 -3.22 9.34 -6.36
C LEU A 44 -1.86 10.02 -6.31
N GLY A 45 -1.04 9.76 -7.32
CA GLY A 45 0.29 10.36 -7.38
C GLY A 45 0.25 11.85 -7.14
N GLU A 46 -0.76 12.52 -7.67
CA GLU A 46 -0.90 13.96 -7.52
C GLU A 46 -1.23 14.32 -6.06
N MET A 47 -2.29 13.72 -5.53
CA MET A 47 -2.70 13.97 -4.16
C MET A 47 -1.55 13.72 -3.19
N TRP A 48 -0.83 12.62 -3.41
CA TRP A 48 0.30 12.27 -2.55
C TRP A 48 1.33 13.40 -2.52
N ASN A 49 1.82 13.77 -3.69
CA ASN A 49 2.82 14.83 -3.80
C ASN A 49 2.24 16.16 -3.33
N ASN A 50 0.91 16.24 -3.28
CA ASN A 50 0.25 17.46 -2.85
C ASN A 50 0.22 17.56 -1.32
N LEU A 51 0.10 16.40 -0.66
CA LEU A 51 0.07 16.36 0.79
C LEU A 51 1.28 17.06 1.40
N ASN A 52 1.16 17.43 2.67
CA ASN A 52 2.25 18.11 3.36
C ASN A 52 3.01 17.14 4.27
N ASP A 53 4.28 17.44 4.50
CA ASP A 53 5.12 16.60 5.35
C ASP A 53 4.38 16.21 6.63
N SER A 54 3.60 17.15 7.15
CA SER A 54 2.84 16.91 8.38
C SER A 54 1.69 15.94 8.13
N GLU A 55 1.17 15.96 6.90
CA GLU A 55 0.06 15.09 6.54
C GLU A 55 0.54 13.67 6.31
N LYS A 56 1.75 13.53 5.78
CA LYS A 56 2.33 12.22 5.52
C LYS A 56 2.89 11.60 6.80
N GLN A 57 3.15 12.44 7.79
CA GLN A 57 3.68 11.98 9.06
C GLN A 57 2.93 10.74 9.55
N PRO A 58 1.60 10.89 9.72
CA PRO A 58 0.75 9.79 10.19
C PRO A 58 0.60 8.68 9.14
N TYR A 59 1.09 8.95 7.93
CA TYR A 59 1.01 7.99 6.84
C TYR A 59 2.29 7.16 6.75
N ILE A 60 3.40 7.75 7.18
CA ILE A 60 4.70 7.08 7.16
C ILE A 60 4.89 6.21 8.40
N THR A 61 4.35 6.66 9.51
CA THR A 61 4.46 5.94 10.77
C THR A 61 3.74 4.60 10.70
N LYS A 62 2.58 4.60 10.06
CA LYS A 62 1.78 3.38 9.91
C LYS A 62 2.52 2.34 9.07
N ALA A 63 3.00 2.77 7.91
CA ALA A 63 3.73 1.88 7.02
C ALA A 63 4.88 1.20 7.73
N ALA A 64 5.58 1.96 8.57
CA ALA A 64 6.71 1.43 9.33
C ALA A 64 6.31 0.19 10.12
N LYS A 65 5.06 0.15 10.57
CA LYS A 65 4.56 -0.98 11.34
C LYS A 65 4.38 -2.21 10.45
N LEU A 66 4.09 -1.96 9.17
CA LEU A 66 3.90 -3.05 8.22
C LEU A 66 5.23 -3.71 7.87
N LYS A 67 6.29 -2.92 7.87
CA LYS A 67 7.63 -3.43 7.56
C LYS A 67 8.14 -4.32 8.69
N GLU A 68 8.16 -3.77 9.91
CA GLU A 68 8.62 -4.51 11.07
C GLU A 68 7.92 -5.86 11.18
N LYS A 69 6.62 -5.86 10.92
CA LYS A 69 5.82 -7.08 10.99
C LYS A 69 6.18 -8.02 9.85
N TYR A 70 6.42 -7.46 8.68
CA TYR A 70 6.77 -8.25 7.50
C TYR A 70 8.09 -8.98 7.72
N GLU A 71 9.08 -8.26 8.24
CA GLU A 71 10.39 -8.84 8.50
C GLU A 71 10.28 -10.06 9.40
N LYS A 72 9.42 -9.98 10.40
CA LYS A 72 9.22 -11.07 11.34
C LYS A 72 8.72 -12.33 10.61
N ASP A 73 7.59 -12.20 9.95
CA ASP A 73 7.00 -13.31 9.20
C ASP A 73 7.98 -13.83 8.15
N VAL A 74 8.59 -12.91 7.42
CA VAL A 74 9.54 -13.28 6.37
C VAL A 74 10.68 -14.12 6.94
N ALA A 75 11.31 -13.62 8.01
CA ALA A 75 12.41 -14.34 8.64
C ALA A 75 12.04 -15.79 8.91
N ASP A 76 11.00 -15.99 9.71
CA ASP A 76 10.54 -17.34 10.04
C ASP A 76 10.21 -18.13 8.78
N TYR A 77 9.42 -17.54 7.89
CA TYR A 77 9.04 -18.19 6.65
C TYR A 77 10.24 -18.85 5.98
N LYS A 78 11.31 -18.07 5.83
CA LYS A 78 12.54 -18.57 5.21
C LYS A 78 13.19 -19.64 6.07
N SER A 79 13.28 -19.38 7.38
CA SER A 79 13.89 -20.31 8.31
C SER A 79 13.08 -21.60 8.39
N LYS A 80 13.48 -22.60 7.59
CA LYS A 80 12.79 -23.87 7.57
C LYS A 80 13.75 -25.01 7.95
N GLY A 81 13.21 -26.06 8.56
CA GLY A 81 14.02 -27.19 8.96
C GLY A 81 13.23 -28.48 9.01
N GLY A 1 -8.76 -29.45 -9.39
CA GLY A 1 -8.28 -30.53 -10.23
C GLY A 1 -6.85 -30.92 -9.94
N SER A 2 -6.00 -30.88 -10.97
CA SER A 2 -4.60 -31.23 -10.81
C SER A 2 -3.98 -30.48 -9.63
N SER A 3 -3.15 -31.18 -8.86
CA SER A 3 -2.50 -30.58 -7.70
C SER A 3 -1.02 -30.30 -8.00
N GLY A 4 -0.58 -29.09 -7.67
CA GLY A 4 0.80 -28.73 -7.91
C GLY A 4 1.52 -28.33 -6.64
N SER A 5 2.24 -27.21 -6.69
CA SER A 5 2.98 -26.72 -5.53
C SER A 5 2.35 -25.46 -4.98
N SER A 6 1.98 -25.49 -3.69
CA SER A 6 1.37 -24.35 -3.04
C SER A 6 1.86 -24.21 -1.60
N GLY A 7 1.86 -22.99 -1.10
CA GLY A 7 2.32 -22.73 0.26
C GLY A 7 1.81 -21.42 0.81
N ASN A 8 2.08 -21.17 2.08
CA ASN A 8 1.64 -19.93 2.74
C ASN A 8 2.83 -19.10 3.18
N ALA A 9 3.06 -17.99 2.49
CA ALA A 9 4.17 -17.10 2.83
C ALA A 9 3.73 -15.65 2.80
N PRO A 10 4.36 -14.82 3.66
CA PRO A 10 4.04 -13.39 3.74
C PRO A 10 4.50 -12.62 2.51
N LYS A 11 4.24 -11.31 2.52
CA LYS A 11 4.64 -10.45 1.39
C LYS A 11 5.25 -9.15 1.90
N ARG A 12 6.10 -8.55 1.07
CA ARG A 12 6.75 -7.29 1.42
C ARG A 12 5.72 -6.25 1.85
N PRO A 13 6.09 -5.42 2.83
CA PRO A 13 5.22 -4.36 3.35
C PRO A 13 5.03 -3.23 2.34
N PRO A 14 3.84 -2.60 2.36
CA PRO A 14 3.49 -1.50 1.46
C PRO A 14 4.28 -0.23 1.78
N SER A 15 3.90 0.87 1.14
CA SER A 15 4.57 2.15 1.35
C SER A 15 3.55 3.25 1.62
N GLY A 16 3.94 4.22 2.44
CA GLY A 16 3.06 5.32 2.78
C GLY A 16 2.24 5.78 1.59
N PHE A 17 2.84 5.76 0.41
CA PHE A 17 2.16 6.17 -0.81
C PHE A 17 1.09 5.17 -1.20
N PHE A 18 1.43 3.89 -1.10
CA PHE A 18 0.48 2.83 -1.44
C PHE A 18 -0.72 2.83 -0.51
N LEU A 19 -0.47 3.07 0.77
CA LEU A 19 -1.53 3.11 1.77
C LEU A 19 -2.55 4.19 1.45
N PHE A 20 -2.11 5.44 1.54
CA PHE A 20 -2.98 6.58 1.25
C PHE A 20 -3.69 6.40 -0.10
N CYS A 21 -2.98 5.82 -1.05
CA CYS A 21 -3.53 5.60 -2.38
C CYS A 21 -4.70 4.63 -2.32
N SER A 22 -4.49 3.48 -1.68
CA SER A 22 -5.52 2.47 -1.56
C SER A 22 -6.65 2.94 -0.64
N GLU A 23 -6.32 3.87 0.25
CA GLU A 23 -7.29 4.41 1.18
C GLU A 23 -8.14 5.50 0.52
N PHE A 24 -7.56 6.17 -0.46
CA PHE A 24 -8.26 7.23 -1.18
C PHE A 24 -8.87 6.70 -2.48
N ARG A 25 -8.46 5.50 -2.87
CA ARG A 25 -8.96 4.89 -4.08
C ARG A 25 -10.49 4.85 -4.08
N PRO A 26 -11.07 4.43 -2.94
CA PRO A 26 -12.52 4.34 -2.79
C PRO A 26 -13.24 5.60 -3.27
N LYS A 27 -12.84 6.74 -2.73
CA LYS A 27 -13.45 8.02 -3.10
C LYS A 27 -13.39 8.21 -4.63
N ILE A 28 -12.19 8.24 -5.17
CA ILE A 28 -12.00 8.42 -6.60
C ILE A 28 -12.95 7.53 -7.40
N LYS A 29 -12.95 6.24 -7.07
CA LYS A 29 -13.80 5.27 -7.75
C LYS A 29 -15.27 5.53 -7.41
N SER A 30 -15.52 6.25 -6.33
CA SER A 30 -16.88 6.56 -5.90
C SER A 30 -17.29 7.94 -6.39
N THR A 31 -16.32 8.71 -6.86
CA THR A 31 -16.59 10.06 -7.36
C THR A 31 -16.64 10.09 -8.88
N ASN A 32 -15.73 9.36 -9.52
CA ASN A 32 -15.67 9.29 -10.97
C ASN A 32 -16.39 8.06 -11.50
N PRO A 33 -17.22 8.26 -12.53
CA PRO A 33 -17.99 7.17 -13.15
C PRO A 33 -17.10 6.21 -13.92
N GLY A 34 -17.30 4.91 -13.67
CA GLY A 34 -16.51 3.90 -14.36
C GLY A 34 -15.09 4.36 -14.63
N ILE A 35 -14.43 4.89 -13.60
CA ILE A 35 -13.07 5.36 -13.74
C ILE A 35 -12.07 4.20 -13.74
N SER A 36 -11.33 4.07 -14.83
CA SER A 36 -10.35 3.00 -14.97
C SER A 36 -9.10 3.31 -14.12
N ILE A 37 -8.46 2.25 -13.63
CA ILE A 37 -7.26 2.39 -12.83
C ILE A 37 -6.31 3.41 -13.43
N GLY A 38 -6.30 3.49 -14.75
CA GLY A 38 -5.43 4.43 -15.43
C GLY A 38 -5.60 5.85 -14.93
N ASP A 39 -6.85 6.28 -14.80
CA ASP A 39 -7.15 7.63 -14.33
C ASP A 39 -6.71 7.80 -12.88
N VAL A 40 -7.19 6.92 -12.01
CA VAL A 40 -6.85 6.97 -10.59
C VAL A 40 -5.35 7.20 -10.40
N ALA A 41 -4.54 6.32 -10.99
CA ALA A 41 -3.09 6.43 -10.88
C ALA A 41 -2.64 7.88 -11.05
N LYS A 42 -3.20 8.56 -12.04
CA LYS A 42 -2.85 9.94 -12.32
C LYS A 42 -3.21 10.84 -11.14
N LYS A 43 -4.47 10.75 -10.70
CA LYS A 43 -4.93 11.55 -9.57
C LYS A 43 -4.13 11.25 -8.32
N LEU A 44 -4.15 9.99 -7.89
CA LEU A 44 -3.41 9.58 -6.70
C LEU A 44 -2.08 10.31 -6.60
N GLY A 45 -1.24 10.16 -7.62
CA GLY A 45 0.05 10.82 -7.63
C GLY A 45 -0.03 12.26 -7.19
N GLU A 46 -1.01 12.99 -7.73
CA GLU A 46 -1.20 14.40 -7.39
C GLU A 46 -1.61 14.55 -5.92
N MET A 47 -2.71 13.90 -5.55
CA MET A 47 -3.21 13.98 -4.18
C MET A 47 -2.09 13.72 -3.18
N TRP A 48 -1.22 12.77 -3.52
CA TRP A 48 -0.10 12.42 -2.65
C TRP A 48 0.82 13.62 -2.43
N ASN A 49 1.39 14.11 -3.52
CA ASN A 49 2.30 15.25 -3.45
C ASN A 49 1.67 16.40 -2.68
N ASN A 50 0.37 16.63 -2.91
CA ASN A 50 -0.35 17.70 -2.24
C ASN A 50 -0.21 17.58 -0.73
N LEU A 51 -0.34 16.37 -0.22
CA LEU A 51 -0.22 16.11 1.22
C LEU A 51 1.04 16.76 1.78
N ASN A 52 0.97 17.16 3.05
CA ASN A 52 2.12 17.79 3.70
C ASN A 52 2.90 16.76 4.52
N ASP A 53 4.16 17.07 4.78
CA ASP A 53 5.03 16.19 5.55
C ASP A 53 4.31 15.70 6.81
N SER A 54 3.56 16.58 7.45
CA SER A 54 2.82 16.24 8.65
C SER A 54 1.65 15.32 8.35
N GLU A 55 1.12 15.45 7.13
CA GLU A 55 0.00 14.62 6.70
C GLU A 55 0.45 13.20 6.38
N LYS A 56 1.65 13.09 5.83
CA LYS A 56 2.21 11.78 5.47
C LYS A 56 2.80 11.09 6.68
N GLN A 57 3.12 11.88 7.71
CA GLN A 57 3.69 11.34 8.94
C GLN A 57 2.97 10.06 9.37
N PRO A 58 1.65 10.17 9.57
CA PRO A 58 0.82 9.04 9.99
C PRO A 58 0.65 8.01 8.88
N TYR A 59 1.09 8.37 7.67
CA TYR A 59 0.99 7.47 6.52
C TYR A 59 2.28 6.69 6.32
N ILE A 60 3.40 7.27 6.74
CA ILE A 60 4.70 6.63 6.61
C ILE A 60 4.97 5.71 7.79
N THR A 61 4.59 6.16 8.99
CA THR A 61 4.80 5.38 10.20
C THR A 61 4.12 4.02 10.11
N LYS A 62 2.95 3.99 9.47
CA LYS A 62 2.21 2.75 9.30
C LYS A 62 2.96 1.77 8.41
N ALA A 63 3.68 2.30 7.43
CA ALA A 63 4.45 1.47 6.51
C ALA A 63 5.77 1.03 7.14
N ALA A 64 6.26 1.84 8.08
CA ALA A 64 7.51 1.53 8.76
C ALA A 64 7.29 0.49 9.86
N LYS A 65 6.19 0.62 10.58
CA LYS A 65 5.86 -0.30 11.66
C LYS A 65 5.53 -1.68 11.11
N LEU A 66 4.93 -1.71 9.93
CA LEU A 66 4.56 -2.97 9.29
C LEU A 66 5.80 -3.76 8.89
N LYS A 67 6.84 -3.05 8.48
CA LYS A 67 8.09 -3.69 8.06
C LYS A 67 8.71 -4.47 9.21
N GLU A 68 8.86 -3.81 10.36
CA GLU A 68 9.44 -4.45 11.54
C GLU A 68 8.83 -5.83 11.76
N LYS A 69 7.51 -5.91 11.67
CA LYS A 69 6.80 -7.17 11.87
C LYS A 69 7.10 -8.14 10.73
N TYR A 70 7.14 -7.61 9.51
CA TYR A 70 7.41 -8.42 8.33
C TYR A 70 8.68 -9.26 8.52
N GLU A 71 9.81 -8.57 8.67
CA GLU A 71 11.10 -9.25 8.86
C GLU A 71 10.99 -10.32 9.95
N LYS A 72 10.42 -9.94 11.09
CA LYS A 72 10.26 -10.86 12.20
C LYS A 72 9.51 -12.12 11.78
N ASP A 73 8.70 -11.99 10.72
CA ASP A 73 7.94 -13.11 10.21
C ASP A 73 8.76 -13.94 9.23
N VAL A 74 9.10 -13.33 8.09
CA VAL A 74 9.89 -14.00 7.06
C VAL A 74 11.05 -14.76 7.68
N ALA A 75 11.60 -14.22 8.76
CA ALA A 75 12.72 -14.85 9.45
C ALA A 75 12.26 -16.06 10.26
N ASP A 76 11.32 -15.84 11.15
CA ASP A 76 10.79 -16.92 11.98
C ASP A 76 10.18 -18.02 11.12
N TYR A 77 9.80 -17.66 9.90
CA TYR A 77 9.20 -18.61 8.98
C TYR A 77 10.26 -19.41 8.23
N LYS A 78 11.28 -18.70 7.73
CA LYS A 78 12.37 -19.33 7.01
C LYS A 78 13.49 -19.73 7.95
N SER A 79 13.14 -20.39 9.05
CA SER A 79 14.12 -20.82 10.03
C SER A 79 14.04 -22.33 10.24
N LYS A 80 14.97 -23.06 9.64
CA LYS A 80 15.01 -24.51 9.75
C LYS A 80 16.42 -25.04 9.57
N GLY A 81 16.75 -26.12 10.27
CA GLY A 81 18.07 -26.71 10.17
C GLY A 81 18.95 -26.37 11.35
N GLY A 1 -16.44 -9.76 -5.62
CA GLY A 1 -16.36 -10.84 -6.59
C GLY A 1 -15.39 -11.92 -6.17
N SER A 2 -15.01 -12.77 -7.13
CA SER A 2 -14.07 -13.85 -6.85
C SER A 2 -12.76 -13.65 -7.60
N SER A 3 -11.76 -13.13 -6.89
CA SER A 3 -10.46 -12.88 -7.49
C SER A 3 -9.39 -12.68 -6.41
N GLY A 4 -8.21 -13.24 -6.64
CA GLY A 4 -7.13 -13.11 -5.68
C GLY A 4 -5.82 -13.67 -6.20
N SER A 5 -4.85 -13.81 -5.31
CA SER A 5 -3.53 -14.33 -5.69
C SER A 5 -3.31 -15.72 -5.09
N SER A 6 -2.19 -16.34 -5.47
CA SER A 6 -1.86 -17.68 -4.98
C SER A 6 -0.36 -17.81 -4.76
N GLY A 7 0.04 -17.96 -3.50
CA GLY A 7 1.46 -18.10 -3.18
C GLY A 7 1.68 -18.45 -1.72
N ASN A 8 2.93 -18.33 -1.28
CA ASN A 8 3.27 -18.63 0.10
C ASN A 8 4.10 -17.50 0.72
N ALA A 9 5.20 -17.15 0.06
CA ALA A 9 6.07 -16.09 0.55
C ALA A 9 5.27 -14.83 0.87
N PRO A 10 5.69 -14.11 1.92
CA PRO A 10 5.03 -12.88 2.35
C PRO A 10 5.23 -11.73 1.37
N LYS A 11 4.20 -10.92 1.20
CA LYS A 11 4.26 -9.78 0.29
C LYS A 11 4.87 -8.57 0.97
N ARG A 12 5.67 -7.80 0.23
CA ARG A 12 6.32 -6.62 0.77
C ARG A 12 5.28 -5.65 1.34
N PRO A 13 5.66 -4.98 2.43
CA PRO A 13 4.78 -4.01 3.11
C PRO A 13 4.57 -2.74 2.29
N PRO A 14 3.39 -2.14 2.42
CA PRO A 14 3.04 -0.91 1.70
C PRO A 14 3.82 0.30 2.20
N SER A 15 3.86 1.34 1.38
CA SER A 15 4.57 2.57 1.73
C SER A 15 3.61 3.71 2.02
N GLY A 16 4.02 4.61 2.91
CA GLY A 16 3.18 5.74 3.26
C GLY A 16 2.41 6.29 2.07
N PHE A 17 3.06 6.30 0.91
CA PHE A 17 2.43 6.80 -0.30
C PHE A 17 1.27 5.90 -0.73
N PHE A 18 1.46 4.59 -0.62
CA PHE A 18 0.43 3.63 -0.99
C PHE A 18 -0.71 3.64 0.02
N LEU A 19 -0.38 3.38 1.28
CA LEU A 19 -1.38 3.36 2.34
C LEU A 19 -2.42 4.44 2.13
N PHE A 20 -1.96 5.62 1.70
CA PHE A 20 -2.86 6.74 1.47
C PHE A 20 -3.66 6.54 0.17
N CYS A 21 -2.99 6.01 -0.85
CA CYS A 21 -3.63 5.77 -2.13
C CYS A 21 -4.77 4.77 -1.99
N SER A 22 -4.56 3.74 -1.16
CA SER A 22 -5.56 2.72 -0.94
C SER A 22 -6.72 3.25 -0.08
N GLU A 23 -6.41 4.27 0.72
CA GLU A 23 -7.42 4.88 1.59
C GLU A 23 -8.26 5.90 0.83
N PHE A 24 -7.67 6.47 -0.22
CA PHE A 24 -8.36 7.47 -1.04
C PHE A 24 -9.02 6.81 -2.26
N ARG A 25 -8.58 5.60 -2.58
CA ARG A 25 -9.12 4.87 -3.72
C ARG A 25 -10.64 4.81 -3.65
N PRO A 26 -11.17 4.49 -2.47
CA PRO A 26 -12.62 4.40 -2.24
C PRO A 26 -13.38 5.60 -2.80
N LYS A 27 -12.90 6.80 -2.47
CA LYS A 27 -13.53 8.03 -2.94
C LYS A 27 -13.51 8.10 -4.47
N ILE A 28 -12.33 7.94 -5.05
CA ILE A 28 -12.18 7.99 -6.50
C ILE A 28 -13.13 7.02 -7.18
N LYS A 29 -13.04 5.74 -6.82
CA LYS A 29 -13.89 4.71 -7.39
C LYS A 29 -15.36 4.99 -7.07
N SER A 30 -15.60 5.88 -6.11
CA SER A 30 -16.95 6.23 -5.70
C SER A 30 -17.42 7.51 -6.40
N THR A 31 -16.46 8.33 -6.80
CA THR A 31 -16.76 9.59 -7.48
C THR A 31 -16.93 9.38 -8.98
N ASN A 32 -16.02 8.60 -9.56
CA ASN A 32 -16.06 8.32 -10.99
C ASN A 32 -16.71 6.96 -11.26
N PRO A 33 -17.82 6.96 -12.00
CA PRO A 33 -18.56 5.74 -12.34
C PRO A 33 -17.80 4.87 -13.33
N GLY A 34 -17.10 5.51 -14.27
CA GLY A 34 -16.33 4.78 -15.26
C GLY A 34 -14.87 5.16 -15.26
N ILE A 35 -14.18 4.84 -14.18
CA ILE A 35 -12.75 5.15 -14.06
C ILE A 35 -11.91 3.88 -14.10
N SER A 36 -10.91 3.86 -14.98
CA SER A 36 -10.03 2.71 -15.12
C SER A 36 -8.84 2.82 -14.18
N ILE A 37 -8.39 1.69 -13.65
CA ILE A 37 -7.26 1.66 -12.74
C ILE A 37 -6.20 2.68 -13.14
N GLY A 38 -6.02 2.86 -14.45
CA GLY A 38 -5.04 3.79 -14.95
C GLY A 38 -5.20 5.17 -14.34
N ASP A 39 -6.42 5.70 -14.39
CA ASP A 39 -6.71 7.02 -13.84
C ASP A 39 -6.37 7.07 -12.35
N VAL A 40 -7.07 6.26 -11.57
CA VAL A 40 -6.86 6.21 -10.13
C VAL A 40 -5.38 6.37 -9.80
N ALA A 41 -4.55 5.52 -10.37
CA ALA A 41 -3.11 5.58 -10.14
C ALA A 41 -2.58 6.98 -10.34
N LYS A 42 -2.92 7.59 -11.47
CA LYS A 42 -2.47 8.94 -11.80
C LYS A 42 -2.88 9.91 -10.70
N LYS A 43 -4.19 10.07 -10.50
CA LYS A 43 -4.70 10.97 -9.47
C LYS A 43 -3.96 10.78 -8.15
N LEU A 44 -3.92 9.56 -7.67
CA LEU A 44 -3.23 9.24 -6.42
C LEU A 44 -1.86 9.91 -6.37
N GLY A 45 -1.03 9.61 -7.35
CA GLY A 45 0.30 10.20 -7.40
C GLY A 45 0.30 11.68 -7.09
N GLU A 46 -0.58 12.42 -7.76
CA GLU A 46 -0.68 13.87 -7.56
C GLU A 46 -1.12 14.18 -6.13
N MET A 47 -2.27 13.63 -5.73
CA MET A 47 -2.81 13.85 -4.40
C MET A 47 -1.73 13.66 -3.35
N TRP A 48 -0.89 12.65 -3.53
CA TRP A 48 0.18 12.36 -2.60
C TRP A 48 1.19 13.51 -2.55
N ASN A 49 1.83 13.77 -3.69
CA ASN A 49 2.82 14.84 -3.77
C ASN A 49 2.28 16.13 -3.17
N ASN A 50 0.98 16.34 -3.31
CA ASN A 50 0.33 17.54 -2.77
C ASN A 50 0.45 17.58 -1.26
N LEU A 51 0.22 16.45 -0.61
CA LEU A 51 0.31 16.35 0.84
C LEU A 51 1.60 16.99 1.35
N ASN A 52 1.59 17.40 2.61
CA ASN A 52 2.76 18.02 3.22
C ASN A 52 3.50 17.03 4.11
N ASP A 53 4.78 17.31 4.37
CA ASP A 53 5.60 16.44 5.21
C ASP A 53 4.91 16.17 6.54
N SER A 54 4.03 17.08 6.95
CA SER A 54 3.31 16.94 8.21
C SER A 54 2.12 16.01 8.05
N GLU A 55 1.53 15.99 6.85
CA GLU A 55 0.38 15.15 6.58
C GLU A 55 0.81 13.70 6.35
N LYS A 56 2.00 13.53 5.76
CA LYS A 56 2.52 12.20 5.49
C LYS A 56 3.12 11.57 6.75
N GLN A 57 3.47 12.42 7.72
CA GLN A 57 4.04 11.96 8.98
C GLN A 57 3.28 10.75 9.51
N PRO A 58 1.97 10.94 9.73
CA PRO A 58 1.10 9.87 10.24
C PRO A 58 0.86 8.77 9.22
N TYR A 59 1.31 9.00 8.00
CA TYR A 59 1.15 8.03 6.93
C TYR A 59 2.39 7.17 6.78
N ILE A 60 3.54 7.72 7.18
CA ILE A 60 4.81 7.01 7.10
C ILE A 60 5.02 6.12 8.32
N THR A 61 4.62 6.62 9.48
CA THR A 61 4.77 5.88 10.73
C THR A 61 4.03 4.54 10.66
N LYS A 62 2.80 4.57 10.15
CA LYS A 62 1.99 3.36 10.02
C LYS A 62 2.74 2.29 9.24
N ALA A 63 3.37 2.69 8.14
CA ALA A 63 4.12 1.76 7.31
C ALA A 63 5.23 1.08 8.11
N ALA A 64 5.97 1.88 8.87
CA ALA A 64 7.06 1.35 9.68
C ALA A 64 6.59 0.17 10.54
N LYS A 65 5.34 0.22 10.95
CA LYS A 65 4.76 -0.84 11.78
C LYS A 65 4.54 -2.11 10.96
N LEU A 66 3.96 -1.95 9.77
CA LEU A 66 3.68 -3.08 8.89
C LEU A 66 4.97 -3.85 8.59
N LYS A 67 6.07 -3.12 8.48
CA LYS A 67 7.37 -3.74 8.20
C LYS A 67 7.79 -4.67 9.33
N GLU A 68 7.65 -4.18 10.56
CA GLU A 68 8.02 -4.97 11.73
C GLU A 68 7.51 -6.40 11.61
N LYS A 69 6.21 -6.54 11.32
CA LYS A 69 5.60 -7.85 11.17
C LYS A 69 6.19 -8.60 9.97
N TYR A 70 6.37 -7.89 8.87
CA TYR A 70 6.92 -8.48 7.66
C TYR A 70 8.28 -9.13 7.94
N GLU A 71 9.09 -8.44 8.74
CA GLU A 71 10.42 -8.94 9.08
C GLU A 71 10.32 -10.30 9.78
N LYS A 72 9.33 -10.43 10.65
CA LYS A 72 9.13 -11.68 11.39
C LYS A 72 8.83 -12.84 10.44
N ASP A 73 7.82 -12.67 9.60
CA ASP A 73 7.44 -13.70 8.64
C ASP A 73 8.62 -14.04 7.73
N VAL A 74 9.33 -13.02 7.27
CA VAL A 74 10.47 -13.22 6.40
C VAL A 74 11.57 -14.01 7.10
N ALA A 75 11.75 -13.75 8.39
CA ALA A 75 12.76 -14.43 9.18
C ALA A 75 12.45 -15.92 9.30
N ASP A 76 11.22 -16.23 9.69
CA ASP A 76 10.80 -17.62 9.84
C ASP A 76 10.81 -18.34 8.50
N TYR A 77 10.24 -17.69 7.48
CA TYR A 77 10.18 -18.27 6.15
C TYR A 77 11.55 -18.84 5.73
N LYS A 78 12.57 -18.00 5.77
CA LYS A 78 13.92 -18.41 5.41
C LYS A 78 14.47 -19.41 6.41
N SER A 79 14.76 -18.94 7.62
CA SER A 79 15.29 -19.80 8.68
C SER A 79 16.56 -20.50 8.21
N LYS A 80 17.33 -19.81 7.36
CA LYS A 80 18.58 -20.36 6.85
C LYS A 80 19.66 -20.37 7.92
N GLY A 81 20.40 -21.47 8.01
CA GLY A 81 21.45 -21.58 9.00
C GLY A 81 21.91 -23.01 9.21
#